data_6PRM
#
_entry.id   6PRM
#
_cell.length_a   48.510
_cell.length_b   88.580
_cell.length_c   106.600
_cell.angle_alpha   82.220
_cell.angle_beta   79.850
_cell.angle_gamma   84.200
#
_symmetry.space_group_name_H-M   'P 1'
#
loop_
_entity.id
_entity.type
_entity.pdbx_description
1 polymer 'exo-4S-kappa carrageenan S1 sulfatase'
2 non-polymer 'CALCIUM ION'
3 water water
#
_entity_poly.entity_id   1
_entity_poly.type   'polypeptide(L)'
_entity_poly.pdbx_seq_one_letter_code
;MGSSHHHHHHSSGLVPRGSHMASKPNIVLIFADDAGFGDFGFQGSTQLKTPNLDKLAQSGVRFTQGYVSDSTCGPSRAGL
MTGKYQQRFGYEEINVPGFMSGNSALKGADMGLPLDQKTMGDYLKEQGYKTAVFGKWHLGDADRFHPLKRGFDTFLGFRG
GDRSYFNYSEQEMKNGNKHFFDKKLERDFGNYEEPKEYLTDVLGKEAAKYIEQNKDEPFFIYLAFNAVHTPLESDPKDLA
KFPNLTGKRKELAAMTLGLDRASGYVLDKLKELGLDDNTIVVFSNDNGGPSDKNASNNAPLAGTKSNQLEGGIRVPFLIS
WPKHIKPGSTYDYPVSTLDLLPTFYSAAKGKALGSDIDGVDLLPYIQGENTARPHKVMYWKKENRAVIRDNDWKLIRYPD
RPAELYDLSSDISEQTDLAAKNPERVKTMFKSLFEWELTLERPRWLLKRKYEKYDIDRMDKYRLPATQP
;
_entity_poly.pdbx_strand_id   A,B,C,D
#
loop_
_chem_comp.id
_chem_comp.type
_chem_comp.name
_chem_comp.formula
CA non-polymer 'CALCIUM ION' 'Ca 2'
#
# COMPACT_ATOMS: atom_id res chain seq x y z
N SER A 23 26.92 20.72 50.38
CA SER A 23 25.81 21.55 49.86
C SER A 23 25.26 20.91 48.58
N LYS A 24 23.95 20.66 48.56
CA LYS A 24 23.24 19.80 47.57
C LYS A 24 22.46 20.66 46.59
N PRO A 25 22.49 20.36 45.26
CA PRO A 25 21.82 21.19 44.27
C PRO A 25 20.30 21.11 44.37
N ASN A 26 19.66 22.27 44.24
CA ASN A 26 18.22 22.40 43.96
C ASN A 26 17.92 21.73 42.62
N ILE A 27 16.70 21.21 42.47
CA ILE A 27 16.23 20.53 41.24
C ILE A 27 14.88 21.10 40.84
N VAL A 28 14.77 21.57 39.60
CA VAL A 28 13.47 22.00 39.02
C VAL A 28 13.21 21.18 37.76
N LEU A 29 12.16 20.35 37.81
CA LEU A 29 11.70 19.52 36.68
C LEU A 29 10.48 20.21 36.08
N ILE A 30 10.66 20.93 34.97
CA ILE A 30 9.55 21.58 34.24
C ILE A 30 9.06 20.57 33.19
N PHE A 31 7.79 20.17 33.29
CA PHE A 31 7.21 19.06 32.50
C PHE A 31 5.93 19.58 31.83
N ALA A 32 5.99 19.78 30.52
CA ALA A 32 4.85 20.25 29.71
C ALA A 32 3.94 19.05 29.38
N ASP A 33 2.75 19.34 28.86
CA ASP A 33 1.71 18.33 28.57
C ASP A 33 1.35 18.43 27.08
N ASP A 34 1.47 17.31 26.35
CA ASP A 34 0.99 17.15 24.95
C ASP A 34 1.63 18.19 24.01
N ALA A 35 2.89 18.60 24.25
CA ALA A 35 3.61 19.60 23.43
C ALA A 35 4.16 18.94 22.17
N GLY A 36 4.32 19.74 21.10
CA GLY A 36 4.88 19.28 19.82
C GLY A 36 6.37 19.12 19.93
N PHE A 37 6.93 18.04 19.36
CA PHE A 37 8.38 17.81 19.29
C PHE A 37 9.03 18.99 18.57
N GLY A 38 8.30 19.59 17.63
CA GLY A 38 8.80 20.63 16.71
C GLY A 38 8.35 22.04 17.09
N ASP A 39 7.64 22.20 18.22
CA ASP A 39 6.93 23.46 18.58
C ASP A 39 7.69 24.22 19.69
N PHE A 40 9.02 24.27 19.60
CA PHE A 40 9.92 25.12 20.42
C PHE A 40 11.04 25.67 19.53
N GLY A 41 11.41 26.95 19.72
CA GLY A 41 12.55 27.61 19.03
C GLY A 41 13.78 26.71 18.97
N PHE A 42 14.19 26.14 20.12
CA PHE A 42 15.39 25.27 20.24
C PHE A 42 15.16 23.93 19.54
N GLN A 43 13.92 23.63 19.11
CA GLN A 43 13.57 22.40 18.33
C GLN A 43 13.39 22.75 16.84
N GLY A 44 13.57 24.01 16.46
CA GLY A 44 13.58 24.44 15.05
C GLY A 44 12.24 25.01 14.61
N SER A 45 11.38 25.47 15.52
CA SER A 45 10.09 26.13 15.18
C SER A 45 10.37 27.52 14.57
N THR A 46 9.72 27.84 13.45
CA THR A 46 9.76 29.19 12.81
C THR A 46 8.66 30.05 13.43
N GLN A 47 7.41 29.54 13.44
CA GLN A 47 6.16 30.26 13.83
C GLN A 47 6.10 30.51 15.33
N LEU A 48 6.36 29.49 16.15
CA LEU A 48 6.17 29.56 17.63
C LEU A 48 7.35 30.27 18.29
N LYS A 49 7.10 30.84 19.47
CA LYS A 49 8.06 31.68 20.24
C LYS A 49 8.22 31.07 21.63
N THR A 50 9.44 30.64 21.98
CA THR A 50 9.82 30.09 23.31
C THR A 50 11.14 30.72 23.75
N PRO A 51 11.23 32.06 23.85
CA PRO A 51 12.50 32.72 24.19
C PRO A 51 13.16 32.31 25.52
N ASN A 52 12.38 32.07 26.57
CA ASN A 52 12.92 31.72 27.91
C ASN A 52 13.50 30.29 27.87
N LEU A 53 12.77 29.37 27.25
CA LEU A 53 13.24 27.98 27.06
C LEU A 53 14.39 27.96 26.03
N ASP A 54 14.43 28.89 25.08
CA ASP A 54 15.59 29.02 24.14
C ASP A 54 16.84 29.35 24.96
N LYS A 55 16.74 30.29 25.91
CA LYS A 55 17.88 30.64 26.81
C LYS A 55 18.22 29.41 27.66
N LEU A 56 17.21 28.64 28.10
CA LEU A 56 17.43 27.44 28.95
C LEU A 56 18.27 26.40 28.16
N ALA A 57 17.93 26.17 26.90
CA ALA A 57 18.63 25.26 25.96
C ALA A 57 20.11 25.67 25.81
N GLN A 58 20.36 26.95 25.48
CA GLN A 58 21.71 27.53 25.28
C GLN A 58 22.55 27.47 26.56
N SER A 59 21.93 27.39 27.74
CA SER A 59 22.63 27.44 29.04
C SER A 59 23.12 26.04 29.45
N GLY A 60 22.72 25.00 28.70
CA GLY A 60 22.99 23.60 29.08
C GLY A 60 22.94 22.65 27.90
N VAL A 61 22.50 21.42 28.15
CA VAL A 61 22.54 20.33 27.16
C VAL A 61 21.14 20.10 26.61
N ARG A 62 20.99 20.16 25.28
CA ARG A 62 19.77 19.70 24.57
C ARG A 62 19.98 18.26 24.11
N PHE A 63 19.07 17.36 24.48
CA PHE A 63 19.02 15.96 24.02
C PHE A 63 18.16 15.85 22.75
N THR A 64 18.72 15.27 21.70
CA THR A 64 18.09 15.10 20.37
C THR A 64 17.28 13.77 20.31
N GLN A 65 17.45 12.91 21.31
CA GLN A 65 16.82 11.58 21.38
C GLN A 65 16.41 11.30 22.83
N GLY A 66 15.64 12.22 23.40
CA GLY A 66 15.03 12.09 24.72
C GLY A 66 13.66 11.47 24.58
N TYR A 67 13.38 10.45 25.39
CA TYR A 67 12.12 9.67 25.32
C TYR A 67 11.41 9.73 26.67
N VAL A 68 10.08 9.70 26.60
CA VAL A 68 9.18 9.34 27.73
C VAL A 68 9.01 7.81 27.72
N SER A 69 8.46 7.23 28.80
CA SER A 69 8.27 5.76 28.98
C SER A 69 6.94 5.27 28.39
N ASP A 70 6.08 6.19 27.94
CA ASP A 70 4.81 5.87 27.21
C ASP A 70 4.35 7.08 26.40
N SER A 71 3.56 6.86 25.36
CA SER A 71 3.05 7.97 24.50
C SER A 71 1.69 8.46 25.01
N THR A 72 1.34 8.24 26.29
CA THR A 72 0.18 8.89 26.96
C THR A 72 0.55 9.40 28.37
N CYS A 73 -0.24 10.35 28.89
CA CYS A 73 -0.02 11.18 30.12
C CYS A 73 0.35 10.31 31.34
N GLY A 74 -0.54 9.39 31.71
CA GLY A 74 -0.52 8.71 33.03
C GLY A 74 0.64 7.74 33.16
N PRO A 75 0.75 6.75 32.24
CA PRO A 75 1.86 5.80 32.26
C PRO A 75 3.21 6.52 32.20
N SER A 76 3.27 7.60 31.45
CA SER A 76 4.50 8.43 31.28
C SER A 76 4.92 8.95 32.67
N ARG A 77 4.02 9.69 33.31
CA ARG A 77 4.24 10.31 34.64
C ARG A 77 4.61 9.22 35.67
N ALA A 78 3.95 8.06 35.63
CA ALA A 78 4.27 6.92 36.53
C ALA A 78 5.74 6.53 36.37
N GLY A 79 6.24 6.43 35.14
CA GLY A 79 7.65 6.08 34.88
C GLY A 79 8.57 7.16 35.40
N LEU A 80 8.29 8.42 35.02
CA LEU A 80 9.08 9.60 35.44
C LEU A 80 9.23 9.54 36.96
N MET A 81 8.11 9.40 37.66
CA MET A 81 8.04 9.50 39.13
C MET A 81 8.80 8.36 39.82
N THR A 82 8.98 7.21 39.17
CA THR A 82 9.56 5.99 39.81
C THR A 82 10.93 5.64 39.24
N GLY A 83 11.30 6.10 38.04
CA GLY A 83 12.56 5.68 37.40
C GLY A 83 12.51 4.21 36.98
N LYS A 84 11.29 3.67 36.86
CA LYS A 84 11.00 2.26 36.57
C LYS A 84 10.06 2.17 35.37
N TYR A 85 10.23 1.14 34.53
CA TYR A 85 9.21 0.77 33.52
C TYR A 85 7.90 0.58 34.29
N GLN A 86 6.97 1.52 34.11
CA GLN A 86 5.68 1.62 34.82
C GLN A 86 4.83 0.36 34.59
N GLN A 87 5.07 -0.38 33.51
CA GLN A 87 4.36 -1.65 33.25
C GLN A 87 4.73 -2.71 34.31
N ARG A 88 5.93 -2.65 34.90
CA ARG A 88 6.44 -3.61 35.92
C ARG A 88 5.61 -3.59 37.21
N PHE A 89 4.72 -2.63 37.39
CA PHE A 89 3.77 -2.55 38.53
C PHE A 89 2.36 -2.25 38.01
N GLY A 90 2.08 -2.61 36.76
CA GLY A 90 0.69 -2.76 36.26
C GLY A 90 0.14 -1.47 35.67
N TYR A 91 0.90 -0.38 35.71
CA TYR A 91 0.50 0.98 35.22
C TYR A 91 0.70 1.05 33.69
N GLU A 92 -0.09 0.28 32.94
CA GLU A 92 0.19 0.03 31.49
C GLU A 92 -0.62 0.98 30.60
N GLU A 93 -1.92 1.09 30.85
CA GLU A 93 -2.88 1.87 30.02
C GLU A 93 -3.21 3.15 30.79
N ILE A 94 -3.67 4.21 30.11
CA ILE A 94 -3.92 5.53 30.77
C ILE A 94 -5.12 5.41 31.75
N ASN A 95 -4.96 6.00 32.93
CA ASN A 95 -6.00 6.09 34.00
C ASN A 95 -6.89 7.32 33.73
N VAL A 96 -8.01 7.14 33.02
CA VAL A 96 -9.03 8.22 32.77
C VAL A 96 -10.35 7.77 33.38
N PRO A 97 -10.71 8.30 34.58
CA PRO A 97 -12.01 8.03 35.20
C PRO A 97 -13.15 8.23 34.21
N GLY A 98 -14.04 7.23 34.09
CA GLY A 98 -15.21 7.22 33.18
C GLY A 98 -14.93 6.64 31.81
N PHE A 99 -13.68 6.28 31.50
CA PHE A 99 -13.23 5.78 30.15
C PHE A 99 -12.77 4.31 30.22
N MET A 100 -12.80 3.70 31.40
CA MET A 100 -12.27 2.34 31.65
C MET A 100 -13.37 1.33 31.35
N SER A 101 -12.98 0.11 30.94
CA SER A 101 -13.86 -1.06 30.76
C SER A 101 -14.66 -1.32 32.05
N GLY A 102 -15.95 -1.64 31.91
CA GLY A 102 -16.78 -2.24 32.96
C GLY A 102 -16.14 -3.48 33.58
N ASN A 103 -15.18 -4.13 32.92
CA ASN A 103 -14.48 -5.33 33.45
C ASN A 103 -13.19 -4.93 34.20
N SER A 104 -12.76 -3.67 34.10
CA SER A 104 -11.48 -3.13 34.65
C SER A 104 -11.40 -3.36 36.18
N ALA A 105 -10.25 -3.86 36.65
CA ALA A 105 -9.99 -4.22 38.06
C ALA A 105 -10.18 -3.01 38.98
N LEU A 106 -9.72 -1.83 38.55
CA LEU A 106 -9.86 -0.54 39.30
C LEU A 106 -10.47 0.50 38.36
N LYS A 107 -11.45 1.25 38.84
CA LYS A 107 -12.13 2.37 38.12
C LYS A 107 -12.07 3.61 38.99
N GLY A 108 -12.30 4.78 38.38
CA GLY A 108 -12.33 6.10 39.03
C GLY A 108 -11.12 6.34 39.92
N ALA A 109 -11.36 6.75 41.17
CA ALA A 109 -10.36 7.26 42.13
C ALA A 109 -9.40 6.14 42.57
N ASP A 110 -9.80 4.88 42.41
CA ASP A 110 -9.01 3.68 42.82
C ASP A 110 -7.85 3.44 41.85
N MET A 111 -7.93 3.99 40.63
CA MET A 111 -6.80 4.05 39.65
C MET A 111 -5.77 5.09 40.14
N GLY A 112 -4.54 4.65 40.37
CA GLY A 112 -3.43 5.51 40.82
C GLY A 112 -2.14 4.74 40.89
N LEU A 113 -1.05 5.44 41.20
CA LEU A 113 0.30 4.86 41.30
C LEU A 113 0.32 3.92 42.51
N PRO A 114 0.53 2.59 42.32
CA PRO A 114 0.55 1.68 43.45
C PRO A 114 1.40 2.25 44.60
N LEU A 115 0.93 2.10 45.83
CA LEU A 115 1.45 2.69 47.08
C LEU A 115 2.80 2.07 47.47
N ASP A 116 3.07 0.83 47.05
CA ASP A 116 4.36 0.11 47.29
C ASP A 116 5.49 0.77 46.48
N GLN A 117 5.16 1.63 45.51
CA GLN A 117 6.17 2.37 44.68
C GLN A 117 6.63 3.60 45.45
N LYS A 118 7.94 3.83 45.38
CA LYS A 118 8.69 4.94 45.99
C LYS A 118 8.91 6.00 44.90
N THR A 119 8.41 7.23 45.12
CA THR A 119 8.44 8.33 44.13
C THR A 119 9.76 9.09 44.16
N MET A 120 9.94 9.92 43.15
CA MET A 120 11.03 10.93 43.04
C MET A 120 11.04 11.79 44.31
N GLY A 121 9.86 12.24 44.75
CA GLY A 121 9.63 13.00 46.00
C GLY A 121 10.20 12.29 47.23
N ASP A 122 9.74 11.06 47.48
CA ASP A 122 10.19 10.17 48.59
C ASP A 122 11.73 10.08 48.63
N TYR A 123 12.39 9.84 47.50
CA TYR A 123 13.87 9.69 47.36
C TYR A 123 14.56 10.99 47.78
N LEU A 124 14.03 12.14 47.35
CA LEU A 124 14.67 13.45 47.61
C LEU A 124 14.32 13.92 49.03
N LYS A 125 13.15 13.58 49.59
CA LYS A 125 12.80 13.84 51.02
C LYS A 125 13.80 13.14 51.96
N GLU A 126 14.27 11.93 51.61
CA GLU A 126 15.26 11.14 52.41
C GLU A 126 16.64 11.81 52.39
N GLN A 127 16.95 12.62 51.36
CA GLN A 127 18.20 13.40 51.24
C GLN A 127 18.00 14.80 51.83
N GLY A 128 16.87 15.04 52.49
CA GLY A 128 16.56 16.28 53.21
C GLY A 128 16.14 17.44 52.33
N TYR A 129 15.60 17.17 51.14
CA TYR A 129 15.01 18.20 50.24
C TYR A 129 13.60 18.56 50.72
N LYS A 130 13.26 19.85 50.64
CA LYS A 130 11.85 20.33 50.61
C LYS A 130 11.32 20.08 49.19
N THR A 131 10.15 19.45 49.08
CA THR A 131 9.60 18.91 47.80
C THR A 131 8.25 19.54 47.50
N ALA A 132 7.97 19.86 46.22
CA ALA A 132 6.69 20.46 45.81
C ALA A 132 6.31 20.04 44.39
N VAL A 133 5.01 20.05 44.12
CA VAL A 133 4.47 19.74 42.77
C VAL A 133 3.38 20.78 42.50
N PHE A 134 3.47 21.45 41.35
CA PHE A 134 2.54 22.50 40.89
C PHE A 134 1.89 22.02 39.59
N GLY A 135 0.56 22.06 39.51
CA GLY A 135 -0.20 21.68 38.29
C GLY A 135 -0.62 20.21 38.26
N LYS A 136 -0.43 19.54 37.12
CA LYS A 136 -1.07 18.24 36.77
C LYS A 136 -0.38 17.10 37.52
N TRP A 137 -1.13 16.38 38.35
CA TRP A 137 -0.66 15.19 39.10
C TRP A 137 -0.95 13.93 38.26
N HIS A 138 -2.23 13.53 38.14
CA HIS A 138 -2.74 12.46 37.26
C HIS A 138 -2.19 11.07 37.65
N LEU A 139 -1.78 10.86 38.91
CA LEU A 139 -1.30 9.55 39.41
C LEU A 139 -2.26 9.00 40.48
N GLY A 140 -3.54 9.40 40.40
CA GLY A 140 -4.62 8.91 41.27
C GLY A 140 -5.34 10.05 41.98
N ASP A 141 -6.67 9.95 42.03
CA ASP A 141 -7.62 10.98 42.54
C ASP A 141 -7.96 10.72 44.02
N ALA A 142 -7.97 9.46 44.45
CA ALA A 142 -8.34 9.07 45.84
C ALA A 142 -7.28 9.60 46.81
N ASP A 143 -7.68 9.93 48.03
CA ASP A 143 -6.84 10.64 49.04
C ASP A 143 -5.50 9.91 49.21
N ARG A 144 -5.49 8.57 49.15
CA ARG A 144 -4.24 7.76 49.41
C ARG A 144 -3.22 7.95 48.28
N PHE A 145 -3.65 8.37 47.09
CA PHE A 145 -2.78 8.60 45.90
C PHE A 145 -2.35 10.08 45.82
N HIS A 146 -2.76 10.91 46.78
CA HIS A 146 -2.48 12.38 46.82
C HIS A 146 -0.99 12.65 46.91
N PRO A 147 -0.49 13.71 46.23
CA PRO A 147 0.92 14.08 46.28
C PRO A 147 1.56 14.12 47.68
N LEU A 148 0.81 14.60 48.68
CA LEU A 148 1.36 14.82 50.06
C LEU A 148 1.52 13.47 50.77
N LYS A 149 0.97 12.39 50.19
CA LYS A 149 1.21 11.01 50.67
C LYS A 149 2.38 10.39 49.91
N ARG A 150 2.84 11.02 48.82
CA ARG A 150 3.83 10.42 47.88
C ARG A 150 5.16 11.17 47.90
N GLY A 151 5.50 11.85 49.00
CA GLY A 151 6.83 12.45 49.22
C GLY A 151 6.91 13.93 48.82
N PHE A 152 5.76 14.61 48.69
CA PHE A 152 5.69 16.08 48.43
C PHE A 152 5.15 16.78 49.67
N ASP A 153 5.90 17.77 50.16
CA ASP A 153 5.53 18.58 51.34
C ASP A 153 4.44 19.56 50.91
N THR A 154 4.48 20.01 49.66
CA THR A 154 3.66 21.13 49.12
C THR A 154 2.99 20.73 47.80
N PHE A 155 1.80 21.30 47.53
CA PHE A 155 0.99 21.00 46.33
C PHE A 155 0.13 22.21 45.97
N LEU A 156 0.19 22.63 44.71
CA LEU A 156 -0.88 23.45 44.10
C LEU A 156 -1.12 22.93 42.68
N GLY A 157 -2.19 22.18 42.49
CA GLY A 157 -2.58 21.74 41.15
C GLY A 157 -3.90 21.01 41.20
N PHE A 158 -4.05 20.03 40.32
CA PHE A 158 -5.27 19.18 40.22
C PHE A 158 -4.86 17.72 40.10
N ARG A 159 -5.67 16.84 40.68
CA ARG A 159 -5.42 15.38 40.80
C ARG A 159 -5.59 14.70 39.44
N GLY A 160 -6.49 15.20 38.59
CA GLY A 160 -6.99 14.54 37.36
C GLY A 160 -6.05 14.75 36.19
N GLY A 161 -6.58 14.64 34.97
CA GLY A 161 -5.82 14.64 33.70
C GLY A 161 -5.82 15.97 32.97
N ASP A 162 -6.90 16.77 33.09
CA ASP A 162 -7.04 18.09 32.41
C ASP A 162 -8.08 18.97 33.10
N ARG A 163 -8.03 20.28 32.82
CA ARG A 163 -8.96 21.29 33.37
C ARG A 163 -8.84 22.62 32.62
N SER A 164 -9.81 23.50 32.81
CA SER A 164 -9.81 24.88 32.26
C SER A 164 -8.57 25.64 32.75
N TYR A 165 -8.01 26.50 31.89
CA TYR A 165 -6.88 27.40 32.19
C TYR A 165 -7.38 28.67 32.90
N PHE A 166 -8.70 28.77 33.09
CA PHE A 166 -9.36 29.83 33.89
C PHE A 166 -10.20 29.18 34.99
N ASN A 167 -10.71 30.01 35.91
CA ASN A 167 -11.52 29.56 37.07
C ASN A 167 -12.81 28.90 36.55
N TYR A 168 -13.32 27.91 37.28
CA TYR A 168 -14.67 27.32 37.10
C TYR A 168 -15.68 28.11 37.96
N SER A 169 -16.87 28.38 37.42
CA SER A 169 -17.99 29.05 38.13
C SER A 169 -18.45 28.17 39.29
N GLU A 170 -19.17 28.74 40.27
CA GLU A 170 -19.90 27.96 41.31
C GLU A 170 -20.87 27.00 40.61
N GLN A 171 -21.54 27.47 39.55
CA GLN A 171 -22.49 26.72 38.69
C GLN A 171 -21.84 25.41 38.19
N GLU A 172 -20.77 25.52 37.41
CA GLU A 172 -20.07 24.38 36.75
C GLU A 172 -19.56 23.37 37.78
N MET A 173 -19.12 23.84 38.95
CA MET A 173 -18.53 23.00 40.02
C MET A 173 -19.64 22.19 40.69
N LYS A 174 -20.81 22.79 40.91
CA LYS A 174 -22.00 22.15 41.55
C LYS A 174 -22.64 21.16 40.58
N ASN A 175 -22.71 21.51 39.28
CA ASN A 175 -23.34 20.69 38.21
C ASN A 175 -22.28 19.93 37.43
N GLY A 176 -21.41 19.19 38.12
CA GLY A 176 -20.37 18.33 37.53
C GLY A 176 -20.55 16.86 37.88
N ASN A 177 -20.13 15.95 37.00
CA ASN A 177 -20.25 14.48 37.19
C ASN A 177 -19.31 14.05 38.32
N LYS A 178 -19.35 12.75 38.69
CA LYS A 178 -18.72 12.20 39.93
C LYS A 178 -17.19 12.41 39.90
N HIS A 179 -16.61 12.54 38.69
CA HIS A 179 -15.14 12.57 38.44
C HIS A 179 -14.61 14.01 38.25
N PHE A 180 -15.48 15.02 38.34
CA PHE A 180 -15.13 16.45 38.07
C PHE A 180 -14.31 17.05 39.22
N PHE A 181 -14.34 16.46 40.42
CA PHE A 181 -13.60 16.93 41.62
C PHE A 181 -12.09 16.88 41.40
N ASP A 182 -11.61 16.06 40.44
CA ASP A 182 -10.17 15.89 40.15
C ASP A 182 -9.65 17.05 39.30
N LYS A 183 -10.54 17.81 38.65
CA LYS A 183 -10.20 18.93 37.75
C LYS A 183 -10.07 20.24 38.54
N LYS A 184 -10.42 20.26 39.84
CA LYS A 184 -10.52 21.50 40.68
C LYS A 184 -9.16 21.82 41.29
N LEU A 185 -8.77 23.09 41.28
CA LEU A 185 -7.42 23.52 41.76
C LEU A 185 -7.35 23.42 43.29
N GLU A 186 -6.23 22.91 43.78
CA GLU A 186 -6.07 22.40 45.16
C GLU A 186 -4.73 22.89 45.73
N ARG A 187 -4.76 23.47 46.93
CA ARG A 187 -3.55 23.76 47.73
C ARG A 187 -3.41 22.67 48.79
N ASP A 188 -2.22 22.07 48.92
CA ASP A 188 -1.94 20.97 49.87
C ASP A 188 -3.17 20.05 49.90
N PHE A 189 -3.65 19.62 51.08
CA PHE A 189 -4.60 18.48 51.20
C PHE A 189 -6.05 18.96 51.36
N GLY A 190 -6.71 19.23 50.23
CA GLY A 190 -8.18 19.41 50.16
C GLY A 190 -8.58 20.87 50.35
N ASN A 191 -7.66 21.82 50.16
CA ASN A 191 -7.95 23.27 50.18
C ASN A 191 -8.27 23.70 48.75
N TYR A 192 -9.52 23.53 48.33
CA TYR A 192 -9.97 23.77 46.95
C TYR A 192 -10.21 25.26 46.75
N GLU A 193 -9.34 25.91 45.97
CA GLU A 193 -9.44 27.32 45.52
C GLU A 193 -9.11 27.40 44.02
N GLU A 194 -9.90 28.18 43.27
CA GLU A 194 -9.76 28.31 41.80
C GLU A 194 -8.74 29.39 41.49
N PRO A 195 -8.05 29.30 40.33
CA PRO A 195 -7.03 30.28 39.98
C PRO A 195 -7.70 31.64 39.72
N LYS A 196 -7.01 32.72 40.08
CA LYS A 196 -7.50 34.12 40.01
C LYS A 196 -7.09 34.75 38.68
N GLU A 197 -6.61 33.95 37.73
CA GLU A 197 -5.65 34.33 36.66
C GLU A 197 -5.38 33.10 35.80
N TYR A 198 -4.91 33.28 34.55
CA TYR A 198 -4.54 32.18 33.63
C TYR A 198 -3.73 31.14 34.41
N LEU A 199 -4.18 29.89 34.39
CA LEU A 199 -3.61 28.81 35.24
C LEU A 199 -2.09 28.70 35.02
N THR A 200 -1.62 28.76 33.78
CA THR A 200 -0.18 28.63 33.43
C THR A 200 0.61 29.71 34.20
N ASP A 201 0.09 30.93 34.27
CA ASP A 201 0.76 32.07 34.96
C ASP A 201 0.71 31.81 36.47
N VAL A 202 -0.41 31.32 37.00
CA VAL A 202 -0.56 31.00 38.45
C VAL A 202 0.44 29.90 38.83
N LEU A 203 0.62 28.90 37.98
CA LEU A 203 1.52 27.76 38.29
C LEU A 203 2.97 28.28 38.34
N GLY A 204 3.40 29.02 37.33
CA GLY A 204 4.76 29.60 37.28
C GLY A 204 5.03 30.43 38.54
N LYS A 205 4.11 31.33 38.89
CA LYS A 205 4.30 32.35 39.96
C LYS A 205 4.30 31.69 41.34
N GLU A 206 3.62 30.55 41.48
CA GLU A 206 3.61 29.80 42.76
C GLU A 206 4.91 29.02 42.89
N ALA A 207 5.44 28.46 41.79
CA ALA A 207 6.78 27.84 41.76
C ALA A 207 7.83 28.89 42.21
N ALA A 208 7.70 30.14 41.74
CA ALA A 208 8.65 31.24 42.04
C ALA A 208 8.56 31.60 43.52
N LYS A 209 7.35 31.81 44.04
CA LYS A 209 7.12 32.06 45.48
C LYS A 209 7.81 30.96 46.30
N TYR A 210 7.60 29.70 45.91
CA TYR A 210 8.08 28.51 46.67
C TYR A 210 9.61 28.49 46.66
N ILE A 211 10.23 28.80 45.53
CA ILE A 211 11.71 28.93 45.42
C ILE A 211 12.18 30.01 46.42
N GLU A 212 11.54 31.18 46.44
CA GLU A 212 11.99 32.28 47.33
C GLU A 212 11.78 31.89 48.80
N GLN A 213 10.64 31.28 49.11
CA GLN A 213 10.29 30.87 50.50
C GLN A 213 11.28 29.78 51.00
N ASN A 214 11.90 29.02 50.09
CA ASN A 214 12.80 27.89 50.43
C ASN A 214 14.21 28.11 49.87
N LYS A 215 14.65 29.36 49.75
CA LYS A 215 15.96 29.74 49.13
C LYS A 215 17.15 29.20 49.94
N ASP A 216 16.95 28.80 51.21
CA ASP A 216 18.03 28.52 52.20
C ASP A 216 18.34 27.03 52.30
N GLU A 217 17.31 26.18 52.22
CA GLU A 217 17.42 24.70 52.24
C GLU A 217 17.50 24.25 50.79
N PRO A 218 17.94 23.00 50.50
CA PRO A 218 17.76 22.42 49.15
C PRO A 218 16.28 22.15 48.88
N PHE A 219 15.79 22.42 47.66
CA PHE A 219 14.39 22.16 47.25
C PHE A 219 14.35 21.35 45.94
N PHE A 220 13.24 20.61 45.76
CA PHE A 220 12.85 19.88 44.53
C PHE A 220 11.44 20.31 44.11
N ILE A 221 11.31 20.90 42.93
CA ILE A 221 10.01 21.31 42.35
C ILE A 221 9.74 20.51 41.08
N TYR A 222 8.70 19.68 41.10
CA TYR A 222 8.02 19.10 39.91
C TYR A 222 6.98 20.12 39.44
N LEU A 223 7.29 20.85 38.38
CA LEU A 223 6.36 21.86 37.78
C LEU A 223 5.70 21.23 36.56
N ALA A 224 4.52 20.63 36.78
CA ALA A 224 3.74 19.90 35.74
C ALA A 224 2.64 20.82 35.21
N PHE A 225 3.01 21.66 34.24
CA PHE A 225 2.06 22.52 33.48
C PHE A 225 1.06 21.60 32.79
N ASN A 226 -0.24 21.92 32.87
CA ASN A 226 -1.32 21.30 32.04
C ASN A 226 -1.16 21.81 30.61
N ALA A 227 -0.49 22.95 30.41
CA ALA A 227 -0.08 23.45 29.07
C ALA A 227 0.79 22.39 28.40
N VAL A 228 0.51 22.03 27.15
CA VAL A 228 -0.46 22.66 26.26
C VAL A 228 -1.58 21.66 25.96
N HIS A 229 -1.99 20.90 26.97
CA HIS A 229 -3.13 19.96 26.87
C HIS A 229 -4.39 20.78 26.57
N THR A 230 -5.33 20.19 25.84
CA THR A 230 -6.72 20.72 25.75
C THR A 230 -7.23 20.90 27.18
N PRO A 231 -8.25 21.74 27.41
CA PRO A 231 -8.88 22.53 26.35
C PRO A 231 -8.00 23.70 25.86
N LEU A 232 -8.17 24.09 24.59
CA LEU A 232 -7.45 25.22 23.94
C LEU A 232 -7.95 26.57 24.49
N GLU A 233 -7.25 27.13 25.47
CA GLU A 233 -7.63 28.34 26.23
C GLU A 233 -6.37 29.19 26.45
N SER A 234 -6.41 30.49 26.11
CA SER A 234 -5.22 31.38 26.19
C SER A 234 -5.57 32.73 26.81
N ASP A 235 -4.56 33.40 27.35
CA ASP A 235 -4.55 34.86 27.57
C ASP A 235 -4.90 35.54 26.24
N PRO A 236 -5.93 36.43 26.19
CA PRO A 236 -6.14 37.30 25.03
C PRO A 236 -4.87 38.06 24.63
N LYS A 237 -4.04 38.45 25.62
CA LYS A 237 -2.71 39.09 25.42
C LYS A 237 -1.84 38.23 24.49
N ASP A 238 -1.89 36.90 24.62
CA ASP A 238 -1.00 35.97 23.86
C ASP A 238 -1.51 35.82 22.42
N LEU A 239 -2.83 35.83 22.23
CA LEU A 239 -3.50 35.62 20.92
C LEU A 239 -3.17 36.74 19.95
N ALA A 240 -3.11 37.97 20.45
CA ALA A 240 -2.84 39.20 19.66
C ALA A 240 -1.42 39.16 19.09
N LYS A 241 -0.53 38.32 19.65
CA LYS A 241 0.90 38.22 19.26
C LYS A 241 1.04 37.28 18.04
N PHE A 242 -0.03 36.56 17.67
CA PHE A 242 -0.03 35.59 16.53
C PHE A 242 -1.21 35.89 15.60
N PRO A 243 -1.27 37.09 14.98
CA PRO A 243 -2.40 37.42 14.12
C PRO A 243 -2.42 36.55 12.85
N ASN A 244 -1.23 36.21 12.34
CA ASN A 244 -0.99 35.38 11.14
C ASN A 244 -1.53 33.96 11.28
N LEU A 245 -1.55 33.42 12.51
CA LEU A 245 -1.97 32.03 12.79
C LEU A 245 -3.49 32.02 12.92
N THR A 246 -4.11 30.84 12.84
CA THR A 246 -5.57 30.64 12.68
C THR A 246 -6.01 29.37 13.43
N GLY A 247 -7.23 29.37 14.00
CA GLY A 247 -7.85 28.21 14.66
C GLY A 247 -6.97 27.65 15.78
N LYS A 248 -6.91 26.33 15.88
CA LYS A 248 -6.25 25.55 16.95
C LYS A 248 -4.74 25.88 17.00
N ARG A 249 -4.13 26.22 15.86
CA ARG A 249 -2.69 26.61 15.77
C ARG A 249 -2.47 27.96 16.47
N LYS A 250 -3.35 28.94 16.24
CA LYS A 250 -3.30 30.27 16.92
C LYS A 250 -3.33 30.06 18.44
N GLU A 251 -4.14 29.11 18.91
CA GLU A 251 -4.33 28.87 20.37
C GLU A 251 -3.14 28.10 20.95
N LEU A 252 -2.59 27.14 20.22
CA LEU A 252 -1.36 26.41 20.61
C LEU A 252 -0.22 27.40 20.83
N ALA A 253 -0.03 28.34 19.88
CA ALA A 253 1.08 29.32 19.89
C ALA A 253 0.97 30.20 21.15
N ALA A 254 -0.25 30.70 21.40
CA ALA A 254 -0.59 31.55 22.56
C ALA A 254 -0.26 30.80 23.87
N MET A 255 -0.73 29.56 24.00
CA MET A 255 -0.53 28.70 25.19
C MET A 255 0.96 28.39 25.35
N THR A 256 1.66 28.15 24.25
CA THR A 256 3.12 27.87 24.22
C THR A 256 3.88 29.08 24.76
N LEU A 257 3.63 30.27 24.18
CA LEU A 257 4.19 31.56 24.66
C LEU A 257 3.92 31.67 26.17
N GLY A 258 2.69 31.35 26.58
CA GLY A 258 2.25 31.25 28.00
C GLY A 258 3.16 30.36 28.82
N LEU A 259 3.36 29.10 28.38
CA LEU A 259 4.26 28.13 29.04
C LEU A 259 5.67 28.74 29.15
N ASP A 260 6.13 29.42 28.08
CA ASP A 260 7.48 30.04 28.02
C ASP A 260 7.59 31.19 29.03
N ARG A 261 6.54 32.00 29.19
CA ARG A 261 6.55 33.12 30.16
C ARG A 261 6.60 32.55 31.57
N ALA A 262 5.71 31.59 31.89
CA ALA A 262 5.54 30.97 33.23
C ALA A 262 6.83 30.25 33.63
N SER A 263 7.47 29.57 32.67
CA SER A 263 8.82 28.99 32.83
C SER A 263 9.83 30.11 33.17
N GLY A 264 9.78 31.23 32.44
CA GLY A 264 10.59 32.44 32.68
C GLY A 264 10.55 32.91 34.13
N TYR A 265 9.36 33.03 34.73
CA TYR A 265 9.20 33.40 36.17
C TYR A 265 10.15 32.56 37.05
N VAL A 266 10.16 31.25 36.81
CA VAL A 266 10.99 30.30 37.61
C VAL A 266 12.46 30.60 37.33
N LEU A 267 12.87 30.68 36.05
CA LEU A 267 14.30 30.79 35.67
C LEU A 267 14.87 32.13 36.16
N ASP A 268 14.09 33.20 36.06
CA ASP A 268 14.48 34.57 36.49
C ASP A 268 14.69 34.60 38.01
N LYS A 269 13.76 34.01 38.77
CA LYS A 269 13.80 33.92 40.25
C LYS A 269 15.11 33.26 40.71
N LEU A 270 15.50 32.15 40.07
CA LEU A 270 16.76 31.42 40.39
C LEU A 270 17.96 32.35 40.18
N LYS A 271 17.98 33.07 39.05
CA LYS A 271 19.00 34.10 38.70
C LYS A 271 18.97 35.18 39.80
N GLU A 272 17.81 35.82 39.96
CA GLU A 272 17.52 36.90 40.95
C GLU A 272 18.09 36.55 42.34
N LEU A 273 18.02 35.29 42.79
CA LEU A 273 18.41 34.87 44.17
C LEU A 273 19.78 34.21 44.18
N GLY A 274 20.49 34.17 43.05
CA GLY A 274 21.83 33.59 42.92
C GLY A 274 21.81 32.09 43.21
N LEU A 275 20.73 31.41 42.84
CA LEU A 275 20.56 29.94 43.04
C LEU A 275 20.92 29.20 41.75
N ASP A 276 20.96 29.90 40.59
CA ASP A 276 21.19 29.32 39.24
C ASP A 276 22.54 28.57 39.18
N ASP A 277 23.53 29.01 39.96
CA ASP A 277 24.89 28.39 40.07
C ASP A 277 24.73 26.92 40.52
N ASN A 278 23.90 26.67 41.52
CA ASN A 278 23.77 25.35 42.19
C ASN A 278 22.30 24.90 42.12
N THR A 279 21.74 24.89 40.91
CA THR A 279 20.36 24.43 40.62
C THR A 279 20.34 23.66 39.30
N ILE A 280 19.89 22.40 39.33
CA ILE A 280 19.59 21.60 38.10
C ILE A 280 18.20 22.01 37.62
N VAL A 281 18.08 22.42 36.35
CA VAL A 281 16.77 22.71 35.69
C VAL A 281 16.60 21.75 34.50
N VAL A 282 15.51 21.00 34.52
CA VAL A 282 15.15 20.03 33.44
C VAL A 282 13.83 20.51 32.83
N PHE A 283 13.83 20.73 31.53
CA PHE A 283 12.60 20.91 30.73
C PHE A 283 12.37 19.62 29.93
N SER A 284 11.15 19.11 29.97
CA SER A 284 10.68 18.02 29.09
C SER A 284 9.16 18.05 28.96
N ASN A 285 8.58 16.93 28.53
CA ASN A 285 7.22 16.81 27.95
C ASN A 285 6.80 15.37 28.22
N ASP A 286 5.53 15.13 28.60
CA ASP A 286 5.07 13.83 29.14
C ASP A 286 4.84 12.84 27.99
N ASN A 287 4.49 13.33 26.79
CA ASN A 287 4.33 12.51 25.56
C ASN A 287 4.36 13.40 24.33
N GLY A 288 4.43 12.79 23.15
CA GLY A 288 4.38 13.50 21.85
C GLY A 288 3.04 14.18 21.67
N GLY A 289 2.96 15.11 20.74
CA GLY A 289 1.82 16.03 20.60
C GLY A 289 0.61 15.37 19.93
N PRO A 290 -0.61 15.52 20.49
CA PRO A 290 -1.82 15.03 19.83
C PRO A 290 -2.23 16.08 18.79
N SER A 291 -1.60 16.03 17.61
CA SER A 291 -1.70 17.03 16.51
C SER A 291 -3.15 17.34 16.09
N ASP A 292 -4.09 16.39 16.22
CA ASP A 292 -5.49 16.57 15.76
C ASP A 292 -6.34 17.29 16.83
N LYS A 293 -5.93 17.24 18.10
CA LYS A 293 -6.67 17.91 19.21
C LYS A 293 -6.10 19.32 19.52
N ASN A 294 -4.78 19.55 19.51
CA ASN A 294 -4.18 20.84 19.93
C ASN A 294 -3.27 21.42 18.83
N ALA A 295 -3.36 20.95 17.59
CA ALA A 295 -2.56 21.42 16.43
C ALA A 295 -1.05 21.43 16.70
N SER A 296 -0.56 20.59 17.62
CA SER A 296 0.90 20.38 17.84
C SER A 296 1.47 19.69 16.61
N ASN A 297 2.77 19.78 16.46
CA ASN A 297 3.51 19.44 15.23
C ASN A 297 4.79 18.78 15.69
N ASN A 298 4.98 17.51 15.36
CA ASN A 298 6.08 16.69 15.92
C ASN A 298 7.26 16.67 14.93
N ALA A 299 7.30 17.60 13.99
CA ALA A 299 8.34 17.72 12.94
C ALA A 299 9.72 17.51 13.56
N PRO A 300 10.65 16.76 12.92
CA PRO A 300 10.40 16.04 11.66
C PRO A 300 9.94 14.58 11.84
N LEU A 301 9.24 14.30 12.93
CA LEU A 301 8.82 12.92 13.29
C LEU A 301 7.42 12.62 12.77
N ALA A 302 7.17 11.34 12.48
CA ALA A 302 5.85 10.77 12.16
C ALA A 302 5.12 10.55 13.49
N GLY A 303 3.79 10.58 13.46
CA GLY A 303 2.96 10.09 14.57
C GLY A 303 2.69 11.15 15.62
N THR A 304 2.06 10.77 16.71
CA THR A 304 1.45 11.68 17.71
C THR A 304 1.35 10.96 19.05
N LYS A 305 0.82 11.66 20.06
CA LYS A 305 0.27 11.05 21.30
C LYS A 305 -0.42 9.72 20.97
N SER A 306 -0.14 8.70 21.78
CA SER A 306 -0.89 7.44 21.94
C SER A 306 -0.53 6.45 20.83
N ASN A 307 0.47 6.78 20.00
CA ASN A 307 1.16 5.78 19.15
C ASN A 307 2.66 5.81 19.49
N GLN A 308 3.40 4.82 19.01
CA GLN A 308 4.77 4.51 19.48
C GLN A 308 5.78 4.72 18.35
N LEU A 309 5.33 5.34 17.27
CA LEU A 309 6.22 6.06 16.32
C LEU A 309 6.96 7.15 17.10
N GLU A 310 8.06 7.67 16.54
CA GLU A 310 8.99 8.57 17.27
C GLU A 310 8.17 9.76 17.77
N GLY A 311 7.22 10.22 16.95
CA GLY A 311 6.30 11.35 17.25
C GLY A 311 5.53 11.17 18.54
N GLY A 312 5.33 9.95 19.02
CA GLY A 312 4.59 9.69 20.27
C GLY A 312 5.50 9.70 21.49
N ILE A 313 6.70 9.13 21.35
CA ILE A 313 7.58 8.75 22.50
C ILE A 313 8.80 9.68 22.61
N ARG A 314 9.14 10.41 21.55
CA ARG A 314 10.33 11.28 21.53
C ARG A 314 9.90 12.71 21.85
N VAL A 315 10.58 13.35 22.79
CA VAL A 315 10.12 14.61 23.42
C VAL A 315 11.29 15.58 23.51
N PRO A 316 10.99 16.89 23.52
CA PRO A 316 11.98 17.91 23.84
C PRO A 316 12.51 17.60 25.24
N PHE A 317 13.81 17.80 25.44
CA PHE A 317 14.53 17.30 26.64
C PHE A 317 15.76 18.20 26.84
N LEU A 318 15.73 19.04 27.88
CA LEU A 318 16.85 19.92 28.27
C LEU A 318 17.28 19.57 29.68
N ILE A 319 18.58 19.65 29.95
CA ILE A 319 19.14 19.69 31.33
C ILE A 319 20.12 20.86 31.36
N SER A 320 19.89 21.81 32.27
CA SER A 320 20.83 22.92 32.57
C SER A 320 21.34 22.78 34.00
N TRP A 321 22.67 22.81 34.18
CA TRP A 321 23.33 22.86 35.50
C TRP A 321 24.61 23.70 35.39
N PRO A 322 24.50 25.05 35.49
CA PRO A 322 25.66 25.93 35.34
C PRO A 322 26.88 25.51 36.20
N LYS A 323 28.08 25.52 35.62
CA LYS A 323 29.36 25.17 36.29
C LYS A 323 29.62 23.67 36.19
N HIS A 324 28.61 22.90 35.76
CA HIS A 324 28.60 21.40 35.76
C HIS A 324 28.37 20.85 34.34
N ILE A 325 27.46 21.44 33.55
CA ILE A 325 27.19 21.03 32.14
C ILE A 325 27.58 22.18 31.22
N LYS A 326 28.41 21.90 30.19
CA LYS A 326 28.92 22.94 29.25
C LYS A 326 27.72 23.59 28.58
N PRO A 327 27.57 24.94 28.57
CA PRO A 327 26.48 25.58 27.82
C PRO A 327 26.54 25.32 26.30
N GLY A 328 25.38 25.27 25.65
CA GLY A 328 25.17 25.15 24.20
C GLY A 328 25.55 23.78 23.64
N SER A 329 25.47 22.70 24.43
CA SER A 329 25.88 21.34 24.01
C SER A 329 24.65 20.49 23.65
N THR A 330 24.82 19.60 22.69
CA THR A 330 23.83 18.57 22.28
C THR A 330 24.36 17.22 22.77
N TYR A 331 23.47 16.29 23.14
CA TYR A 331 23.80 14.86 23.42
C TYR A 331 22.86 13.99 22.58
N ASP A 332 23.44 13.15 21.72
CA ASP A 332 22.75 12.52 20.57
C ASP A 332 22.28 11.09 20.92
N TYR A 333 22.81 10.49 21.99
CA TYR A 333 22.50 9.08 22.34
C TYR A 333 21.14 9.06 23.03
N PRO A 334 20.30 8.03 22.79
CA PRO A 334 18.98 7.93 23.43
C PRO A 334 19.08 8.06 24.96
N VAL A 335 18.13 8.80 25.54
CA VAL A 335 17.95 8.94 27.02
C VAL A 335 16.44 8.86 27.28
N SER A 336 16.06 8.64 28.55
CA SER A 336 14.65 8.39 28.97
C SER A 336 14.31 9.33 30.12
N THR A 337 13.04 9.69 30.25
CA THR A 337 12.53 10.34 31.48
C THR A 337 12.86 9.46 32.69
N LEU A 338 12.91 8.13 32.49
CA LEU A 338 13.19 7.13 33.55
C LEU A 338 14.54 7.41 34.22
N ASP A 339 15.47 8.03 33.50
CA ASP A 339 16.84 8.34 34.00
C ASP A 339 16.80 9.45 35.06
N LEU A 340 15.73 10.25 35.11
CA LEU A 340 15.74 11.51 35.91
C LEU A 340 15.74 11.17 37.40
N LEU A 341 15.06 10.12 37.86
CA LEU A 341 15.06 9.78 39.31
C LEU A 341 16.50 9.48 39.76
N PRO A 342 17.22 8.55 39.13
CA PRO A 342 18.58 8.24 39.57
C PRO A 342 19.55 9.41 39.35
N THR A 343 19.41 10.17 38.25
CA THR A 343 20.23 11.37 37.96
C THR A 343 20.08 12.40 39.09
N PHE A 344 18.84 12.76 39.42
CA PHE A 344 18.49 13.72 40.50
C PHE A 344 19.04 13.23 41.83
N TYR A 345 18.75 11.97 42.17
CA TYR A 345 19.13 11.31 43.45
C TYR A 345 20.65 11.31 43.62
N SER A 346 21.39 10.93 42.58
CA SER A 346 22.88 10.90 42.55
C SER A 346 23.42 12.33 42.76
N ALA A 347 22.79 13.34 42.16
CA ALA A 347 23.21 14.77 42.28
C ALA A 347 22.90 15.29 43.68
N ALA A 348 21.83 14.80 44.30
CA ALA A 348 21.49 15.06 45.72
C ALA A 348 22.33 14.16 46.64
N LYS A 349 23.44 13.60 46.15
CA LYS A 349 24.40 12.77 46.93
C LYS A 349 23.67 11.60 47.62
N GLY A 350 22.76 10.93 46.90
CA GLY A 350 22.00 9.77 47.41
C GLY A 350 22.79 8.47 47.34
N LYS A 351 22.66 7.62 48.38
CA LYS A 351 23.50 6.42 48.63
C LYS A 351 22.66 5.13 48.57
N ALA A 352 21.37 5.16 48.92
CA ALA A 352 20.49 3.98 49.09
C ALA A 352 19.47 3.85 47.94
N LEU A 353 19.94 3.75 46.70
CA LEU A 353 19.10 3.63 45.48
C LEU A 353 18.54 2.21 45.36
N GLY A 354 17.21 2.06 45.29
CA GLY A 354 16.53 0.77 45.02
C GLY A 354 17.15 0.06 43.84
N SER A 355 17.12 -1.28 43.85
CA SER A 355 17.70 -2.19 42.82
C SER A 355 16.72 -2.38 41.65
N ASP A 356 15.45 -2.00 41.87
CA ASP A 356 14.32 -2.15 40.92
C ASP A 356 14.29 -0.97 39.94
N ILE A 357 15.33 -0.11 39.87
CA ILE A 357 15.35 1.17 39.10
C ILE A 357 15.94 0.92 37.70
N ASP A 358 15.21 1.30 36.64
CA ASP A 358 15.56 1.01 35.23
C ASP A 358 16.37 2.17 34.64
N GLY A 359 16.18 3.40 35.14
CA GLY A 359 16.97 4.57 34.69
C GLY A 359 18.43 4.52 35.14
N VAL A 360 19.32 5.22 34.42
CA VAL A 360 20.74 5.42 34.81
C VAL A 360 21.00 6.90 35.16
N ASP A 361 22.03 7.16 35.98
CA ASP A 361 22.53 8.53 36.28
C ASP A 361 23.19 9.06 35.00
N LEU A 362 22.66 10.18 34.47
CA LEU A 362 23.01 10.72 33.13
C LEU A 362 24.30 11.56 33.22
N LEU A 363 24.65 12.02 34.43
CA LEU A 363 25.74 13.00 34.68
C LEU A 363 27.07 12.49 34.12
N PRO A 364 27.55 11.27 34.48
CA PRO A 364 28.78 10.74 33.87
C PRO A 364 28.77 10.73 32.33
N TYR A 365 27.61 10.57 31.70
CA TYR A 365 27.47 10.45 30.23
C TYR A 365 27.50 11.83 29.59
N ILE A 366 26.79 12.78 30.19
CA ILE A 366 26.73 14.21 29.74
C ILE A 366 28.14 14.82 29.74
N GLN A 367 28.91 14.54 30.80
CA GLN A 367 30.21 15.18 31.13
C GLN A 367 31.35 14.54 30.32
N GLY A 368 31.12 13.34 29.77
CA GLY A 368 32.10 12.59 28.96
C GLY A 368 32.87 11.54 29.74
N GLU A 369 32.62 11.39 31.05
CA GLU A 369 33.32 10.41 31.92
C GLU A 369 32.96 8.97 31.50
N ASN A 370 31.76 8.75 30.96
CA ASN A 370 31.32 7.50 30.30
C ASN A 370 30.93 7.83 28.86
N THR A 371 31.59 7.19 27.89
CA THR A 371 31.41 7.43 26.43
C THR A 371 30.47 6.39 25.84
N ALA A 372 30.03 5.42 26.64
CA ALA A 372 29.09 4.36 26.22
C ALA A 372 27.70 4.98 26.10
N ARG A 373 26.83 4.38 25.29
CA ARG A 373 25.38 4.68 25.30
C ARG A 373 24.85 4.36 26.68
N PRO A 374 24.00 5.22 27.26
CA PRO A 374 23.43 4.96 28.59
C PRO A 374 22.32 3.90 28.56
N HIS A 375 21.84 3.58 27.36
CA HIS A 375 20.78 2.59 27.04
C HIS A 375 21.05 1.93 25.68
N LYS A 376 21.39 0.64 25.66
CA LYS A 376 21.50 -0.16 24.42
C LYS A 376 20.09 -0.52 23.94
N VAL A 377 19.31 -1.09 24.83
CA VAL A 377 17.96 -1.67 24.57
C VAL A 377 16.94 -0.84 25.36
N MET A 378 15.92 -0.30 24.70
CA MET A 378 14.79 0.42 25.32
C MET A 378 13.48 -0.20 24.82
N TYR A 379 12.41 -0.12 25.62
CA TYR A 379 11.11 -0.79 25.34
C TYR A 379 9.93 0.14 25.58
N TRP A 380 8.85 -0.10 24.85
CA TRP A 380 7.52 0.51 25.09
C TRP A 380 6.47 -0.55 24.92
N LYS A 381 5.35 -0.42 25.63
CA LYS A 381 4.24 -1.40 25.55
C LYS A 381 2.96 -0.76 26.08
N LYS A 382 1.92 -0.86 25.28
CA LYS A 382 0.51 -0.69 25.70
C LYS A 382 -0.25 -1.84 25.05
N GLU A 383 -0.50 -2.90 25.81
CA GLU A 383 -1.27 -4.07 25.31
C GLU A 383 -0.50 -4.65 24.11
N ASN A 384 -1.10 -4.71 22.92
CA ASN A 384 -0.51 -5.42 21.75
C ASN A 384 0.51 -4.50 21.06
N ARG A 385 0.35 -3.18 21.20
CA ARG A 385 1.30 -2.18 20.64
C ARG A 385 2.53 -2.10 21.55
N ALA A 386 3.70 -2.41 21.00
CA ALA A 386 4.96 -2.51 21.76
C ALA A 386 6.13 -2.16 20.84
N VAL A 387 7.24 -1.69 21.43
CA VAL A 387 8.47 -1.31 20.69
C VAL A 387 9.67 -1.88 21.42
N ILE A 388 10.64 -2.36 20.66
CA ILE A 388 12.03 -2.57 21.15
C ILE A 388 12.97 -1.77 20.24
N ARG A 389 13.78 -0.93 20.87
CA ARG A 389 14.93 -0.26 20.23
C ARG A 389 16.20 -0.92 20.75
N ASP A 390 17.06 -1.34 19.83
CA ASP A 390 18.39 -1.97 20.10
C ASP A 390 19.39 -1.13 19.33
N ASN A 391 20.07 -0.21 20.02
CA ASN A 391 20.93 0.82 19.39
C ASN A 391 20.03 1.74 18.56
N ASP A 392 20.05 1.64 17.22
CA ASP A 392 19.25 2.52 16.33
C ASP A 392 18.26 1.69 15.49
N TRP A 393 18.11 0.40 15.80
CA TRP A 393 17.03 -0.47 15.25
C TRP A 393 15.77 -0.25 16.08
N LYS A 394 14.65 0.02 15.41
CA LYS A 394 13.33 0.16 16.07
C LYS A 394 12.38 -0.88 15.51
N LEU A 395 11.99 -1.85 16.34
CA LEU A 395 10.96 -2.82 15.96
C LEU A 395 9.66 -2.37 16.60
N ILE A 396 8.65 -2.19 15.78
CA ILE A 396 7.29 -1.79 16.23
C ILE A 396 6.36 -2.95 15.93
N ARG A 397 5.66 -3.40 16.96
CA ARG A 397 4.60 -4.43 16.90
C ARG A 397 3.27 -3.70 17.02
N TYR A 398 2.31 -4.05 16.16
CA TYR A 398 0.91 -3.53 16.16
C TYR A 398 -0.06 -4.71 16.25
N PRO A 399 -1.34 -4.46 16.64
CA PRO A 399 -2.36 -5.51 16.63
C PRO A 399 -2.96 -5.77 15.25
N ASP A 400 -2.82 -4.84 14.29
CA ASP A 400 -3.59 -4.81 13.02
C ASP A 400 -2.67 -4.83 11.79
N ARG A 401 -1.39 -5.18 11.92
CA ARG A 401 -0.48 -5.16 10.74
C ARG A 401 0.86 -5.78 11.11
N PRO A 402 1.65 -6.25 10.11
CA PRO A 402 2.94 -6.89 10.38
C PRO A 402 3.84 -5.92 11.15
N ALA A 403 4.69 -6.45 12.02
CA ALA A 403 5.70 -5.66 12.76
C ALA A 403 6.60 -4.93 11.75
N GLU A 404 6.97 -3.69 12.04
CA GLU A 404 7.83 -2.85 11.16
C GLU A 404 9.20 -2.70 11.83
N LEU A 405 10.26 -2.63 11.02
CA LEU A 405 11.66 -2.44 11.49
C LEU A 405 12.21 -1.16 10.86
N TYR A 406 12.80 -0.28 11.67
CA TYR A 406 13.41 1.00 11.20
C TYR A 406 14.84 1.13 11.74
N ASP A 407 15.69 1.70 10.89
CA ASP A 407 17.06 2.16 11.21
C ASP A 407 16.99 3.67 11.48
N LEU A 408 16.96 4.08 12.76
CA LEU A 408 16.78 5.51 13.15
C LEU A 408 18.08 6.29 12.88
N SER A 409 19.20 5.61 12.63
CA SER A 409 20.50 6.25 12.29
C SER A 409 20.43 6.92 10.91
N SER A 410 19.49 6.50 10.05
CA SER A 410 19.36 6.99 8.64
C SER A 410 17.90 7.28 8.23
N ASP A 411 16.94 7.10 9.13
CA ASP A 411 15.49 7.22 8.81
C ASP A 411 14.78 7.62 10.10
N ILE A 412 14.93 8.89 10.49
CA ILE A 412 14.41 9.44 11.78
C ILE A 412 12.89 9.45 11.73
N SER A 413 12.31 9.33 10.52
CA SER A 413 10.87 9.56 10.24
C SER A 413 10.09 8.27 10.03
N GLU A 414 10.76 7.10 10.02
CA GLU A 414 10.10 5.75 10.01
C GLU A 414 9.20 5.59 8.77
N GLN A 415 9.74 5.90 7.58
CA GLN A 415 9.01 5.75 6.29
C GLN A 415 9.49 4.51 5.54
N THR A 416 10.64 3.94 5.93
CA THR A 416 11.28 2.82 5.20
C THR A 416 11.33 1.59 6.10
N ASP A 417 10.32 0.72 5.99
CA ASP A 417 10.19 -0.57 6.72
C ASP A 417 11.25 -1.53 6.19
N LEU A 418 12.16 -2.00 7.05
CA LEU A 418 13.31 -2.86 6.66
C LEU A 418 13.10 -4.30 7.15
N ALA A 419 11.89 -4.61 7.65
CA ALA A 419 11.50 -5.93 8.21
C ALA A 419 11.78 -7.05 7.23
N ALA A 420 11.20 -6.96 6.03
CA ALA A 420 11.31 -7.93 4.91
C ALA A 420 12.77 -8.31 4.63
N LYS A 421 13.67 -7.31 4.61
CA LYS A 421 15.08 -7.48 4.18
C LYS A 421 15.95 -7.80 5.40
N ASN A 422 15.35 -7.90 6.59
CA ASN A 422 16.07 -8.20 7.86
C ASN A 422 15.25 -9.19 8.66
N PRO A 423 15.04 -10.44 8.18
CA PRO A 423 14.12 -11.36 8.87
C PRO A 423 14.70 -11.83 10.19
N GLU A 424 16.02 -12.09 10.23
CA GLU A 424 16.72 -12.67 11.42
C GLU A 424 16.81 -11.63 12.53
N ARG A 425 17.03 -10.35 12.19
CA ARG A 425 17.09 -9.25 13.19
C ARG A 425 15.69 -9.06 13.79
N VAL A 426 14.65 -9.12 12.96
CA VAL A 426 13.24 -9.03 13.41
C VAL A 426 12.96 -10.16 14.41
N LYS A 427 13.27 -11.42 14.05
CA LYS A 427 13.02 -12.57 14.96
C LYS A 427 13.76 -12.38 16.30
N THR A 428 15.04 -12.04 16.29
CA THR A 428 15.85 -11.87 17.54
CA THR A 428 15.85 -11.87 17.54
C THR A 428 15.21 -10.77 18.40
N MET A 429 15.03 -9.57 17.82
CA MET A 429 14.44 -8.41 18.52
C MET A 429 13.04 -8.76 19.06
N PHE A 430 12.23 -9.51 18.28
CA PHE A 430 10.91 -10.02 18.73
C PHE A 430 11.06 -10.89 19.99
N LYS A 431 12.12 -11.72 20.05
CA LYS A 431 12.39 -12.58 21.23
C LYS A 431 12.81 -11.71 22.42
N SER A 432 13.73 -10.77 22.23
CA SER A 432 14.20 -9.87 23.32
C SER A 432 13.01 -9.07 23.88
N LEU A 433 12.13 -8.56 23.01
CA LEU A 433 10.91 -7.81 23.41
C LEU A 433 10.01 -8.72 24.26
N PHE A 434 9.85 -9.97 23.86
CA PHE A 434 9.00 -10.92 24.62
C PHE A 434 9.66 -11.18 25.98
N GLU A 435 10.98 -11.36 25.97
CA GLU A 435 11.77 -11.60 27.20
C GLU A 435 11.46 -10.49 28.21
N TRP A 436 11.41 -9.24 27.74
CA TRP A 436 11.12 -8.04 28.58
C TRP A 436 9.65 -8.00 29.05
N GLU A 437 8.69 -8.36 28.19
CA GLU A 437 7.25 -8.47 28.58
C GLU A 437 7.08 -9.45 29.74
N LEU A 438 7.86 -10.52 29.78
CA LEU A 438 7.70 -11.57 30.83
C LEU A 438 8.06 -11.01 32.22
N THR A 439 8.81 -9.91 32.29
CA THR A 439 9.22 -9.28 33.58
C THR A 439 8.18 -8.27 34.07
N LEU A 440 7.04 -8.10 33.38
CA LEU A 440 6.01 -7.06 33.70
C LEU A 440 4.87 -7.70 34.46
N GLU A 441 4.16 -6.93 35.27
CA GLU A 441 2.87 -7.33 35.87
C GLU A 441 1.81 -7.18 34.79
N ARG A 442 0.64 -7.79 34.98
CA ARG A 442 -0.59 -7.54 34.19
C ARG A 442 -1.11 -6.16 34.58
N PRO A 443 -1.73 -5.40 33.65
CA PRO A 443 -2.30 -4.10 33.97
C PRO A 443 -3.25 -4.08 35.17
N ARG A 444 -3.27 -2.98 35.94
CA ARG A 444 -4.17 -2.82 37.12
C ARG A 444 -5.50 -2.23 36.65
N TRP A 445 -5.59 -1.75 35.40
CA TRP A 445 -6.84 -1.22 34.82
C TRP A 445 -6.74 -1.20 33.29
N LEU A 446 -7.91 -1.28 32.62
CA LEU A 446 -8.02 -1.40 31.14
C LEU A 446 -8.98 -0.34 30.59
N LEU A 447 -8.56 0.37 29.54
CA LEU A 447 -9.45 1.26 28.73
C LEU A 447 -10.57 0.44 28.10
N LYS A 448 -11.71 1.08 27.80
CA LYS A 448 -12.76 0.53 26.90
C LYS A 448 -12.11 0.20 25.57
N ARG A 449 -12.65 -0.81 24.87
CA ARG A 449 -12.01 -1.41 23.68
C ARG A 449 -11.82 -0.34 22.60
N LYS A 450 -12.85 0.48 22.34
CA LYS A 450 -12.95 1.36 21.13
C LYS A 450 -11.81 2.41 21.08
N TYR A 451 -11.11 2.74 22.17
CA TYR A 451 -9.99 3.73 22.18
C TYR A 451 -8.76 3.18 21.42
N GLU A 452 -8.62 1.86 21.32
CA GLU A 452 -7.53 1.22 20.56
C GLU A 452 -7.70 1.63 19.09
N LYS A 453 -8.93 1.66 18.58
CA LYS A 453 -9.27 2.04 17.20
C LYS A 453 -8.92 3.50 16.96
N TYR A 454 -9.29 4.40 17.88
CA TYR A 454 -9.00 5.87 17.77
C TYR A 454 -7.49 6.10 17.72
N ASP A 455 -6.73 5.43 18.59
CA ASP A 455 -5.24 5.58 18.65
C ASP A 455 -4.64 5.16 17.30
N ILE A 456 -5.11 4.07 16.70
CA ILE A 456 -4.52 3.53 15.45
C ILE A 456 -4.95 4.36 14.25
N ASP A 457 -6.19 4.85 14.22
CA ASP A 457 -6.68 5.71 13.11
C ASP A 457 -5.87 7.02 13.10
N ARG A 458 -5.57 7.58 14.25
CA ARG A 458 -4.76 8.82 14.37
C ARG A 458 -3.33 8.56 13.89
N MET A 459 -2.73 7.45 14.31
CA MET A 459 -1.38 7.01 13.87
C MET A 459 -1.33 7.08 12.32
N ASP A 460 -2.33 6.48 11.67
CA ASP A 460 -2.45 6.39 10.19
C ASP A 460 -2.63 7.80 9.58
N LYS A 461 -3.43 8.64 10.23
CA LYS A 461 -3.65 10.03 9.79
C LYS A 461 -2.33 10.81 9.78
N TYR A 462 -1.40 10.51 10.69
CA TYR A 462 -0.10 11.22 10.85
C TYR A 462 1.09 10.28 10.60
N ARG A 463 0.98 9.45 9.56
CA ARG A 463 1.97 8.37 9.24
C ARG A 463 3.18 8.98 8.53
N LEU A 464 2.98 10.14 7.89
CA LEU A 464 4.04 10.85 7.14
C LEU A 464 4.85 11.72 8.09
N PRO A 465 6.09 12.15 7.71
CA PRO A 465 6.85 13.07 8.54
C PRO A 465 6.07 14.38 8.64
N ALA A 466 5.92 14.93 9.85
CA ALA A 466 5.50 16.33 10.08
C ALA A 466 6.61 17.27 9.62
N THR A 467 6.27 18.45 9.12
CA THR A 467 7.24 19.47 8.65
C THR A 467 7.00 20.78 9.41
N GLN A 468 8.06 21.55 9.68
CA GLN A 468 7.94 22.97 10.13
C GLN A 468 7.21 23.77 9.05
N PRO A 469 6.26 24.66 9.41
CA PRO A 469 5.77 25.70 8.50
N SER B 23 -42.90 -34.95 19.03
CA SER B 23 -41.78 -35.53 19.82
C SER B 23 -40.50 -34.73 19.55
N LYS B 24 -39.79 -34.39 20.62
CA LYS B 24 -38.49 -33.67 20.60
C LYS B 24 -37.35 -34.65 20.91
N PRO B 25 -36.22 -34.60 20.16
CA PRO B 25 -35.11 -35.51 20.40
C PRO B 25 -34.37 -35.21 21.71
N ASN B 26 -34.03 -36.28 22.40
CA ASN B 26 -33.01 -36.26 23.49
C ASN B 26 -31.68 -35.80 22.91
N ILE B 27 -30.84 -35.18 23.74
CA ILE B 27 -29.51 -34.63 23.34
C ILE B 27 -28.48 -35.07 24.40
N VAL B 28 -27.42 -35.73 23.97
CA VAL B 28 -26.29 -36.13 24.85
C VAL B 28 -25.01 -35.54 24.26
N LEU B 29 -24.41 -34.60 24.99
CA LEU B 29 -23.14 -33.95 24.63
C LEU B 29 -22.06 -34.59 25.49
N ILE B 30 -21.28 -35.51 24.92
CA ILE B 30 -20.12 -36.14 25.61
C ILE B 30 -18.90 -35.30 25.27
N PHE B 31 -18.27 -34.72 26.29
CA PHE B 31 -17.19 -33.71 26.14
C PHE B 31 -16.01 -34.18 26.98
N ALA B 32 -14.93 -34.61 26.31
CA ALA B 32 -13.70 -35.10 26.94
C ALA B 32 -12.82 -33.91 27.27
N ASP B 33 -11.77 -34.15 28.07
CA ASP B 33 -10.88 -33.08 28.59
C ASP B 33 -9.44 -33.42 28.17
N ASP B 34 -8.78 -32.49 27.48
CA ASP B 34 -7.32 -32.53 27.15
C ASP B 34 -6.98 -33.80 26.33
N ALA B 35 -7.90 -34.29 25.48
CA ALA B 35 -7.68 -35.51 24.67
C ALA B 35 -6.85 -35.18 23.42
N GLY B 36 -6.10 -36.15 22.92
CA GLY B 36 -5.28 -36.02 21.70
C GLY B 36 -6.15 -36.04 20.46
N PHE B 37 -5.87 -35.17 19.49
CA PHE B 37 -6.56 -35.14 18.18
C PHE B 37 -6.40 -36.52 17.52
N GLY B 38 -5.28 -37.19 17.78
CA GLY B 38 -4.90 -38.45 17.14
C GLY B 38 -5.13 -39.69 18.00
N ASP B 39 -5.72 -39.55 19.20
CA ASP B 39 -5.76 -40.60 20.25
C ASP B 39 -7.15 -41.23 20.35
N PHE B 40 -7.80 -41.49 19.21
CA PHE B 40 -9.05 -42.28 19.07
C PHE B 40 -8.94 -43.14 17.80
N GLY B 41 -9.44 -44.38 17.85
CA GLY B 41 -9.52 -45.30 16.70
C GLY B 41 -10.03 -44.60 15.45
N PHE B 42 -11.16 -43.88 15.56
CA PHE B 42 -11.81 -43.17 14.44
C PHE B 42 -10.96 -41.98 13.99
N GLN B 43 -9.92 -41.60 14.75
CA GLN B 43 -8.96 -40.52 14.41
C GLN B 43 -7.65 -41.11 13.86
N GLY B 44 -7.53 -42.43 13.81
CA GLY B 44 -6.40 -43.13 13.15
C GLY B 44 -5.34 -43.55 14.14
N SER B 45 -5.70 -43.73 15.42
CA SER B 45 -4.76 -44.19 16.48
C SER B 45 -4.27 -45.63 16.22
N THR B 46 -2.96 -45.84 16.38
CA THR B 46 -2.27 -47.16 16.29
C THR B 46 -2.40 -47.87 17.66
N GLN B 47 -1.98 -47.21 18.73
CA GLN B 47 -1.87 -47.83 20.09
C GLN B 47 -3.23 -47.87 20.80
N LEU B 48 -4.02 -46.81 20.77
CA LEU B 48 -5.15 -46.61 21.73
C LEU B 48 -6.40 -47.35 21.24
N LYS B 49 -7.30 -47.67 22.17
CA LYS B 49 -8.54 -48.44 21.90
C LYS B 49 -9.75 -47.61 22.37
N THR B 50 -10.66 -47.27 21.43
CA THR B 50 -11.92 -46.52 21.69
C THR B 50 -13.06 -47.20 20.93
N PRO B 51 -13.31 -48.50 21.17
CA PRO B 51 -14.33 -49.24 20.41
C PRO B 51 -15.77 -48.67 20.44
N ASN B 52 -16.23 -48.14 21.58
CA ASN B 52 -17.61 -47.60 21.73
C ASN B 52 -17.74 -46.30 20.93
N LEU B 53 -16.73 -45.43 21.02
CA LEU B 53 -16.68 -44.17 20.25
C LEU B 53 -16.44 -44.50 18.77
N ASP B 54 -15.74 -45.61 18.44
CA ASP B 54 -15.57 -46.04 17.03
C ASP B 54 -16.96 -46.37 16.46
N LYS B 55 -17.80 -47.08 17.22
CA LYS B 55 -19.19 -47.41 16.78
C LYS B 55 -19.97 -46.09 16.69
N LEU B 56 -19.74 -45.14 17.59
CA LEU B 56 -20.45 -43.83 17.57
C LEU B 56 -20.14 -43.07 16.28
N ALA B 57 -18.87 -43.05 15.87
CA ALA B 57 -18.38 -42.41 14.61
C ALA B 57 -19.08 -43.01 13.38
N GLN B 58 -19.07 -44.34 13.26
CA GLN B 58 -19.66 -45.11 12.13
C GLN B 58 -21.19 -44.89 12.06
N SER B 59 -21.84 -44.52 13.17
CA SER B 59 -23.31 -44.43 13.27
C SER B 59 -23.79 -43.05 12.76
N GLY B 60 -22.86 -42.13 12.50
CA GLY B 60 -23.19 -40.73 12.16
C GLY B 60 -22.09 -40.02 11.40
N VAL B 61 -21.94 -38.73 11.64
CA VAL B 61 -21.03 -37.84 10.86
C VAL B 61 -19.79 -37.54 11.72
N ARG B 62 -18.62 -37.86 11.18
CA ARG B 62 -17.31 -37.42 11.74
C ARG B 62 -16.87 -36.15 11.02
N PHE B 63 -16.58 -35.10 11.79
CA PHE B 63 -16.04 -33.81 11.30
C PHE B 63 -14.50 -33.87 11.29
N THR B 64 -13.89 -33.54 10.16
CA THR B 64 -12.41 -33.54 9.97
C THR B 64 -11.83 -32.17 10.36
N GLN B 65 -12.67 -31.15 10.56
CA GLN B 65 -12.24 -29.76 10.88
C GLN B 65 -13.18 -29.17 11.92
N GLY B 66 -13.33 -29.87 13.04
CA GLY B 66 -14.11 -29.41 14.20
C GLY B 66 -13.21 -28.65 15.14
N TYR B 67 -13.64 -27.47 15.57
CA TYR B 67 -12.84 -26.56 16.42
C TYR B 67 -13.60 -26.30 17.72
N VAL B 68 -12.82 -26.12 18.79
CA VAL B 68 -13.25 -25.41 20.03
C VAL B 68 -12.99 -23.92 19.85
N SER B 69 -13.54 -23.07 20.72
CA SER B 69 -13.46 -21.58 20.67
C SER B 69 -12.22 -21.06 21.39
N ASP B 70 -11.46 -21.92 22.09
CA ASP B 70 -10.14 -21.59 22.70
C ASP B 70 -9.34 -22.88 22.91
N SER B 71 -8.03 -22.77 23.01
CA SER B 71 -7.14 -23.94 23.23
C SER B 71 -6.90 -24.16 24.72
N THR B 72 -7.77 -23.67 25.62
CA THR B 72 -7.78 -24.05 27.06
C THR B 72 -9.22 -24.30 27.58
N CYS B 73 -9.33 -25.01 28.72
CA CYS B 73 -10.56 -25.60 29.33
C CYS B 73 -11.69 -24.57 29.45
N GLY B 74 -11.44 -23.49 30.20
CA GLY B 74 -12.47 -22.56 30.70
C GLY B 74 -13.09 -21.74 29.57
N PRO B 75 -12.27 -20.98 28.82
CA PRO B 75 -12.79 -20.18 27.71
C PRO B 75 -13.53 -21.06 26.68
N SER B 76 -13.05 -22.28 26.49
CA SER B 76 -13.65 -23.27 25.56
C SER B 76 -15.08 -23.55 26.02
N ARG B 77 -15.21 -24.02 27.26
CA ARG B 77 -16.51 -24.35 27.88
C ARG B 77 -17.46 -23.14 27.85
N ALA B 78 -16.96 -21.95 28.13
CA ALA B 78 -17.77 -20.70 28.10
C ALA B 78 -18.39 -20.53 26.71
N GLY B 79 -17.61 -20.73 25.64
CA GLY B 79 -18.11 -20.63 24.26
C GLY B 79 -19.15 -21.70 23.98
N LEU B 80 -18.81 -22.95 24.29
CA LEU B 80 -19.69 -24.12 24.09
C LEU B 80 -21.05 -23.80 24.72
N MET B 81 -21.03 -23.37 25.98
CA MET B 81 -22.25 -23.18 26.80
C MET B 81 -23.11 -22.03 26.26
N THR B 82 -22.55 -21.06 25.53
CA THR B 82 -23.27 -19.83 25.12
C THR B 82 -23.49 -19.76 23.62
N GLY B 83 -22.72 -20.48 22.80
CA GLY B 83 -22.82 -20.35 21.33
C GLY B 83 -22.28 -19.01 20.86
N LYS B 84 -21.47 -18.35 21.71
CA LYS B 84 -20.92 -16.99 21.50
C LYS B 84 -19.40 -17.04 21.65
N TYR B 85 -18.67 -16.27 20.84
CA TYR B 85 -17.23 -15.98 21.11
C TYR B 85 -17.14 -15.44 22.54
N GLN B 86 -16.60 -16.28 23.44
CA GLN B 86 -16.54 -16.06 24.91
C GLN B 86 -15.77 -14.77 25.24
N GLN B 87 -14.90 -14.30 24.34
CA GLN B 87 -14.16 -13.03 24.55
C GLN B 87 -15.13 -11.84 24.52
N ARG B 88 -16.29 -11.93 23.83
CA ARG B 88 -17.31 -10.86 23.70
C ARG B 88 -17.95 -10.52 25.05
N PHE B 89 -17.73 -11.32 26.10
CA PHE B 89 -18.20 -11.04 27.49
C PHE B 89 -17.05 -11.25 28.48
N GLY B 90 -15.80 -11.14 28.00
CA GLY B 90 -14.63 -10.91 28.87
C GLY B 90 -13.98 -12.21 29.32
N TYR B 91 -14.53 -13.37 28.93
CA TYR B 91 -14.04 -14.73 29.30
C TYR B 91 -12.88 -15.12 28.39
N GLU B 92 -11.74 -14.43 28.51
CA GLU B 92 -10.62 -14.53 27.52
C GLU B 92 -9.56 -15.56 27.95
N GLU B 93 -9.11 -15.46 29.20
CA GLU B 93 -7.98 -16.27 29.75
C GLU B 93 -8.60 -17.29 30.70
N ILE B 94 -7.92 -18.40 30.96
CA ILE B 94 -8.46 -19.53 31.77
C ILE B 94 -8.66 -19.09 33.23
N ASN B 95 -9.79 -19.46 33.83
CA ASN B 95 -10.15 -19.19 35.25
C ASN B 95 -9.59 -20.31 36.14
N VAL B 96 -8.38 -20.16 36.67
CA VAL B 96 -7.74 -21.13 37.62
C VAL B 96 -7.51 -20.40 38.94
N PRO B 97 -8.36 -20.63 39.96
CA PRO B 97 -8.14 -20.08 41.30
C PRO B 97 -6.70 -20.38 41.79
N GLY B 98 -6.00 -19.33 42.27
CA GLY B 98 -4.60 -19.41 42.77
C GLY B 98 -3.55 -19.12 41.69
N PHE B 99 -3.94 -18.98 40.41
CA PHE B 99 -3.03 -18.83 39.24
C PHE B 99 -3.18 -17.46 38.57
N MET B 100 -4.07 -16.62 39.08
CA MET B 100 -4.40 -15.31 38.48
C MET B 100 -3.43 -14.26 39.04
N SER B 101 -3.16 -13.20 38.27
CA SER B 101 -2.40 -12.00 38.68
C SER B 101 -3.06 -11.40 39.94
N GLY B 102 -2.23 -10.96 40.89
CA GLY B 102 -2.63 -10.09 42.01
C GLY B 102 -3.37 -8.85 41.52
N ASN B 103 -3.20 -8.46 40.25
CA ASN B 103 -3.86 -7.26 39.67
C ASN B 103 -5.21 -7.63 39.03
N SER B 104 -5.50 -8.94 38.84
CA SER B 104 -6.72 -9.49 38.19
C SER B 104 -8.02 -8.97 38.85
N ALA B 105 -8.96 -8.53 38.02
CA ALA B 105 -10.23 -7.89 38.44
C ALA B 105 -11.03 -8.85 39.33
N LEU B 106 -11.08 -10.13 38.97
CA LEU B 106 -11.79 -11.21 39.72
C LEU B 106 -10.80 -12.35 39.99
N LYS B 107 -10.80 -12.86 41.22
CA LYS B 107 -9.96 -14.01 41.67
C LYS B 107 -10.88 -15.04 42.33
N GLY B 108 -10.38 -16.27 42.49
CA GLY B 108 -11.06 -17.38 43.15
C GLY B 108 -12.45 -17.61 42.60
N ALA B 109 -13.42 -17.74 43.51
CA ALA B 109 -14.81 -18.18 43.26
C ALA B 109 -15.56 -17.12 42.44
N ASP B 110 -15.09 -15.87 42.44
CA ASP B 110 -15.72 -14.73 41.73
C ASP B 110 -15.49 -14.82 40.21
N MET B 111 -14.49 -15.59 39.77
CA MET B 111 -14.27 -15.97 38.35
C MET B 111 -15.33 -17.01 37.96
N GLY B 112 -16.12 -16.69 36.94
CA GLY B 112 -17.17 -17.59 36.42
C GLY B 112 -17.81 -17.00 35.19
N LEU B 113 -18.70 -17.74 34.56
CA LEU B 113 -19.43 -17.30 33.35
C LEU B 113 -20.36 -16.17 33.74
N PRO B 114 -20.17 -14.94 33.21
CA PRO B 114 -21.02 -13.83 33.62
C PRO B 114 -22.51 -14.26 33.60
N LEU B 115 -23.25 -13.79 34.60
CA LEU B 115 -24.65 -14.19 34.92
C LEU B 115 -25.63 -13.69 33.85
N ASP B 116 -25.28 -12.59 33.17
CA ASP B 116 -26.09 -11.99 32.07
C ASP B 116 -26.10 -12.92 30.85
N GLN B 117 -25.21 -13.92 30.80
CA GLN B 117 -25.14 -14.91 29.69
C GLN B 117 -26.17 -16.01 29.94
N LYS B 118 -26.85 -16.41 28.87
CA LYS B 118 -27.87 -17.49 28.80
C LYS B 118 -27.19 -18.76 28.28
N THR B 119 -27.24 -19.84 29.05
CA THR B 119 -26.53 -21.13 28.73
C THR B 119 -27.34 -22.03 27.80
N MET B 120 -26.67 -23.07 27.30
CA MET B 120 -27.24 -24.22 26.57
C MET B 120 -28.38 -24.82 27.39
N GLY B 121 -28.15 -25.01 28.70
CA GLY B 121 -29.14 -25.50 29.68
C GLY B 121 -30.41 -24.66 29.68
N ASP B 122 -30.28 -23.35 29.93
CA ASP B 122 -31.37 -22.33 29.93
C ASP B 122 -32.22 -22.47 28.66
N TYR B 123 -31.60 -22.52 27.49
CA TYR B 123 -32.28 -22.59 26.17
C TYR B 123 -33.11 -23.88 26.07
N LEU B 124 -32.55 -25.02 26.52
CA LEU B 124 -33.23 -26.33 26.41
C LEU B 124 -34.29 -26.50 27.52
N LYS B 125 -34.09 -25.90 28.70
CA LYS B 125 -35.11 -25.86 29.79
C LYS B 125 -36.37 -25.11 29.30
N GLU B 126 -36.22 -24.04 28.50
CA GLU B 126 -37.34 -23.24 27.93
C GLU B 126 -38.15 -24.07 26.93
N GLN B 127 -37.53 -25.09 26.29
CA GLN B 127 -38.19 -26.02 25.34
C GLN B 127 -38.71 -27.25 26.10
N GLY B 128 -38.66 -27.21 27.43
CA GLY B 128 -39.26 -28.25 28.31
C GLY B 128 -38.41 -29.51 28.42
N TYR B 129 -37.09 -29.40 28.20
CA TYR B 129 -36.13 -30.50 28.45
C TYR B 129 -35.84 -30.60 29.95
N LYS B 130 -35.70 -31.83 30.44
CA LYS B 130 -34.99 -32.13 31.71
C LYS B 130 -33.48 -32.06 31.38
N THR B 131 -32.72 -31.30 32.17
CA THR B 131 -31.30 -30.93 31.86
C THR B 131 -30.39 -31.43 32.98
N ALA B 132 -29.21 -31.95 32.62
CA ALA B 132 -28.23 -32.45 33.61
C ALA B 132 -26.80 -32.27 33.10
N VAL B 133 -25.87 -32.16 34.06
CA VAL B 133 -24.43 -32.04 33.77
C VAL B 133 -23.72 -32.97 34.75
N PHE B 134 -22.86 -33.84 34.26
CA PHE B 134 -22.07 -34.85 35.02
C PHE B 134 -20.58 -34.54 34.80
N GLY B 135 -19.81 -34.43 35.87
CA GLY B 135 -18.35 -34.20 35.82
C GLY B 135 -17.95 -32.72 35.86
N LYS B 136 -17.04 -32.33 34.98
CA LYS B 136 -16.29 -31.04 35.07
C LYS B 136 -17.19 -29.88 34.63
N TRP B 137 -17.41 -28.92 35.52
CA TRP B 137 -18.18 -27.67 35.25
C TRP B 137 -17.18 -26.58 34.80
N HIS B 138 -16.37 -26.07 35.72
CA HIS B 138 -15.26 -25.11 35.48
C HIS B 138 -15.75 -23.76 34.91
N LEU B 139 -17.00 -23.36 35.17
CA LEU B 139 -17.53 -22.04 34.76
C LEU B 139 -17.87 -21.20 36.01
N GLY B 140 -17.18 -21.47 37.13
CA GLY B 140 -17.30 -20.68 38.37
C GLY B 140 -17.64 -21.54 39.57
N ASP B 141 -16.95 -21.27 40.70
CA ASP B 141 -16.97 -22.05 41.96
C ASP B 141 -17.99 -21.46 42.95
N ALA B 142 -18.24 -20.17 42.91
CA ALA B 142 -19.17 -19.48 43.83
C ALA B 142 -20.60 -19.96 43.53
N ASP B 143 -21.45 -20.00 44.55
CA ASP B 143 -22.81 -20.60 44.48
C ASP B 143 -23.58 -20.01 43.30
N ARG B 144 -23.43 -18.72 42.98
CA ARG B 144 -24.22 -18.03 41.92
C ARG B 144 -23.83 -18.56 40.52
N PHE B 145 -22.63 -19.13 40.36
CA PHE B 145 -22.13 -19.69 39.09
C PHE B 145 -22.43 -21.18 38.97
N HIS B 146 -23.08 -21.78 39.97
CA HIS B 146 -23.39 -23.23 40.07
C HIS B 146 -24.31 -23.66 38.92
N PRO B 147 -24.10 -24.89 38.37
CA PRO B 147 -24.94 -25.41 37.29
C PRO B 147 -26.46 -25.25 37.48
N LEU B 148 -26.95 -25.42 38.71
CA LEU B 148 -28.41 -25.44 39.00
C LEU B 148 -28.96 -24.00 38.93
N LYS B 149 -28.07 -23.00 38.88
CA LYS B 149 -28.45 -21.59 38.64
C LYS B 149 -28.36 -21.27 37.15
N ARG B 150 -27.77 -22.16 36.34
CA ARG B 150 -27.44 -21.88 34.92
C ARG B 150 -28.24 -22.78 33.97
N GLY B 151 -29.41 -23.27 34.39
CA GLY B 151 -30.37 -23.99 33.52
C GLY B 151 -30.24 -25.52 33.56
N PHE B 152 -29.59 -26.07 34.60
CA PHE B 152 -29.50 -27.54 34.83
C PHE B 152 -30.34 -27.90 36.05
N ASP B 153 -31.25 -28.87 35.87
CA ASP B 153 -32.10 -29.40 36.96
C ASP B 153 -31.25 -30.28 37.87
N THR B 154 -30.24 -30.96 37.30
CA THR B 154 -29.47 -32.04 37.94
C THR B 154 -27.96 -31.81 37.74
N PHE B 155 -27.16 -32.26 38.70
CA PHE B 155 -25.68 -32.11 38.72
C PHE B 155 -25.05 -33.26 39.51
N LEU B 156 -24.06 -33.93 38.92
CA LEU B 156 -23.06 -34.72 39.67
C LEU B 156 -21.69 -34.46 39.05
N GLY B 157 -20.90 -33.62 39.69
CA GLY B 157 -19.53 -33.41 39.26
C GLY B 157 -18.80 -32.54 40.25
N PHE B 158 -17.89 -31.71 39.74
CA PHE B 158 -17.07 -30.77 40.53
C PHE B 158 -17.07 -29.41 39.82
N ARG B 159 -17.02 -28.34 40.60
CA ARG B 159 -17.11 -26.94 40.13
C ARG B 159 -15.81 -26.52 39.44
N GLY B 160 -14.68 -27.07 39.87
CA GLY B 160 -13.31 -26.62 39.53
C GLY B 160 -12.85 -27.14 38.19
N GLY B 161 -11.53 -27.23 37.99
CA GLY B 161 -10.89 -27.56 36.69
C GLY B 161 -10.39 -29.00 36.61
N ASP B 162 -9.98 -29.58 37.74
CA ASP B 162 -9.41 -30.96 37.80
C ASP B 162 -9.51 -31.53 39.23
N ARG B 163 -9.39 -32.86 39.33
CA ARG B 163 -9.48 -33.63 40.60
C ARG B 163 -9.07 -35.07 40.36
N SER B 164 -8.75 -35.79 41.43
CA SER B 164 -8.42 -37.23 41.42
C SER B 164 -9.58 -38.04 40.82
N TYR B 165 -9.24 -39.11 40.10
CA TYR B 165 -10.19 -40.07 39.49
C TYR B 165 -10.63 -41.08 40.56
N PHE B 166 -10.10 -40.98 41.77
CA PHE B 166 -10.52 -41.79 42.95
C PHE B 166 -10.94 -40.85 44.06
N ASN B 167 -11.53 -41.41 45.11
CA ASN B 167 -12.01 -40.65 46.30
C ASN B 167 -10.82 -39.94 46.96
N TYR B 168 -11.07 -38.79 47.57
CA TYR B 168 -10.12 -38.08 48.47
C TYR B 168 -10.37 -38.55 49.91
N SER B 169 -9.30 -38.78 50.69
CA SER B 169 -9.36 -39.14 52.13
C SER B 169 -10.00 -37.97 52.91
N GLU B 170 -10.49 -38.23 54.13
CA GLU B 170 -10.90 -37.16 55.10
C GLU B 170 -9.70 -36.24 55.33
N GLN B 171 -8.50 -36.84 55.46
CA GLN B 171 -7.18 -36.15 55.65
C GLN B 171 -6.97 -35.08 54.57
N GLU B 172 -6.92 -35.47 53.29
CA GLU B 172 -6.62 -34.60 52.13
C GLU B 172 -7.66 -33.48 52.01
N MET B 173 -8.93 -33.76 52.34
CA MET B 173 -10.06 -32.81 52.23
C MET B 173 -9.92 -31.72 53.31
N LYS B 174 -9.53 -32.11 54.52
CA LYS B 174 -9.35 -31.21 55.69
C LYS B 174 -8.07 -30.37 55.52
N ASN B 175 -7.01 -30.98 54.99
CA ASN B 175 -5.68 -30.33 54.79
C ASN B 175 -5.50 -29.90 53.33
N GLY B 176 -6.47 -29.14 52.80
CA GLY B 176 -6.44 -28.55 51.45
C GLY B 176 -6.51 -27.03 51.49
N ASN B 177 -5.98 -26.35 50.47
CA ASN B 177 -5.97 -24.87 50.37
C ASN B 177 -7.40 -24.36 50.14
N LYS B 178 -7.60 -23.03 50.11
CA LYS B 178 -8.93 -22.35 50.14
C LYS B 178 -9.76 -22.74 48.91
N HIS B 179 -9.11 -23.18 47.83
CA HIS B 179 -9.70 -23.43 46.48
C HIS B 179 -9.95 -24.93 46.23
N PHE B 180 -9.64 -25.79 47.21
CA PHE B 180 -9.75 -27.27 47.10
C PHE B 180 -11.22 -27.73 47.12
N PHE B 181 -12.14 -26.92 47.64
CA PHE B 181 -13.59 -27.24 47.75
C PHE B 181 -14.22 -27.41 46.36
N ASP B 182 -13.60 -26.86 45.30
CA ASP B 182 -14.12 -26.93 43.91
C ASP B 182 -13.80 -28.31 43.29
N LYS B 183 -12.85 -29.05 43.86
CA LYS B 183 -12.38 -30.36 43.34
C LYS B 183 -13.23 -31.51 43.90
N LYS B 184 -14.14 -31.23 44.85
CA LYS B 184 -14.89 -32.27 45.62
C LYS B 184 -16.17 -32.67 44.87
N LEU B 185 -16.49 -33.95 44.82
CA LEU B 185 -17.64 -34.48 44.04
C LEU B 185 -18.96 -34.11 44.73
N GLU B 186 -19.91 -33.65 43.92
CA GLU B 186 -21.11 -32.88 44.35
C GLU B 186 -22.33 -33.43 43.61
N ARG B 187 -23.40 -33.75 44.33
CA ARG B 187 -24.74 -34.00 43.75
C ARG B 187 -25.59 -32.74 43.95
N ASP B 188 -26.25 -32.27 42.89
CA ASP B 188 -27.10 -31.05 42.92
C ASP B 188 -26.37 -30.01 43.77
N PHE B 189 -27.07 -29.30 44.67
CA PHE B 189 -26.56 -28.06 45.32
C PHE B 189 -25.99 -28.36 46.71
N GLY B 190 -24.71 -28.75 46.76
CA GLY B 190 -23.90 -28.81 47.98
C GLY B 190 -24.04 -30.14 48.71
N ASN B 191 -24.45 -31.21 48.01
CA ASN B 191 -24.49 -32.59 48.57
C ASN B 191 -23.15 -33.25 48.24
N TYR B 192 -22.12 -32.99 49.05
CA TYR B 192 -20.73 -33.43 48.80
C TYR B 192 -20.60 -34.89 49.23
N GLU B 193 -20.42 -35.79 48.28
CA GLU B 193 -20.02 -37.21 48.50
C GLU B 193 -18.98 -37.59 47.42
N GLU B 194 -17.95 -38.34 47.84
CA GLU B 194 -16.81 -38.75 46.99
C GLU B 194 -17.18 -40.01 46.23
N PRO B 195 -16.59 -40.23 45.04
CA PRO B 195 -16.94 -41.40 44.21
C PRO B 195 -16.47 -42.66 44.94
N LYS B 196 -17.21 -43.76 44.82
CA LYS B 196 -16.92 -45.04 45.53
C LYS B 196 -16.11 -45.97 44.62
N GLU B 197 -15.56 -45.42 43.52
CA GLU B 197 -15.22 -46.12 42.26
C GLU B 197 -14.54 -45.11 41.32
N TYR B 198 -13.77 -45.58 40.34
CA TYR B 198 -13.11 -44.74 39.32
C TYR B 198 -14.09 -43.67 38.83
N LEU B 199 -13.72 -42.40 38.95
CA LEU B 199 -14.63 -41.28 38.66
C LEU B 199 -15.23 -41.41 37.24
N THR B 200 -14.44 -41.76 36.23
CA THR B 200 -14.92 -41.91 34.83
C THR B 200 -16.08 -42.92 34.79
N ASP B 201 -15.97 -44.04 35.53
CA ASP B 201 -17.04 -45.08 35.58
C ASP B 201 -18.26 -44.50 36.32
N VAL B 202 -18.04 -43.77 37.41
CA VAL B 202 -19.13 -43.14 38.22
C VAL B 202 -19.89 -42.12 37.35
N LEU B 203 -19.18 -41.34 36.53
CA LEU B 203 -19.82 -40.30 35.69
C LEU B 203 -20.68 -40.97 34.63
N GLY B 204 -20.14 -41.97 33.93
CA GLY B 204 -20.89 -42.70 32.89
C GLY B 204 -22.17 -43.27 33.48
N LYS B 205 -22.06 -43.96 34.61
CA LYS B 205 -23.15 -44.78 35.22
C LYS B 205 -24.24 -43.87 35.79
N GLU B 206 -23.90 -42.66 36.18
CA GLU B 206 -24.89 -41.68 36.68
C GLU B 206 -25.63 -41.05 35.51
N ALA B 207 -24.94 -40.82 34.37
CA ALA B 207 -25.58 -40.39 33.11
C ALA B 207 -26.62 -41.43 32.71
N ALA B 208 -26.27 -42.72 32.84
CA ALA B 208 -27.13 -43.85 32.43
C ALA B 208 -28.34 -43.92 33.37
N LYS B 209 -28.13 -43.86 34.68
CA LYS B 209 -29.24 -43.78 35.68
C LYS B 209 -30.20 -42.67 35.28
N TYR B 210 -29.67 -41.48 34.97
CA TYR B 210 -30.46 -40.26 34.70
C TYR B 210 -31.26 -40.45 33.41
N ILE B 211 -30.68 -41.07 32.39
CA ILE B 211 -31.40 -41.45 31.14
C ILE B 211 -32.58 -42.37 31.49
N GLU B 212 -32.36 -43.39 32.32
CA GLU B 212 -33.43 -44.36 32.67
C GLU B 212 -34.51 -43.65 33.50
N GLN B 213 -34.10 -42.82 34.46
CA GLN B 213 -35.03 -42.09 35.38
C GLN B 213 -35.90 -41.13 34.55
N ASN B 214 -35.42 -40.65 33.39
CA ASN B 214 -36.11 -39.61 32.57
C ASN B 214 -36.42 -40.14 31.17
N LYS B 215 -36.67 -41.45 31.02
CA LYS B 215 -36.81 -42.14 29.71
C LYS B 215 -38.04 -41.63 28.92
N ASP B 216 -39.02 -40.98 29.58
CA ASP B 216 -40.36 -40.66 29.01
C ASP B 216 -40.44 -39.21 28.52
N GLU B 217 -39.81 -38.28 29.21
CA GLU B 217 -39.75 -36.85 28.83
C GLU B 217 -38.50 -36.64 27.98
N PRO B 218 -38.41 -35.55 27.18
CA PRO B 218 -37.15 -35.21 26.49
C PRO B 218 -36.08 -34.77 27.50
N PHE B 219 -34.83 -35.22 27.35
CA PHE B 219 -33.71 -34.85 28.27
C PHE B 219 -32.50 -34.32 27.48
N PHE B 220 -31.70 -33.48 28.16
CA PHE B 220 -30.39 -32.97 27.72
C PHE B 220 -29.33 -33.30 28.78
N ILE B 221 -28.31 -34.07 28.41
CA ILE B 221 -27.17 -34.41 29.30
C ILE B 221 -25.88 -33.85 28.69
N TYR B 222 -25.26 -32.91 29.40
CA TYR B 222 -23.86 -32.47 29.23
C TYR B 222 -23.01 -33.41 30.09
N LEU B 223 -22.36 -34.38 29.46
CA LEU B 223 -21.45 -35.33 30.14
C LEU B 223 -20.01 -34.84 29.92
N ALA B 224 -19.49 -34.06 30.88
CA ALA B 224 -18.15 -33.47 30.86
C ALA B 224 -17.20 -34.33 31.70
N PHE B 225 -16.68 -35.39 31.09
CA PHE B 225 -15.61 -36.26 31.66
C PHE B 225 -14.40 -35.38 31.95
N ASN B 226 -13.82 -35.50 33.15
CA ASN B 226 -12.50 -34.93 33.51
C ASN B 226 -11.40 -35.69 32.76
N ALA B 227 -11.70 -36.93 32.32
CA ALA B 227 -10.85 -37.72 31.42
C ALA B 227 -10.64 -36.93 30.13
N VAL B 228 -9.38 -36.78 29.66
CA VAL B 228 -8.20 -37.45 30.16
C VAL B 228 -7.26 -36.38 30.73
N HIS B 229 -7.83 -35.39 31.41
CA HIS B 229 -7.04 -34.33 32.10
C HIS B 229 -6.20 -35.01 33.18
N THR B 230 -5.03 -34.45 33.49
CA THR B 230 -4.27 -34.84 34.69
C THR B 230 -5.22 -34.71 35.88
N PRO B 231 -4.95 -35.36 37.02
CA PRO B 231 -3.79 -36.24 37.16
C PRO B 231 -3.94 -37.59 36.43
N LEU B 232 -2.82 -38.18 36.01
CA LEU B 232 -2.76 -39.51 35.34
C LEU B 232 -3.08 -40.64 36.35
N GLU B 233 -4.33 -41.10 36.35
CA GLU B 233 -4.87 -42.09 37.32
C GLU B 233 -5.81 -43.03 36.54
N SER B 234 -5.64 -44.35 36.67
CA SER B 234 -6.42 -45.35 35.90
C SER B 234 -6.86 -46.52 36.77
N ASP B 235 -7.92 -47.22 36.36
CA ASP B 235 -8.21 -48.61 36.78
C ASP B 235 -6.98 -49.46 36.51
N PRO B 236 -6.42 -50.18 37.51
CA PRO B 236 -5.42 -51.23 37.25
C PRO B 236 -5.85 -52.23 36.16
N LYS B 237 -7.15 -52.53 36.08
CA LYS B 237 -7.78 -53.37 35.04
C LYS B 237 -7.43 -52.82 33.63
N ASP B 238 -7.40 -51.50 33.45
CA ASP B 238 -7.20 -50.86 32.13
C ASP B 238 -5.70 -50.90 31.77
N LEU B 239 -4.81 -50.77 32.77
CA LEU B 239 -3.33 -50.69 32.59
C LEU B 239 -2.79 -52.02 32.04
N ALA B 240 -3.34 -53.14 32.51
CA ALA B 240 -2.94 -54.51 32.15
C ALA B 240 -3.25 -54.78 30.67
N LYS B 241 -4.13 -53.97 30.05
CA LYS B 241 -4.56 -54.13 28.63
C LYS B 241 -3.54 -53.47 27.69
N PHE B 242 -2.57 -52.72 28.23
CA PHE B 242 -1.54 -51.99 27.44
C PHE B 242 -0.14 -52.32 27.98
N PRO B 243 0.30 -53.59 27.91
CA PRO B 243 1.61 -53.97 28.44
C PRO B 243 2.74 -53.32 27.63
N ASN B 244 2.53 -53.18 26.31
CA ASN B 244 3.54 -52.65 25.35
C ASN B 244 3.78 -51.15 25.56
N LEU B 245 2.81 -50.41 26.12
CA LEU B 245 2.95 -48.96 26.39
C LEU B 245 3.68 -48.77 27.71
N THR B 246 4.20 -47.56 27.95
CA THR B 246 5.16 -47.23 29.05
C THR B 246 4.87 -45.80 29.56
N GLY B 247 5.05 -45.57 30.86
CA GLY B 247 4.94 -44.24 31.49
C GLY B 247 3.59 -43.59 31.24
N LYS B 248 3.60 -42.28 30.99
CA LYS B 248 2.41 -41.40 30.82
C LYS B 248 1.53 -41.89 29.67
N ARG B 249 2.10 -42.50 28.63
CA ARG B 249 1.36 -43.07 27.47
C ARG B 249 0.53 -44.29 27.91
N LYS B 250 1.11 -45.19 28.71
CA LYS B 250 0.39 -46.36 29.30
C LYS B 250 -0.84 -45.87 30.08
N GLU B 251 -0.70 -44.75 30.81
CA GLU B 251 -1.78 -44.21 31.69
C GLU B 251 -2.84 -43.49 30.85
N LEU B 252 -2.42 -42.77 29.80
CA LEU B 252 -3.36 -42.12 28.85
C LEU B 252 -4.26 -43.19 28.21
N ALA B 253 -3.67 -44.30 27.76
CA ALA B 253 -4.38 -45.38 27.04
C ALA B 253 -5.43 -46.00 27.96
N ALA B 254 -5.04 -46.30 29.20
CA ALA B 254 -5.91 -46.85 30.26
C ALA B 254 -7.10 -45.91 30.51
N MET B 255 -6.82 -44.62 30.72
CA MET B 255 -7.84 -43.57 30.98
C MET B 255 -8.76 -43.43 29.76
N THR B 256 -8.19 -43.48 28.56
CA THR B 256 -8.92 -43.39 27.27
C THR B 256 -9.90 -44.55 27.15
N LEU B 257 -9.40 -45.79 27.30
CA LEU B 257 -10.24 -47.02 27.36
C LEU B 257 -11.36 -46.80 28.36
N GLY B 258 -11.02 -46.27 29.54
CA GLY B 258 -11.97 -45.86 30.61
C GLY B 258 -13.05 -44.93 30.08
N LEU B 259 -12.65 -43.83 29.43
CA LEU B 259 -13.60 -42.84 28.82
C LEU B 259 -14.50 -43.59 27.82
N ASP B 260 -13.92 -44.50 27.03
CA ASP B 260 -14.66 -45.27 26.01
C ASP B 260 -15.68 -46.21 26.67
N ARG B 261 -15.34 -46.85 27.78
CA ARG B 261 -16.26 -47.76 28.49
C ARG B 261 -17.42 -46.93 29.06
N ALA B 262 -17.11 -45.84 29.76
CA ALA B 262 -18.08 -44.95 30.46
C ALA B 262 -19.02 -44.30 29.44
N SER B 263 -18.50 -43.91 28.28
CA SER B 263 -19.29 -43.47 27.11
C SER B 263 -20.23 -44.59 26.68
N GLY B 264 -19.71 -45.83 26.58
CA GLY B 264 -20.46 -47.05 26.25
C GLY B 264 -21.72 -47.19 27.13
N TYR B 265 -21.59 -47.06 28.46
CA TYR B 265 -22.74 -47.14 29.40
C TYR B 265 -23.91 -46.28 28.89
N VAL B 266 -23.61 -45.05 28.48
CA VAL B 266 -24.64 -44.09 28.00
C VAL B 266 -25.24 -44.63 26.70
N LEU B 267 -24.40 -44.98 25.72
CA LEU B 267 -24.86 -45.36 24.36
C LEU B 267 -25.70 -46.65 24.44
N ASP B 268 -25.28 -47.60 25.27
CA ASP B 268 -25.95 -48.92 25.48
C ASP B 268 -27.33 -48.70 26.12
N LYS B 269 -27.41 -47.85 27.14
CA LYS B 269 -28.66 -47.48 27.86
C LYS B 269 -29.70 -46.94 26.87
N LEU B 270 -29.29 -46.06 25.96
CA LEU B 270 -30.18 -45.48 24.90
C LEU B 270 -30.73 -46.63 24.04
N LYS B 271 -29.87 -47.56 23.61
CA LYS B 271 -30.22 -48.78 22.85
C LYS B 271 -31.21 -49.60 23.71
N GLU B 272 -30.78 -50.00 24.89
CA GLU B 272 -31.55 -50.78 25.92
C GLU B 272 -32.99 -50.25 26.06
N LEU B 273 -33.21 -48.92 26.03
CA LEU B 273 -34.53 -48.29 26.31
C LEU B 273 -35.23 -47.86 25.02
N GLY B 274 -34.65 -48.16 23.85
CA GLY B 274 -35.20 -47.77 22.54
C GLY B 274 -35.28 -46.25 22.37
N LEU B 275 -34.30 -45.53 22.92
CA LEU B 275 -34.17 -44.05 22.81
C LEU B 275 -33.22 -43.66 21.67
N ASP B 276 -32.40 -44.61 21.18
CA ASP B 276 -31.32 -44.39 20.17
C ASP B 276 -31.89 -43.82 18.87
N ASP B 277 -33.13 -44.21 18.53
CA ASP B 277 -33.88 -43.77 17.32
C ASP B 277 -34.03 -42.25 17.35
N ASN B 278 -34.40 -41.69 18.51
CA ASN B 278 -34.76 -40.26 18.67
C ASN B 278 -33.87 -39.61 19.72
N THR B 279 -32.55 -39.77 19.59
CA THR B 279 -31.52 -39.15 20.49
C THR B 279 -30.33 -38.63 19.67
N ILE B 280 -30.03 -37.33 19.76
CA ILE B 280 -28.79 -36.73 19.18
C ILE B 280 -27.65 -36.94 20.18
N VAL B 281 -26.56 -37.56 19.72
CA VAL B 281 -25.32 -37.80 20.53
C VAL B 281 -24.16 -37.05 19.86
N VAL B 282 -23.52 -36.17 20.62
CA VAL B 282 -22.30 -35.43 20.20
C VAL B 282 -21.15 -35.88 21.09
N PHE B 283 -20.08 -36.36 20.47
CA PHE B 283 -18.76 -36.53 21.14
C PHE B 283 -17.85 -35.40 20.66
N SER B 284 -17.17 -34.74 21.60
CA SER B 284 -16.08 -33.79 21.30
C SER B 284 -15.15 -33.66 22.51
N ASN B 285 -14.36 -32.59 22.53
CA ASN B 285 -13.14 -32.41 23.34
C ASN B 285 -13.01 -30.90 23.54
N ASP B 286 -12.63 -30.44 24.74
CA ASP B 286 -12.72 -29.00 25.12
C ASP B 286 -11.53 -28.24 24.51
N ASN B 287 -10.38 -28.91 24.32
CA ASN B 287 -9.19 -28.33 23.66
C ASN B 287 -8.24 -29.44 23.20
N GLY B 288 -7.22 -29.08 22.40
CA GLY B 288 -6.15 -29.98 21.95
C GLY B 288 -5.38 -30.53 23.13
N GLY B 289 -4.62 -31.60 22.92
CA GLY B 289 -3.99 -32.37 24.00
C GLY B 289 -2.73 -31.70 24.53
N PRO B 290 -2.56 -31.58 25.86
CA PRO B 290 -1.32 -31.08 26.45
C PRO B 290 -0.32 -32.24 26.48
N SER B 291 0.35 -32.49 25.35
CA SER B 291 1.22 -33.68 25.07
C SER B 291 2.32 -33.88 26.13
N ASP B 292 2.81 -32.82 26.79
CA ASP B 292 3.91 -32.92 27.77
C ASP B 292 3.40 -33.27 29.17
N LYS B 293 2.13 -33.02 29.47
CA LYS B 293 1.49 -33.38 30.77
C LYS B 293 0.79 -34.76 30.74
N ASN B 294 0.10 -35.16 29.66
CA ASN B 294 -0.70 -36.41 29.65
C ASN B 294 -0.33 -37.32 28.46
N ALA B 295 0.80 -37.09 27.81
CA ALA B 295 1.32 -37.87 26.66
C ALA B 295 0.30 -37.98 25.51
N SER B 296 -0.67 -37.07 25.41
CA SER B 296 -1.60 -37.02 24.26
C SER B 296 -0.81 -36.63 23.00
N ASN B 297 -1.39 -36.92 21.86
CA ASN B 297 -0.70 -36.91 20.55
C ASN B 297 -1.70 -36.34 19.56
N ASN B 298 -1.40 -35.18 18.97
CA ASN B 298 -2.39 -34.42 18.18
C ASN B 298 -2.16 -34.71 16.69
N ALA B 299 -1.50 -35.82 16.36
CA ALA B 299 -1.17 -36.23 14.96
C ALA B 299 -2.41 -36.09 14.09
N PRO B 300 -2.31 -35.56 12.84
CA PRO B 300 -1.08 -35.08 12.23
C PRO B 300 -0.80 -33.58 12.42
N LEU B 301 -1.30 -33.01 13.53
CA LEU B 301 -1.27 -31.54 13.73
C LEU B 301 -0.04 -31.17 14.55
N ALA B 302 0.45 -29.95 14.35
CA ALA B 302 1.46 -29.27 15.18
C ALA B 302 0.75 -28.69 16.41
N GLY B 303 1.47 -28.56 17.52
CA GLY B 303 1.02 -27.82 18.70
C GLY B 303 0.20 -28.66 19.66
N THR B 304 -0.37 -28.02 20.68
CA THR B 304 -0.97 -28.64 21.87
C THR B 304 -1.97 -27.69 22.51
N LYS B 305 -2.61 -28.12 23.60
CA LYS B 305 -3.29 -27.21 24.57
C LYS B 305 -2.51 -25.91 24.71
N SER B 306 -3.24 -24.78 24.68
CA SER B 306 -2.85 -23.43 25.12
C SER B 306 -2.00 -22.74 24.05
N ASN B 307 -1.88 -23.33 22.87
CA ASN B 307 -1.45 -22.60 21.65
C ASN B 307 -2.54 -22.75 20.58
N GLN B 308 -2.45 -21.97 19.51
CA GLN B 308 -3.58 -21.77 18.55
C GLN B 308 -3.18 -22.33 17.17
N LEU B 309 -2.08 -23.09 17.12
CA LEU B 309 -1.82 -24.04 16.02
C LEU B 309 -2.97 -25.05 16.02
N GLU B 310 -3.14 -25.78 14.93
CA GLU B 310 -4.32 -26.65 14.72
C GLU B 310 -4.41 -27.62 15.90
N GLY B 311 -3.25 -28.09 16.39
CA GLY B 311 -3.09 -29.01 17.54
C GLY B 311 -3.78 -28.51 18.79
N GLY B 312 -3.97 -27.20 18.95
CA GLY B 312 -4.59 -26.62 20.15
C GLY B 312 -6.11 -26.52 20.02
N ILE B 313 -6.58 -26.16 18.83
CA ILE B 313 -7.97 -25.67 18.60
C ILE B 313 -8.81 -26.71 17.83
N ARG B 314 -8.17 -27.66 17.16
CA ARG B 314 -8.88 -28.67 16.32
C ARG B 314 -9.04 -29.94 17.13
N VAL B 315 -10.26 -30.46 17.19
CA VAL B 315 -10.66 -31.52 18.16
C VAL B 315 -11.47 -32.57 17.44
N PRO B 316 -11.45 -33.81 17.96
CA PRO B 316 -12.35 -34.85 17.49
C PRO B 316 -13.77 -34.33 17.74
N PHE B 317 -14.66 -34.64 16.81
CA PHE B 317 -16.01 -34.03 16.69
C PHE B 317 -16.91 -35.02 15.94
N LEU B 318 -17.83 -35.64 16.67
CA LEU B 318 -18.84 -36.57 16.11
C LEU B 318 -20.24 -36.03 16.41
N ILE B 319 -21.15 -36.20 15.48
CA ILE B 319 -22.61 -36.02 15.70
C ILE B 319 -23.30 -37.28 15.14
N SER B 320 -24.06 -37.97 15.99
CA SER B 320 -24.88 -39.14 15.61
C SER B 320 -26.35 -38.81 15.87
N TRP B 321 -27.20 -39.02 14.86
CA TRP B 321 -28.68 -38.98 15.04
C TRP B 321 -29.31 -40.05 14.15
N PRO B 322 -29.38 -41.31 14.62
CA PRO B 322 -29.91 -42.41 13.79
C PRO B 322 -31.26 -42.08 13.13
N LYS B 323 -31.40 -42.42 11.84
CA LYS B 323 -32.63 -42.25 11.01
C LYS B 323 -32.65 -40.84 10.41
N HIS B 324 -31.74 -39.94 10.83
CA HIS B 324 -31.74 -38.49 10.54
C HIS B 324 -30.41 -38.05 9.88
N ILE B 325 -29.27 -38.54 10.36
CA ILE B 325 -27.92 -38.30 9.75
C ILE B 325 -27.41 -39.63 9.19
N LYS B 326 -27.00 -39.63 7.92
CA LYS B 326 -26.53 -40.83 7.19
C LYS B 326 -25.35 -41.43 7.96
N PRO B 327 -25.36 -42.73 8.34
CA PRO B 327 -24.20 -43.31 9.01
C PRO B 327 -22.93 -43.35 8.15
N GLY B 328 -21.77 -43.28 8.80
CA GLY B 328 -20.42 -43.42 8.20
C GLY B 328 -20.03 -42.25 7.29
N SER B 329 -20.54 -41.05 7.55
CA SER B 329 -20.29 -39.86 6.69
C SER B 329 -19.26 -38.93 7.35
N THR B 330 -18.47 -38.25 6.52
CA THR B 330 -17.47 -37.23 6.94
C THR B 330 -18.00 -35.88 6.49
N TYR B 331 -17.75 -34.80 7.24
CA TYR B 331 -18.01 -33.40 6.83
C TYR B 331 -16.72 -32.59 7.00
N ASP B 332 -16.25 -32.00 5.90
CA ASP B 332 -14.85 -31.54 5.70
C ASP B 332 -14.73 -30.04 5.95
N TYR B 333 -15.84 -29.31 5.96
CA TYR B 333 -15.81 -27.85 6.17
C TYR B 333 -15.64 -27.57 7.64
N PRO B 334 -14.91 -26.50 8.01
CA PRO B 334 -14.77 -26.10 9.40
C PRO B 334 -16.12 -25.98 10.10
N VAL B 335 -16.17 -26.46 11.34
CA VAL B 335 -17.32 -26.26 12.29
C VAL B 335 -16.70 -25.94 13.66
N SER B 336 -17.51 -25.43 14.58
CA SER B 336 -17.09 -24.93 15.91
C SER B 336 -17.97 -25.56 16.99
N THR B 337 -17.45 -25.74 18.19
CA THR B 337 -18.28 -26.07 19.38
C THR B 337 -19.37 -25.00 19.54
N LEU B 338 -19.10 -23.77 19.10
CA LEU B 338 -20.05 -22.62 19.18
C LEU B 338 -21.37 -22.96 18.49
N ASP B 339 -21.33 -23.83 17.49
CA ASP B 339 -22.50 -24.21 16.67
C ASP B 339 -23.48 -25.09 17.46
N LEU B 340 -23.04 -25.70 18.56
CA LEU B 340 -23.81 -26.76 19.24
C LEU B 340 -25.05 -26.16 19.93
N LEU B 341 -24.97 -24.96 20.49
CA LEU B 341 -26.17 -24.35 21.15
C LEU B 341 -27.27 -24.17 20.11
N PRO B 342 -27.04 -23.48 18.97
CA PRO B 342 -28.11 -23.28 17.99
C PRO B 342 -28.54 -24.59 17.32
N THR B 343 -27.61 -25.52 17.08
CA THR B 343 -27.92 -26.86 16.48
C THR B 343 -28.89 -27.61 17.40
N PHE B 344 -28.54 -27.70 18.69
CA PHE B 344 -29.37 -28.38 19.73
C PHE B 344 -30.74 -27.72 19.83
N TYR B 345 -30.74 -26.40 19.95
CA TYR B 345 -31.95 -25.56 20.13
C TYR B 345 -32.92 -25.75 18.96
N SER B 346 -32.39 -25.68 17.73
CA SER B 346 -33.17 -25.88 16.48
C SER B 346 -33.78 -27.30 16.46
N ALA B 347 -33.03 -28.32 16.89
CA ALA B 347 -33.48 -29.73 16.90
C ALA B 347 -34.54 -29.94 17.99
N ALA B 348 -34.45 -29.18 19.09
CA ALA B 348 -35.48 -29.12 20.15
C ALA B 348 -36.61 -28.16 19.73
N LYS B 349 -36.74 -27.86 18.44
CA LYS B 349 -37.86 -27.06 17.86
C LYS B 349 -37.93 -25.71 18.58
N GLY B 350 -36.78 -25.05 18.82
CA GLY B 350 -36.68 -23.73 19.47
C GLY B 350 -36.94 -22.60 18.50
N LYS B 351 -37.66 -21.55 18.94
CA LYS B 351 -38.22 -20.45 18.11
C LYS B 351 -37.58 -19.10 18.48
N ALA B 352 -37.18 -18.89 19.74
CA ALA B 352 -36.76 -17.58 20.30
C ALA B 352 -35.24 -17.52 20.54
N LEU B 353 -34.43 -17.69 19.49
CA LEU B 353 -32.93 -17.68 19.57
C LEU B 353 -32.41 -16.24 19.70
N GLY B 354 -31.62 -15.95 20.74
CA GLY B 354 -30.88 -14.67 20.89
C GLY B 354 -30.15 -14.28 19.60
N SER B 355 -30.02 -12.98 19.33
CA SER B 355 -29.39 -12.40 18.11
C SER B 355 -27.86 -12.30 18.27
N ASP B 356 -27.38 -12.43 19.52
CA ASP B 356 -25.96 -12.31 19.93
C ASP B 356 -25.20 -13.63 19.72
N ILE B 357 -25.78 -14.60 18.99
CA ILE B 357 -25.26 -16.00 18.87
C ILE B 357 -24.36 -16.11 17.63
N ASP B 358 -23.12 -16.59 17.79
CA ASP B 358 -22.09 -16.65 16.72
C ASP B 358 -22.14 -18.02 16.03
N GLY B 359 -22.59 -19.06 16.71
CA GLY B 359 -22.78 -20.41 16.11
C GLY B 359 -23.93 -20.47 15.12
N VAL B 360 -23.86 -21.41 14.17
CA VAL B 360 -24.95 -21.69 13.19
C VAL B 360 -25.52 -23.10 13.46
N ASP B 361 -26.78 -23.32 13.07
CA ASP B 361 -27.44 -24.66 13.12
C ASP B 361 -26.78 -25.51 12.04
N LEU B 362 -26.17 -26.63 12.43
CA LEU B 362 -25.29 -27.44 11.56
C LEU B 362 -26.12 -28.43 10.74
N LEU B 363 -27.36 -28.69 11.16
CA LEU B 363 -28.26 -29.73 10.58
C LEU B 363 -28.44 -29.51 9.09
N PRO B 364 -28.87 -28.31 8.60
CA PRO B 364 -28.97 -28.09 7.16
C PRO B 364 -27.67 -28.37 6.37
N TYR B 365 -26.51 -28.16 6.99
CA TYR B 365 -25.18 -28.31 6.32
C TYR B 365 -24.80 -29.80 6.27
N ILE B 366 -25.01 -30.53 7.37
CA ILE B 366 -24.74 -31.99 7.50
C ILE B 366 -25.54 -32.76 6.45
N GLN B 367 -26.83 -32.39 6.30
CA GLN B 367 -27.85 -33.15 5.57
C GLN B 367 -27.79 -32.79 4.07
N GLY B 368 -27.09 -31.71 3.71
CA GLY B 368 -26.83 -31.30 2.32
C GLY B 368 -27.74 -30.17 1.85
N GLU B 369 -28.71 -29.74 2.67
CA GLU B 369 -29.70 -28.70 2.30
C GLU B 369 -29.02 -27.35 2.08
N ASN B 370 -27.90 -27.08 2.78
CA ASN B 370 -27.01 -25.91 2.56
C ASN B 370 -25.62 -26.43 2.21
N THR B 371 -25.10 -26.05 1.04
CA THR B 371 -23.83 -26.51 0.45
C THR B 371 -22.71 -25.53 0.76
N ALA B 372 -23.05 -24.39 1.35
CA ALA B 372 -22.10 -23.30 1.71
C ALA B 372 -21.30 -23.76 2.92
N ARG B 373 -20.10 -23.20 3.12
CA ARG B 373 -19.34 -23.33 4.38
C ARG B 373 -20.19 -22.71 5.48
N PRO B 374 -20.31 -23.37 6.66
CA PRO B 374 -21.08 -22.82 7.77
C PRO B 374 -20.32 -21.71 8.50
N HIS B 375 -19.01 -21.60 8.25
CA HIS B 375 -18.10 -20.52 8.72
C HIS B 375 -17.04 -20.19 7.66
N LYS B 376 -17.09 -18.99 7.10
CA LYS B 376 -16.07 -18.45 6.17
C LYS B 376 -14.86 -18.03 7.00
N VAL B 377 -15.12 -17.19 8.00
CA VAL B 377 -14.12 -16.46 8.83
C VAL B 377 -14.33 -16.99 10.24
N MET B 378 -13.26 -17.52 10.86
CA MET B 378 -13.26 -17.93 12.27
C MET B 378 -12.08 -17.23 12.98
N TYR B 379 -12.20 -17.00 14.28
CA TYR B 379 -11.21 -16.23 15.08
C TYR B 379 -10.89 -16.93 16.39
N TRP B 380 -9.67 -16.73 16.87
CA TRP B 380 -9.26 -17.10 18.25
C TRP B 380 -8.42 -15.97 18.81
N LYS B 381 -8.45 -15.80 20.12
CA LYS B 381 -7.68 -14.73 20.80
C LYS B 381 -7.49 -15.09 22.27
N LYS B 382 -6.24 -15.03 22.70
CA LYS B 382 -5.87 -14.97 24.13
C LYS B 382 -4.79 -13.89 24.23
N GLU B 383 -5.19 -12.67 24.61
CA GLU B 383 -4.26 -11.52 24.75
C GLU B 383 -3.61 -11.30 23.37
N ASN B 384 -2.28 -11.39 23.25
CA ASN B 384 -1.52 -11.00 22.04
C ASN B 384 -1.58 -12.15 21.03
N ARG B 385 -1.74 -13.40 21.50
CA ARG B 385 -1.90 -14.59 20.62
C ARG B 385 -3.32 -14.62 20.07
N ALA B 386 -3.46 -14.57 18.75
CA ALA B 386 -4.75 -14.49 18.04
C ALA B 386 -4.64 -15.17 16.68
N VAL B 387 -5.78 -15.64 16.15
CA VAL B 387 -5.85 -16.31 14.82
C VAL B 387 -7.07 -15.80 14.07
N ILE B 388 -6.90 -15.58 12.77
CA ILE B 388 -8.02 -15.43 11.83
C ILE B 388 -7.84 -16.47 10.72
N ARG B 389 -8.91 -17.24 10.48
CA ARG B 389 -9.02 -18.18 9.36
C ARG B 389 -10.08 -17.62 8.42
N ASP B 390 -9.76 -17.51 7.12
CA ASP B 390 -10.65 -17.02 6.05
C ASP B 390 -10.60 -18.11 4.97
N ASN B 391 -11.61 -18.98 4.96
CA ASN B 391 -11.63 -20.20 4.12
C ASN B 391 -10.55 -21.15 4.65
N ASP B 392 -9.43 -21.33 3.92
CA ASP B 392 -8.35 -22.25 4.35
C ASP B 392 -7.04 -21.49 4.57
N TRP B 393 -7.08 -20.15 4.56
CA TRP B 393 -5.96 -19.27 5.00
C TRP B 393 -6.02 -19.12 6.53
N LYS B 394 -4.91 -19.39 7.21
CA LYS B 394 -4.80 -19.24 8.68
C LYS B 394 -3.68 -18.24 8.99
N LEU B 395 -4.05 -17.09 9.53
CA LEU B 395 -3.08 -16.08 10.01
C LEU B 395 -2.96 -16.26 11.50
N ILE B 396 -1.75 -16.47 11.98
CA ILE B 396 -1.45 -16.62 13.43
C ILE B 396 -0.57 -15.45 13.84
N ARG B 397 -1.02 -14.72 14.85
CA ARG B 397 -0.29 -13.61 15.51
C ARG B 397 0.27 -14.13 16.83
N TYR B 398 1.54 -13.86 17.09
CA TYR B 398 2.24 -14.19 18.35
C TYR B 398 2.84 -12.93 18.97
N PRO B 399 3.18 -12.94 20.28
CA PRO B 399 3.87 -11.81 20.92
C PRO B 399 5.39 -11.81 20.67
N ASP B 400 5.97 -12.93 20.25
CA ASP B 400 7.45 -13.14 20.25
C ASP B 400 7.99 -13.52 18.86
N ARG B 401 7.23 -13.32 17.78
CA ARG B 401 7.74 -13.68 16.42
C ARG B 401 6.81 -13.13 15.36
N PRO B 402 7.26 -13.02 14.08
CA PRO B 402 6.41 -12.45 13.03
C PRO B 402 5.13 -13.27 12.90
N ALA B 403 4.02 -12.65 12.53
CA ALA B 403 2.75 -13.34 12.25
C ALA B 403 2.97 -14.32 11.09
N GLU B 404 2.39 -15.51 11.17
CA GLU B 404 2.59 -16.59 10.16
C GLU B 404 1.28 -16.74 9.39
N LEU B 405 1.36 -17.10 8.11
CA LEU B 405 0.22 -17.41 7.23
C LEU B 405 0.34 -18.84 6.73
N TYR B 406 -0.73 -19.63 6.84
CA TYR B 406 -0.79 -21.03 6.34
C TYR B 406 -2.02 -21.23 5.44
N ASP B 407 -1.83 -22.06 4.43
CA ASP B 407 -2.88 -22.64 3.55
C ASP B 407 -3.19 -24.04 4.08
N LEU B 408 -4.29 -24.18 4.82
CA LEU B 408 -4.66 -25.44 5.51
C LEU B 408 -5.18 -26.47 4.49
N SER B 409 -5.51 -26.04 3.27
CA SER B 409 -6.00 -26.93 2.18
C SER B 409 -4.87 -27.85 1.70
N SER B 410 -3.61 -27.47 1.95
CA SER B 410 -2.41 -28.20 1.45
C SER B 410 -1.31 -28.34 2.52
N ASP B 411 -1.51 -27.83 3.73
CA ASP B 411 -0.48 -27.83 4.80
C ASP B 411 -1.21 -27.84 6.14
N ILE B 412 -1.76 -29.00 6.50
CA ILE B 412 -2.61 -29.21 7.72
C ILE B 412 -1.73 -29.05 8.96
N SER B 413 -0.40 -29.07 8.79
CA SER B 413 0.63 -29.19 9.85
C SER B 413 1.35 -27.86 10.10
N GLU B 414 1.09 -26.82 9.30
CA GLU B 414 1.57 -25.43 9.53
C GLU B 414 3.10 -25.38 9.60
N GLN B 415 3.80 -25.96 8.62
CA GLN B 415 5.29 -25.93 8.54
C GLN B 415 5.75 -24.97 7.43
N THR B 416 4.85 -24.55 6.54
CA THR B 416 5.19 -23.67 5.39
C THR B 416 4.54 -22.30 5.53
N ASP B 417 5.27 -21.36 6.12
CA ASP B 417 4.86 -19.96 6.40
C ASP B 417 4.83 -19.22 5.07
N LEU B 418 3.66 -18.74 4.66
CA LEU B 418 3.42 -18.11 3.34
C LEU B 418 3.26 -16.59 3.50
N ALA B 419 3.52 -16.04 4.70
CA ALA B 419 3.39 -14.62 5.06
C ALA B 419 4.18 -13.73 4.10
N ALA B 420 5.49 -13.95 4.00
CA ALA B 420 6.44 -13.16 3.18
C ALA B 420 5.96 -13.09 1.71
N LYS B 421 5.46 -14.21 1.19
CA LYS B 421 5.09 -14.38 -0.25
C LYS B 421 3.63 -13.96 -0.46
N ASN B 422 2.93 -13.57 0.60
CA ASN B 422 1.52 -13.11 0.55
C ASN B 422 1.35 -11.89 1.44
N PRO B 423 2.00 -10.75 1.11
CA PRO B 423 2.01 -9.61 2.03
C PRO B 423 0.62 -8.96 2.15
N GLU B 424 -0.10 -8.88 1.03
CA GLU B 424 -1.40 -8.18 0.91
C GLU B 424 -2.49 -8.97 1.65
N ARG B 425 -2.43 -10.29 1.57
CA ARG B 425 -3.41 -11.18 2.24
C ARG B 425 -3.19 -11.06 3.76
N VAL B 426 -1.93 -11.04 4.18
CA VAL B 426 -1.56 -10.86 5.62
C VAL B 426 -2.11 -9.53 6.11
N LYS B 427 -1.87 -8.44 5.39
CA LYS B 427 -2.36 -7.09 5.83
C LYS B 427 -3.89 -7.09 5.95
N THR B 428 -4.62 -7.57 4.95
CA THR B 428 -6.10 -7.56 4.96
CA THR B 428 -6.10 -7.55 4.96
C THR B 428 -6.59 -8.38 6.15
N MET B 429 -6.15 -9.65 6.23
CA MET B 429 -6.54 -10.59 7.32
C MET B 429 -6.18 -9.96 8.70
N PHE B 430 -5.02 -9.31 8.82
CA PHE B 430 -4.62 -8.55 10.05
C PHE B 430 -5.67 -7.49 10.37
N LYS B 431 -6.20 -6.79 9.36
CA LYS B 431 -7.23 -5.73 9.56
C LYS B 431 -8.56 -6.39 9.99
N SER B 432 -8.99 -7.45 9.31
CA SER B 432 -10.26 -8.17 9.65
C SER B 432 -10.17 -8.69 11.08
N LEU B 433 -9.03 -9.27 11.47
CA LEU B 433 -8.80 -9.78 12.85
C LEU B 433 -8.91 -8.61 13.86
N PHE B 434 -8.35 -7.46 13.55
CA PHE B 434 -8.43 -6.28 14.45
C PHE B 434 -9.89 -5.84 14.54
N GLU B 435 -10.58 -5.80 13.39
CA GLU B 435 -12.00 -5.39 13.30
C GLU B 435 -12.79 -6.25 14.29
N TRP B 436 -12.51 -7.56 14.35
CA TRP B 436 -13.21 -8.52 15.25
C TRP B 436 -12.82 -8.31 16.72
N GLU B 437 -11.54 -8.03 17.03
CA GLU B 437 -11.07 -7.67 18.40
C GLU B 437 -11.84 -6.46 18.94
N LEU B 438 -12.19 -5.49 18.09
CA LEU B 438 -12.85 -4.24 18.54
C LEU B 438 -14.28 -4.56 19.03
N THR B 439 -14.86 -5.70 18.66
CA THR B 439 -16.23 -6.10 19.08
C THR B 439 -16.21 -6.86 20.41
N LEU B 440 -15.03 -7.03 21.05
CA LEU B 440 -14.86 -7.86 22.26
C LEU B 440 -14.83 -6.95 23.48
N GLU B 441 -15.21 -7.46 24.63
CA GLU B 441 -14.95 -6.80 25.94
C GLU B 441 -13.48 -7.04 26.28
N ARG B 442 -12.93 -6.25 27.22
CA ARG B 442 -11.63 -6.52 27.88
C ARG B 442 -11.85 -7.71 28.82
N PRO B 443 -10.82 -8.56 29.07
CA PRO B 443 -10.96 -9.70 29.97
C PRO B 443 -11.48 -9.35 31.37
N ARG B 444 -12.24 -10.26 32.00
CA ARG B 444 -12.76 -10.08 33.38
C ARG B 444 -11.73 -10.60 34.38
N TRP B 445 -10.70 -11.34 33.92
CA TRP B 445 -9.60 -11.82 34.79
C TRP B 445 -8.36 -12.18 33.96
N LEU B 446 -7.18 -12.12 34.58
CA LEU B 446 -5.86 -12.28 33.90
C LEU B 446 -4.99 -13.30 34.64
N LEU B 447 -4.43 -14.28 33.92
CA LEU B 447 -3.36 -15.19 34.40
C LEU B 447 -2.15 -14.38 34.86
N LYS B 448 -1.36 -14.94 35.78
CA LYS B 448 0.02 -14.47 36.09
C LYS B 448 0.84 -14.45 34.79
N ARG B 449 1.79 -13.53 34.70
CA ARG B 449 2.56 -13.26 33.45
C ARG B 449 3.26 -14.54 32.99
N LYS B 450 3.92 -15.27 33.91
CA LYS B 450 4.86 -16.38 33.59
C LYS B 450 4.22 -17.52 32.77
N TYR B 451 2.88 -17.71 32.78
CA TYR B 451 2.20 -18.80 32.04
C TYR B 451 2.26 -18.54 30.52
N GLU B 452 2.41 -17.30 30.08
CA GLU B 452 2.55 -16.95 28.65
C GLU B 452 3.85 -17.60 28.14
N LYS B 453 4.92 -17.57 28.95
CA LYS B 453 6.24 -18.18 28.63
C LYS B 453 6.09 -19.70 28.49
N TYR B 454 5.40 -20.35 29.44
CA TYR B 454 5.19 -21.81 29.46
C TYR B 454 4.40 -22.23 28.22
N ASP B 455 3.33 -21.51 27.87
CA ASP B 455 2.47 -21.81 26.69
C ASP B 455 3.32 -21.75 25.42
N ILE B 456 4.19 -20.76 25.30
CA ILE B 456 4.99 -20.56 24.05
C ILE B 456 6.14 -21.54 24.00
N ASP B 457 6.78 -21.87 25.12
CA ASP B 457 7.89 -22.87 25.15
C ASP B 457 7.31 -24.24 24.73
N ARG B 458 6.11 -24.59 25.19
CA ARG B 458 5.46 -25.86 24.83
C ARG B 458 5.13 -25.88 23.33
N MET B 459 4.56 -24.79 22.81
CA MET B 459 4.26 -24.61 21.36
C MET B 459 5.51 -24.98 20.56
N ASP B 460 6.66 -24.42 20.92
CA ASP B 460 7.98 -24.61 20.25
C ASP B 460 8.44 -26.04 20.40
N LYS B 461 8.23 -26.66 21.56
CA LYS B 461 8.61 -28.07 21.80
C LYS B 461 7.81 -28.98 20.84
N TYR B 462 6.57 -28.62 20.48
CA TYR B 462 5.67 -29.42 19.62
C TYR B 462 5.31 -28.66 18.33
N ARG B 463 6.31 -27.96 17.73
CA ARG B 463 6.14 -27.08 16.54
C ARG B 463 6.09 -27.93 15.28
N LEU B 464 6.66 -29.15 15.36
CA LEU B 464 6.69 -30.12 14.22
C LEU B 464 5.38 -30.89 14.19
N PRO B 465 5.01 -31.51 13.05
CA PRO B 465 3.82 -32.36 13.00
C PRO B 465 4.01 -33.52 13.99
N ALA B 466 3.02 -33.78 14.84
CA ALA B 466 2.90 -35.04 15.60
C ALA B 466 2.61 -36.17 14.60
N THR B 467 3.12 -37.38 14.84
CA THR B 467 2.86 -38.59 14.03
C THR B 467 2.27 -39.66 14.95
N GLN B 468 1.39 -40.51 14.42
CA GLN B 468 0.95 -41.78 15.09
C GLN B 468 2.20 -42.65 15.29
N PRO B 469 2.39 -43.25 16.49
CA PRO B 469 3.48 -44.21 16.70
N SER C 23 20.52 -37.40 -22.09
CA SER C 23 19.50 -37.09 -23.13
C SER C 23 18.64 -35.91 -22.69
N LYS C 24 18.34 -35.00 -23.62
CA LYS C 24 17.70 -33.67 -23.44
C LYS C 24 16.22 -33.74 -23.76
N PRO C 25 15.32 -33.13 -22.97
CA PRO C 25 13.88 -33.24 -23.19
C PRO C 25 13.42 -32.52 -24.45
N ASN C 26 12.52 -33.18 -25.19
CA ASN C 26 11.68 -32.55 -26.23
C ASN C 26 10.84 -31.44 -25.58
N ILE C 27 10.50 -30.40 -26.35
CA ILE C 27 9.69 -29.25 -25.88
C ILE C 27 8.59 -28.97 -26.89
N VAL C 28 7.34 -28.96 -26.44
CA VAL C 28 6.19 -28.60 -27.30
C VAL C 28 5.46 -27.43 -26.65
N LEU C 29 5.51 -26.27 -27.30
CA LEU C 29 4.79 -25.04 -26.85
C LEU C 29 3.55 -24.91 -27.72
N ILE C 30 2.39 -25.29 -27.17
CA ILE C 30 1.08 -25.12 -27.85
C ILE C 30 0.53 -23.76 -27.42
N PHE C 31 0.32 -22.87 -28.38
CA PHE C 31 -0.04 -21.45 -28.15
C PHE C 31 -1.29 -21.14 -28.96
N ALA C 32 -2.43 -20.99 -28.28
CA ALA C 32 -3.72 -20.66 -28.90
C ALA C 32 -3.79 -19.14 -29.13
N ASP C 33 -4.80 -18.71 -29.90
CA ASP C 33 -4.95 -17.30 -30.31
C ASP C 33 -6.33 -16.80 -29.84
N ASP C 34 -6.35 -15.70 -29.08
CA ASP C 34 -7.57 -14.96 -28.70
C ASP C 34 -8.57 -15.85 -27.93
N ALA C 35 -8.09 -16.80 -27.14
CA ALA C 35 -8.93 -17.76 -26.38
C ALA C 35 -9.44 -17.10 -25.10
N GLY C 36 -10.61 -17.54 -24.64
CA GLY C 36 -11.22 -17.07 -23.39
C GLY C 36 -10.50 -17.65 -22.19
N PHE C 37 -10.25 -16.84 -21.16
CA PHE C 37 -9.65 -17.29 -19.89
C PHE C 37 -10.54 -18.39 -19.31
N GLY C 38 -11.85 -18.32 -19.55
CA GLY C 38 -12.86 -19.20 -18.95
C GLY C 38 -13.38 -20.27 -19.88
N ASP C 39 -12.81 -20.41 -21.09
CA ASP C 39 -13.36 -21.24 -22.20
C ASP C 39 -12.54 -22.53 -22.37
N PHE C 40 -12.14 -23.16 -21.25
CA PHE C 40 -11.53 -24.51 -21.19
C PHE C 40 -12.06 -25.24 -19.94
N GLY C 41 -12.33 -26.55 -20.07
CA GLY C 41 -12.76 -27.43 -18.96
C GLY C 41 -11.94 -27.20 -17.69
N PHE C 42 -10.61 -27.21 -17.82
CA PHE C 42 -9.65 -27.04 -16.70
C PHE C 42 -9.70 -25.59 -16.17
N GLN C 43 -10.37 -24.66 -16.86
CA GLN C 43 -10.58 -23.25 -16.44
C GLN C 43 -11.98 -23.06 -15.86
N GLY C 44 -12.81 -24.11 -15.86
CA GLY C 44 -14.12 -24.11 -15.19
C GLY C 44 -15.25 -23.89 -16.17
N SER C 45 -15.05 -24.13 -17.46
CA SER C 45 -16.11 -24.04 -18.51
C SER C 45 -17.13 -25.17 -18.31
N THR C 46 -18.42 -24.83 -18.35
CA THR C 46 -19.55 -25.80 -18.35
C THR C 46 -19.84 -26.19 -19.80
N GLN C 47 -20.06 -25.19 -20.67
CA GLN C 47 -20.54 -25.32 -22.08
C GLN C 47 -19.49 -25.95 -23.01
N LEU C 48 -18.26 -25.45 -22.97
CA LEU C 48 -17.20 -25.84 -23.94
C LEU C 48 -16.56 -27.16 -23.53
N LYS C 49 -15.99 -27.86 -24.51
CA LYS C 49 -15.39 -29.21 -24.35
C LYS C 49 -13.91 -29.14 -24.79
N THR C 50 -12.98 -29.43 -23.86
CA THR C 50 -11.52 -29.48 -24.11
C THR C 50 -10.94 -30.73 -23.42
N PRO C 51 -11.45 -31.94 -23.75
CA PRO C 51 -11.00 -33.17 -23.08
C PRO C 51 -9.49 -33.48 -23.14
N ASN C 52 -8.82 -33.21 -24.26
CA ASN C 52 -7.38 -33.51 -24.44
C ASN C 52 -6.55 -32.56 -23.57
N LEU C 53 -6.91 -31.27 -23.59
CA LEU C 53 -6.25 -30.24 -22.76
C LEU C 53 -6.63 -30.46 -21.30
N ASP C 54 -7.81 -31.01 -20.99
CA ASP C 54 -8.18 -31.39 -19.59
C ASP C 54 -7.20 -32.45 -19.10
N LYS C 55 -6.90 -33.46 -19.92
CA LYS C 55 -5.89 -34.51 -19.57
C LYS C 55 -4.53 -33.85 -19.43
N LEU C 56 -4.21 -32.86 -20.26
CA LEU C 56 -2.89 -32.17 -20.21
C LEU C 56 -2.72 -31.45 -18.88
N ALA C 57 -3.76 -30.75 -18.42
CA ALA C 57 -3.82 -30.04 -17.12
C ALA C 57 -3.57 -31.01 -15.95
N GLN C 58 -4.32 -32.13 -15.91
CA GLN C 58 -4.25 -33.16 -14.84
C GLN C 58 -2.89 -33.84 -14.83
N SER C 59 -2.13 -33.81 -15.94
CA SER C 59 -0.84 -34.53 -16.07
C SER C 59 0.30 -33.69 -15.51
N GLY C 60 0.04 -32.42 -15.17
CA GLY C 60 1.09 -31.46 -14.79
C GLY C 60 0.57 -30.31 -13.94
N VAL C 61 1.18 -29.13 -14.09
CA VAL C 61 0.91 -27.94 -13.25
C VAL C 61 0.04 -26.96 -14.04
N ARG C 62 -1.11 -26.59 -13.46
CA ARG C 62 -1.95 -25.47 -13.95
C ARG C 62 -1.59 -24.23 -13.15
N PHE C 63 -1.25 -23.15 -13.84
CA PHE C 63 -0.98 -21.81 -13.28
C PHE C 63 -2.28 -21.00 -13.24
N THR C 64 -2.63 -20.46 -12.07
CA THR C 64 -3.86 -19.66 -11.83
C THR C 64 -3.58 -18.17 -12.10
N GLN C 65 -2.32 -17.77 -12.27
CA GLN C 65 -1.91 -16.36 -12.50
C GLN C 65 -0.80 -16.32 -13.56
N GLY C 66 -1.08 -16.91 -14.71
CA GLY C 66 -0.16 -16.92 -15.87
C GLY C 66 -0.49 -15.75 -16.76
N TYR C 67 0.53 -14.98 -17.15
CA TYR C 67 0.37 -13.72 -17.91
C TYR C 67 1.16 -13.82 -19.22
N VAL C 68 0.62 -13.18 -20.25
CA VAL C 68 1.35 -12.76 -21.49
C VAL C 68 1.96 -11.39 -21.22
N SER C 69 2.90 -10.94 -22.06
CA SER C 69 3.64 -9.66 -21.91
C SER C 69 2.89 -8.47 -22.55
N ASP C 70 1.79 -8.73 -23.27
CA ASP C 70 0.87 -7.70 -23.78
C ASP C 70 -0.51 -8.33 -24.03
N SER C 71 -1.55 -7.50 -24.07
CA SER C 71 -2.94 -7.96 -24.32
C SER C 71 -3.26 -7.88 -25.82
N THR C 72 -2.26 -7.88 -26.72
CA THR C 72 -2.46 -8.08 -28.18
C THR C 72 -1.42 -9.07 -28.76
N CYS C 73 -1.74 -9.67 -29.93
CA CYS C 73 -1.06 -10.81 -30.61
C CYS C 73 0.46 -10.58 -30.74
N GLY C 74 0.86 -9.50 -31.41
CA GLY C 74 2.24 -9.28 -31.89
C GLY C 74 3.22 -9.02 -30.75
N PRO C 75 2.98 -7.98 -29.92
CA PRO C 75 3.86 -7.69 -28.79
C PRO C 75 3.97 -8.89 -27.85
N SER C 76 2.88 -9.65 -27.70
CA SER C 76 2.82 -10.86 -26.85
C SER C 76 3.86 -11.86 -27.37
N ARG C 77 3.69 -12.25 -28.64
CA ARG C 77 4.57 -13.22 -29.33
C ARG C 77 6.05 -12.75 -29.27
N ALA C 78 6.30 -11.46 -29.47
CA ALA C 78 7.66 -10.89 -29.39
C ALA C 78 8.28 -11.17 -28.02
N GLY C 79 7.53 -10.98 -26.94
CA GLY C 79 8.00 -11.28 -25.58
C GLY C 79 8.26 -12.76 -25.40
N LEU C 80 7.28 -13.58 -25.77
CA LEU C 80 7.37 -15.06 -25.67
C LEU C 80 8.68 -15.50 -26.33
N MET C 81 8.89 -15.05 -27.57
CA MET C 81 10.01 -15.50 -28.44
C MET C 81 11.36 -15.08 -27.88
N THR C 82 11.44 -14.00 -27.08
CA THR C 82 12.73 -13.42 -26.62
C THR C 82 12.95 -13.59 -25.13
N GLY C 83 11.91 -13.82 -24.32
CA GLY C 83 12.08 -13.88 -22.86
C GLY C 83 12.39 -12.51 -22.27
N LYS C 84 12.08 -11.45 -23.04
CA LYS C 84 12.40 -10.04 -22.73
C LYS C 84 11.12 -9.21 -22.84
N TYR C 85 10.95 -8.19 -22.00
CA TYR C 85 9.93 -7.13 -22.20
C TYR C 85 10.15 -6.57 -23.60
N GLN C 86 9.23 -6.91 -24.51
CA GLN C 86 9.29 -6.59 -25.96
C GLN C 86 9.36 -5.06 -26.17
N GLN C 87 8.91 -4.26 -25.21
CA GLN C 87 9.01 -2.77 -25.31
C GLN C 87 10.48 -2.32 -25.26
N ARG C 88 11.38 -3.09 -24.62
CA ARG C 88 12.83 -2.76 -24.48
C ARG C 88 13.55 -2.74 -25.85
N PHE C 89 12.91 -3.21 -26.92
CA PHE C 89 13.44 -3.15 -28.30
C PHE C 89 12.37 -2.62 -29.26
N GLY C 90 11.41 -1.85 -28.74
CA GLY C 90 10.54 -0.96 -29.52
C GLY C 90 9.28 -1.64 -30.02
N TYR C 91 9.10 -2.93 -29.72
CA TYR C 91 7.95 -3.77 -30.16
C TYR C 91 6.76 -3.51 -29.22
N GLU C 92 6.20 -2.30 -29.25
CA GLU C 92 5.25 -1.82 -28.20
C GLU C 92 3.79 -2.03 -28.62
N GLU C 93 3.45 -1.62 -29.83
CA GLU C 93 2.06 -1.60 -30.38
C GLU C 93 1.97 -2.74 -31.38
N ILE C 94 0.77 -3.25 -31.67
CA ILE C 94 0.59 -4.43 -32.58
C ILE C 94 1.00 -4.06 -34.02
N ASN C 95 1.73 -4.96 -34.68
CA ASN C 95 2.14 -4.85 -36.10
C ASN C 95 1.04 -5.42 -37.00
N VAL C 96 0.12 -4.56 -37.47
CA VAL C 96 -0.96 -4.95 -38.44
C VAL C 96 -0.78 -4.13 -39.71
N PRO C 97 -0.20 -4.73 -40.78
CA PRO C 97 -0.09 -4.06 -42.07
C PRO C 97 -1.43 -3.47 -42.52
N GLY C 98 -1.44 -2.19 -42.91
CA GLY C 98 -2.63 -1.43 -43.37
C GLY C 98 -3.35 -0.69 -42.25
N PHE C 99 -2.93 -0.86 -40.98
CA PHE C 99 -3.58 -0.28 -39.77
C PHE C 99 -2.66 0.74 -39.08
N MET C 100 -1.45 0.93 -39.58
CA MET C 100 -0.42 1.79 -38.95
C MET C 100 -0.61 3.24 -39.42
N SER C 101 -0.22 4.20 -38.58
CA SER C 101 -0.20 5.65 -38.91
C SER C 101 0.65 5.88 -40.17
N GLY C 102 0.17 6.76 -41.08
CA GLY C 102 1.00 7.31 -42.17
C GLY C 102 2.30 7.94 -41.65
N ASN C 103 2.39 8.27 -40.36
CA ASN C 103 3.62 8.85 -39.75
C ASN C 103 4.54 7.75 -39.19
N SER C 104 4.06 6.51 -39.07
CA SER C 104 4.77 5.33 -38.48
C SER C 104 6.11 5.09 -39.16
N ALA C 105 7.15 4.87 -38.34
CA ALA C 105 8.55 4.67 -38.76
C ALA C 105 8.66 3.50 -39.73
N LEU C 106 7.98 2.38 -39.45
CA LEU C 106 7.98 1.16 -40.29
C LEU C 106 6.52 0.77 -40.55
N LYS C 107 6.18 0.42 -41.80
CA LYS C 107 4.85 -0.04 -42.26
C LYS C 107 5.02 -1.37 -43.01
N GLY C 108 3.93 -2.10 -43.18
CA GLY C 108 3.85 -3.37 -43.92
C GLY C 108 4.90 -4.37 -43.45
N ALA C 109 5.63 -4.94 -44.41
CA ALA C 109 6.59 -6.06 -44.24
C ALA C 109 7.79 -5.65 -43.37
N ASP C 110 8.07 -4.34 -43.26
CA ASP C 110 9.22 -3.79 -42.49
C ASP C 110 8.97 -3.87 -40.98
N MET C 111 7.71 -4.01 -40.57
CA MET C 111 7.31 -4.33 -39.17
C MET C 111 7.60 -5.80 -38.88
N GLY C 112 8.45 -6.06 -37.88
CA GLY C 112 8.86 -7.40 -37.46
C GLY C 112 9.77 -7.33 -36.26
N LEU C 113 10.09 -8.49 -35.70
CA LEU C 113 10.97 -8.62 -34.52
C LEU C 113 12.38 -8.16 -34.90
N PRO C 114 12.92 -7.08 -34.28
CA PRO C 114 14.27 -6.62 -34.63
C PRO C 114 15.23 -7.82 -34.69
N LEU C 115 16.12 -7.79 -35.69
CA LEU C 115 17.05 -8.89 -36.09
C LEU C 115 18.14 -9.10 -35.01
N ASP C 116 18.49 -8.05 -34.25
CA ASP C 116 19.48 -8.10 -33.15
C ASP C 116 18.96 -8.96 -31.99
N GLN C 117 17.66 -9.27 -31.96
CA GLN C 117 17.04 -10.11 -30.91
C GLN C 117 17.23 -11.58 -31.28
N LYS C 118 17.58 -12.38 -30.27
CA LYS C 118 17.84 -13.84 -30.30
C LYS C 118 16.57 -14.54 -29.83
N THR C 119 15.99 -15.40 -30.67
CA THR C 119 14.69 -16.07 -30.41
C THR C 119 14.87 -17.35 -29.56
N MET C 120 13.75 -17.86 -29.09
CA MET C 120 13.61 -19.18 -28.41
C MET C 120 14.21 -20.27 -29.32
N GLY C 121 13.90 -20.22 -30.61
CA GLY C 121 14.44 -21.11 -31.67
C GLY C 121 15.96 -21.11 -31.69
N ASP C 122 16.58 -19.93 -31.87
CA ASP C 122 18.04 -19.69 -31.88
C ASP C 122 18.69 -20.36 -30.65
N TYR C 123 18.15 -20.12 -29.45
CA TYR C 123 18.69 -20.65 -28.17
C TYR C 123 18.67 -22.19 -28.17
N LEU C 124 17.60 -22.80 -28.65
CA LEU C 124 17.42 -24.27 -28.63
C LEU C 124 18.18 -24.93 -29.81
N LYS C 125 18.34 -24.24 -30.95
CA LYS C 125 19.19 -24.71 -32.09
C LYS C 125 20.65 -24.82 -31.61
N GLU C 126 21.13 -23.92 -30.75
CA GLU C 126 22.52 -23.92 -30.20
C GLU C 126 22.72 -25.12 -29.25
N GLN C 127 21.64 -25.62 -28.64
CA GLN C 127 21.66 -26.81 -27.75
C GLN C 127 21.42 -28.09 -28.58
N GLY C 128 21.39 -27.97 -29.91
CA GLY C 128 21.32 -29.10 -30.84
C GLY C 128 19.93 -29.68 -31.00
N TYR C 129 18.88 -28.88 -30.74
CA TYR C 129 17.48 -29.25 -31.02
C TYR C 129 17.19 -29.06 -32.51
N LYS C 130 16.40 -29.95 -33.08
CA LYS C 130 15.64 -29.71 -34.34
C LYS C 130 14.43 -28.83 -33.96
N THR C 131 14.21 -27.73 -34.67
CA THR C 131 13.23 -26.67 -34.28
C THR C 131 12.18 -26.49 -35.39
N ALA C 132 10.91 -26.28 -35.02
CA ALA C 132 9.82 -26.08 -35.98
C ALA C 132 8.73 -25.14 -35.41
N VAL C 133 8.01 -24.48 -36.32
CA VAL C 133 6.88 -23.60 -35.96
C VAL C 133 5.77 -23.89 -36.97
N PHE C 134 4.57 -24.19 -36.47
CA PHE C 134 3.36 -24.53 -37.26
C PHE C 134 2.29 -23.48 -36.98
N GLY C 135 1.70 -22.89 -38.02
CA GLY C 135 0.62 -21.88 -37.90
C GLY C 135 1.12 -20.44 -37.82
N LYS C 136 0.60 -19.65 -36.89
CA LYS C 136 0.67 -18.16 -36.88
C LYS C 136 2.06 -17.73 -36.41
N TRP C 137 2.78 -17.00 -37.26
CA TRP C 137 4.10 -16.38 -36.94
C TRP C 137 3.87 -14.96 -36.40
N HIS C 138 3.49 -14.02 -37.24
CA HIS C 138 3.09 -12.61 -36.90
C HIS C 138 4.24 -11.80 -36.29
N LEU C 139 5.50 -12.15 -36.56
CA LEU C 139 6.70 -11.40 -36.09
C LEU C 139 7.45 -10.82 -37.29
N GLY C 140 6.74 -10.59 -38.40
CA GLY C 140 7.25 -9.89 -39.59
C GLY C 140 7.06 -10.71 -40.85
N ASP C 141 6.64 -10.01 -41.93
CA ASP C 141 6.22 -10.56 -43.24
C ASP C 141 7.38 -10.56 -44.23
N ALA C 142 8.32 -9.62 -44.11
CA ALA C 142 9.49 -9.49 -45.01
C ALA C 142 10.39 -10.69 -44.80
N ASP C 143 11.08 -11.12 -45.86
CA ASP C 143 11.88 -12.38 -45.91
C ASP C 143 12.84 -12.41 -44.71
N ARG C 144 13.41 -11.25 -44.31
CA ARG C 144 14.45 -11.18 -43.24
C ARG C 144 13.84 -11.52 -41.87
N PHE C 145 12.53 -11.38 -41.70
CA PHE C 145 11.80 -11.67 -40.43
C PHE C 145 11.24 -13.09 -40.42
N HIS C 146 11.49 -13.88 -41.48
CA HIS C 146 10.92 -15.24 -41.69
C HIS C 146 11.42 -16.19 -40.60
N PRO C 147 10.57 -17.14 -40.14
CA PRO C 147 10.95 -18.13 -39.13
C PRO C 147 12.30 -18.84 -39.37
N LEU C 148 12.61 -19.16 -40.63
CA LEU C 148 13.83 -19.96 -40.96
C LEU C 148 15.08 -19.07 -40.83
N LYS C 149 14.90 -17.76 -40.69
CA LYS C 149 16.00 -16.81 -40.35
C LYS C 149 16.09 -16.64 -38.83
N ARG C 150 15.09 -17.08 -38.07
CA ARG C 150 14.96 -16.79 -36.62
C ARG C 150 15.10 -18.06 -35.77
N GLY C 151 15.81 -19.08 -36.27
CA GLY C 151 16.23 -20.27 -35.49
C GLY C 151 15.28 -21.45 -35.61
N PHE C 152 14.45 -21.48 -36.65
CA PHE C 152 13.55 -22.62 -36.97
C PHE C 152 14.05 -23.30 -38.25
N ASP C 153 14.29 -24.60 -38.18
CA ASP C 153 14.73 -25.42 -39.34
C ASP C 153 13.51 -25.64 -40.24
N THR C 154 12.31 -25.69 -39.67
CA THR C 154 11.05 -26.13 -40.34
C THR C 154 9.93 -25.13 -40.08
N PHE C 155 9.01 -24.97 -41.04
CA PHE C 155 7.89 -24.00 -40.98
C PHE C 155 6.72 -24.54 -41.80
N LEU C 156 5.53 -24.61 -41.19
CA LEU C 156 4.25 -24.64 -41.93
C LEU C 156 3.26 -23.71 -41.25
N GLY C 157 3.05 -22.53 -41.82
CA GLY C 157 2.03 -21.61 -41.31
C GLY C 157 1.91 -20.42 -42.22
N PHE C 158 1.61 -19.26 -41.63
CA PHE C 158 1.46 -17.96 -42.34
C PHE C 158 2.21 -16.89 -41.54
N ARG C 159 2.78 -15.93 -42.25
CA ARG C 159 3.62 -14.83 -41.70
C ARG C 159 2.77 -13.80 -40.95
N GLY C 160 1.52 -13.60 -41.38
CA GLY C 160 0.64 -12.48 -40.95
C GLY C 160 -0.05 -12.76 -39.61
N GLY C 161 -1.19 -12.13 -39.37
CA GLY C 161 -1.91 -12.15 -38.07
C GLY C 161 -3.12 -13.09 -38.06
N ASP C 162 -3.78 -13.27 -39.21
CA ASP C 162 -4.99 -14.13 -39.33
C ASP C 162 -5.23 -14.57 -40.78
N ARG C 163 -6.04 -15.62 -40.96
CA ARG C 163 -6.42 -16.20 -42.27
C ARG C 163 -7.58 -17.19 -42.11
N SER C 164 -8.22 -17.54 -43.23
CA SER C 164 -9.30 -18.56 -43.28
C SER C 164 -8.79 -19.91 -42.75
N TYR C 165 -9.68 -20.65 -42.08
CA TYR C 165 -9.42 -22.00 -41.54
C TYR C 165 -9.60 -23.04 -42.67
N PHE C 166 -9.99 -22.59 -43.86
CA PHE C 166 -10.08 -23.41 -45.09
C PHE C 166 -9.23 -22.78 -46.19
N ASN C 167 -9.07 -23.49 -47.31
CA ASN C 167 -8.24 -23.06 -48.46
C ASN C 167 -8.81 -21.76 -49.03
N TYR C 168 -7.95 -20.91 -49.57
CA TYR C 168 -8.31 -19.74 -50.42
C TYR C 168 -8.35 -20.18 -51.88
N SER C 169 -9.35 -19.73 -52.65
CA SER C 169 -9.49 -19.99 -54.10
C SER C 169 -8.32 -19.34 -54.84
N GLU C 170 -8.04 -19.76 -56.08
CA GLU C 170 -7.11 -19.05 -57.01
C GLU C 170 -7.60 -17.60 -57.16
N GLN C 171 -8.93 -17.41 -57.28
CA GLN C 171 -9.62 -16.11 -57.40
C GLN C 171 -9.20 -15.16 -56.26
N GLU C 172 -9.48 -15.53 -55.01
CA GLU C 172 -9.25 -14.70 -53.79
C GLU C 172 -7.76 -14.36 -53.65
N MET C 173 -6.87 -15.28 -54.02
CA MET C 173 -5.39 -15.12 -53.87
C MET C 173 -4.89 -14.08 -54.90
N LYS C 174 -5.42 -14.12 -56.12
CA LYS C 174 -5.06 -13.20 -57.24
C LYS C 174 -5.64 -11.81 -56.98
N ASN C 175 -6.88 -11.75 -56.46
CA ASN C 175 -7.63 -10.48 -56.20
C ASN C 175 -7.56 -10.14 -54.70
N GLY C 176 -6.35 -10.08 -54.15
CA GLY C 176 -6.08 -9.65 -52.76
C GLY C 176 -5.18 -8.42 -52.71
N ASN C 177 -5.30 -7.59 -51.66
CA ASN C 177 -4.51 -6.33 -51.50
C ASN C 177 -3.04 -6.70 -51.23
N LYS C 178 -2.15 -5.70 -51.14
CA LYS C 178 -0.67 -5.90 -51.16
C LYS C 178 -0.22 -6.72 -49.94
N HIS C 179 -1.03 -6.75 -48.86
CA HIS C 179 -0.69 -7.38 -47.55
C HIS C 179 -1.31 -8.77 -47.39
N PHE C 180 -2.03 -9.26 -48.40
CA PHE C 180 -2.73 -10.57 -48.37
C PHE C 180 -1.75 -11.76 -48.49
N PHE C 181 -0.54 -11.54 -48.99
CA PHE C 181 0.50 -12.60 -49.18
C PHE C 181 0.92 -13.20 -47.83
N ASP C 182 0.71 -12.46 -46.72
CA ASP C 182 1.10 -12.89 -45.35
C ASP C 182 0.08 -13.90 -44.79
N LYS C 183 -1.11 -13.97 -45.37
CA LYS C 183 -2.23 -14.84 -44.92
C LYS C 183 -2.14 -16.24 -45.57
N LYS C 184 -1.23 -16.45 -46.53
CA LYS C 184 -1.18 -17.68 -47.38
C LYS C 184 -0.35 -18.78 -46.71
N LEU C 185 -0.81 -20.03 -46.74
CA LEU C 185 -0.14 -21.16 -46.04
C LEU C 185 1.16 -21.54 -46.76
N GLU C 186 2.22 -21.72 -45.96
CA GLU C 186 3.63 -21.68 -46.41
C GLU C 186 4.38 -22.85 -45.75
N ARG C 187 5.08 -23.66 -46.56
CA ARG C 187 6.06 -24.67 -46.08
C ARG C 187 7.46 -24.08 -46.23
N ASP C 188 8.28 -24.13 -45.18
CA ASP C 188 9.65 -23.58 -45.16
C ASP C 188 9.63 -22.26 -45.92
N PHE C 189 10.60 -21.98 -46.81
CA PHE C 189 10.84 -20.62 -47.36
C PHE C 189 10.20 -20.43 -48.75
N GLY C 190 8.92 -20.06 -48.76
CA GLY C 190 8.22 -19.56 -49.95
C GLY C 190 7.59 -20.67 -50.78
N ASN C 191 7.34 -21.84 -50.18
CA ASN C 191 6.59 -22.96 -50.80
C ASN C 191 5.12 -22.78 -50.42
N TYR C 192 4.39 -21.95 -51.17
CA TYR C 192 2.98 -21.58 -50.86
C TYR C 192 2.07 -22.70 -51.35
N GLU C 193 1.47 -23.44 -50.43
CA GLU C 193 0.38 -24.42 -50.69
C GLU C 193 -0.73 -24.26 -49.65
N GLU C 194 -1.98 -24.30 -50.09
CA GLU C 194 -3.19 -24.10 -49.26
C GLU C 194 -3.57 -25.41 -48.59
N PRO C 195 -4.19 -25.36 -47.38
CA PRO C 195 -4.55 -26.57 -46.67
C PRO C 195 -5.66 -27.30 -47.44
N LYS C 196 -5.65 -28.63 -47.43
CA LYS C 196 -6.68 -29.48 -48.11
C LYS C 196 -7.74 -29.90 -47.10
N GLU C 197 -7.80 -29.18 -45.97
CA GLU C 197 -8.51 -29.64 -44.74
C GLU C 197 -8.57 -28.45 -43.75
N TYR C 198 -9.49 -28.47 -42.80
CA TYR C 198 -9.60 -27.49 -41.69
C TYR C 198 -8.18 -27.20 -41.16
N LEU C 199 -7.80 -25.93 -41.17
CA LEU C 199 -6.41 -25.52 -40.87
C LEU C 199 -5.97 -26.05 -39.50
N THR C 200 -6.82 -25.96 -38.48
CA THR C 200 -6.51 -26.45 -37.10
C THR C 200 -6.10 -27.93 -37.16
N ASP C 201 -6.78 -28.75 -37.96
CA ASP C 201 -6.49 -30.20 -38.09
C ASP C 201 -5.18 -30.37 -38.85
N VAL C 202 -4.94 -29.57 -39.90
CA VAL C 202 -3.69 -29.61 -40.72
C VAL C 202 -2.50 -29.25 -39.81
N LEU C 203 -2.66 -28.27 -38.93
CA LEU C 203 -1.54 -27.80 -38.08
C LEU C 203 -1.20 -28.91 -37.08
N GLY C 204 -2.20 -29.46 -36.40
CA GLY C 204 -1.98 -30.55 -35.43
C GLY C 204 -1.25 -31.71 -36.09
N LYS C 205 -1.73 -32.15 -37.25
CA LYS C 205 -1.29 -33.40 -37.92
C LYS C 205 0.12 -33.23 -38.50
N GLU C 206 0.51 -32.00 -38.82
CA GLU C 206 1.88 -31.72 -39.31
C GLU C 206 2.83 -31.68 -38.12
N ALA C 207 2.41 -31.17 -36.97
CA ALA C 207 3.17 -31.24 -35.71
C ALA C 207 3.44 -32.73 -35.38
N ALA C 208 2.44 -33.59 -35.57
CA ALA C 208 2.52 -35.03 -35.24
C ALA C 208 3.49 -35.72 -36.21
N LYS C 209 3.35 -35.48 -37.51
CA LYS C 209 4.31 -35.97 -38.54
C LYS C 209 5.73 -35.58 -38.13
N TYR C 210 5.93 -34.32 -37.76
CA TYR C 210 7.27 -33.76 -37.45
C TYR C 210 7.85 -34.43 -36.21
N ILE C 211 7.02 -34.70 -35.19
CA ILE C 211 7.43 -35.50 -34.00
C ILE C 211 7.89 -36.88 -34.46
N GLU C 212 7.13 -37.57 -35.31
CA GLU C 212 7.48 -38.95 -35.74
C GLU C 212 8.76 -38.91 -36.59
N GLN C 213 8.87 -37.93 -37.49
CA GLN C 213 10.04 -37.79 -38.42
C GLN C 213 11.32 -37.50 -37.60
N ASN C 214 11.19 -36.93 -36.40
CA ASN C 214 12.33 -36.50 -35.55
C ASN C 214 12.31 -37.22 -34.20
N LYS C 215 11.80 -38.46 -34.14
CA LYS C 215 11.53 -39.19 -32.86
C LYS C 215 12.83 -39.50 -32.09
N ASP C 216 14.00 -39.45 -32.75
CA ASP C 216 15.29 -39.98 -32.22
C ASP C 216 16.17 -38.88 -31.64
N GLU C 217 16.16 -37.71 -32.26
CA GLU C 217 16.92 -36.52 -31.82
C GLU C 217 15.99 -35.69 -30.92
N PRO C 218 16.51 -34.79 -30.06
CA PRO C 218 15.67 -33.83 -29.36
C PRO C 218 15.04 -32.80 -30.32
N PHE C 219 13.75 -32.48 -30.15
CA PHE C 219 13.03 -31.48 -30.99
C PHE C 219 12.35 -30.41 -30.14
N PHE C 220 12.14 -29.23 -30.74
CA PHE C 220 11.37 -28.08 -30.19
C PHE C 220 10.30 -27.66 -31.21
N ILE C 221 9.02 -27.76 -30.83
CA ILE C 221 7.88 -27.36 -31.70
C ILE C 221 7.12 -26.22 -31.03
N TYR C 222 7.14 -25.05 -31.66
CA TYR C 222 6.21 -23.91 -31.41
C TYR C 222 4.98 -24.16 -32.29
N LEU C 223 3.89 -24.64 -31.68
CA LEU C 223 2.60 -24.88 -32.37
C LEU C 223 1.68 -23.68 -32.08
N ALA C 224 1.68 -22.70 -32.98
CA ALA C 224 0.89 -21.46 -32.87
C ALA C 224 -0.38 -21.60 -33.72
N PHE C 225 -1.41 -22.22 -33.14
CA PHE C 225 -2.77 -22.31 -33.73
C PHE C 225 -3.30 -20.90 -33.93
N ASN C 226 -3.86 -20.63 -35.11
CA ASN C 226 -4.65 -19.39 -35.39
C ASN C 226 -5.97 -19.48 -34.63
N ALA C 227 -6.41 -20.70 -34.27
CA ALA C 227 -7.57 -20.95 -33.38
C ALA C 227 -7.30 -20.26 -32.05
N VAL C 228 -8.25 -19.49 -31.52
CA VAL C 228 -9.61 -19.33 -32.00
C VAL C 228 -9.80 -17.89 -32.48
N HIS C 229 -8.79 -17.34 -33.13
CA HIS C 229 -8.86 -15.98 -33.75
C HIS C 229 -9.95 -16.02 -34.83
N THR C 230 -10.62 -14.90 -35.07
CA THR C 230 -11.45 -14.70 -36.28
C THR C 230 -10.57 -15.03 -37.48
N PRO C 231 -11.15 -15.34 -38.66
CA PRO C 231 -12.61 -15.42 -38.83
C PRO C 231 -13.23 -16.66 -38.18
N LEU C 232 -14.49 -16.56 -37.78
CA LEU C 232 -15.26 -17.65 -37.14
C LEU C 232 -15.65 -18.71 -38.17
N GLU C 233 -14.87 -19.78 -38.26
CA GLU C 233 -14.95 -20.84 -39.29
C GLU C 233 -14.69 -22.18 -38.60
N SER C 234 -15.58 -23.17 -38.78
CA SER C 234 -15.48 -24.48 -38.07
C SER C 234 -15.73 -25.64 -39.05
N ASP C 235 -15.24 -26.82 -38.68
CA ASP C 235 -15.72 -28.12 -39.20
C ASP C 235 -17.23 -28.18 -38.94
N PRO C 236 -18.06 -28.43 -39.97
CA PRO C 236 -19.48 -28.74 -39.74
C PRO C 236 -19.67 -29.90 -38.75
N LYS C 237 -18.74 -30.87 -38.72
CA LYS C 237 -18.69 -31.98 -37.73
C LYS C 237 -18.73 -31.41 -36.29
N ASP C 238 -18.04 -30.30 -36.03
CA ASP C 238 -17.89 -29.71 -34.67
C ASP C 238 -19.18 -28.96 -34.29
N LEU C 239 -19.83 -28.32 -35.27
CA LEU C 239 -21.04 -27.46 -35.09
C LEU C 239 -22.22 -28.31 -34.62
N ALA C 240 -22.35 -29.53 -35.15
CA ALA C 240 -23.44 -30.49 -34.86
C ALA C 240 -23.37 -30.93 -33.40
N LYS C 241 -22.21 -30.77 -32.75
CA LYS C 241 -21.97 -31.19 -31.33
C LYS C 241 -22.50 -30.12 -30.36
N PHE C 242 -22.86 -28.92 -30.86
CA PHE C 242 -23.32 -27.78 -30.04
C PHE C 242 -24.63 -27.23 -30.60
N PRO C 243 -25.72 -28.03 -30.64
CA PRO C 243 -26.98 -27.57 -31.22
C PRO C 243 -27.60 -26.45 -30.37
N ASN C 244 -27.45 -26.54 -29.04
CA ASN C 244 -28.07 -25.60 -28.06
C ASN C 244 -27.40 -24.23 -28.12
N LEU C 245 -26.15 -24.14 -28.59
CA LEU C 245 -25.42 -22.86 -28.72
C LEU C 245 -25.84 -22.19 -30.02
N THR C 246 -25.57 -20.88 -30.16
CA THR C 246 -26.14 -19.98 -31.19
C THR C 246 -25.08 -18.92 -31.57
N GLY C 247 -25.07 -18.49 -32.83
CA GLY C 247 -24.18 -17.42 -33.34
C GLY C 247 -22.72 -17.70 -33.07
N LYS C 248 -21.99 -16.65 -32.71
CA LYS C 248 -20.51 -16.60 -32.52
C LYS C 248 -20.10 -17.59 -31.42
N ARG C 249 -20.96 -17.83 -30.42
CA ARG C 249 -20.71 -18.80 -29.32
C ARG C 249 -20.70 -20.24 -29.86
N LYS C 250 -21.65 -20.60 -30.72
CA LYS C 250 -21.72 -21.91 -31.42
C LYS C 250 -20.40 -22.15 -32.15
N GLU C 251 -19.87 -21.10 -32.80
CA GLU C 251 -18.66 -21.21 -33.66
C GLU C 251 -17.40 -21.29 -32.79
N LEU C 252 -17.34 -20.53 -31.69
CA LEU C 252 -16.23 -20.60 -30.70
C LEU C 252 -16.10 -22.03 -30.17
N ALA C 253 -17.22 -22.64 -29.78
CA ALA C 253 -17.27 -23.98 -29.16
C ALA C 253 -16.70 -25.02 -30.13
N ALA C 254 -17.19 -24.97 -31.37
CA ALA C 254 -16.77 -25.84 -32.49
C ALA C 254 -15.25 -25.71 -32.72
N MET C 255 -14.77 -24.47 -32.85
CA MET C 255 -13.34 -24.15 -33.11
C MET C 255 -12.49 -24.62 -31.91
N THR C 256 -12.99 -24.44 -30.68
CA THR C 256 -12.29 -24.83 -29.44
C THR C 256 -12.16 -26.35 -29.41
N LEU C 257 -13.27 -27.08 -29.58
CA LEU C 257 -13.27 -28.56 -29.72
C LEU C 257 -12.20 -28.95 -30.76
N GLY C 258 -12.20 -28.26 -31.90
CA GLY C 258 -11.18 -28.37 -32.98
C GLY C 258 -9.76 -28.22 -32.46
N LEU C 259 -9.48 -27.12 -31.74
CA LEU C 259 -8.15 -26.88 -31.12
C LEU C 259 -7.81 -28.06 -30.20
N ASP C 260 -8.79 -28.55 -29.43
CA ASP C 260 -8.61 -29.66 -28.47
C ASP C 260 -8.28 -30.97 -29.21
N ARG C 261 -8.92 -31.23 -30.35
CA ARG C 261 -8.64 -32.44 -31.15
C ARG C 261 -7.23 -32.37 -31.71
N ALA C 262 -6.87 -31.24 -32.35
CA ALA C 262 -5.57 -30.98 -33.01
C ALA C 262 -4.42 -31.05 -32.00
N SER C 263 -4.64 -30.50 -30.81
CA SER C 263 -3.74 -30.63 -29.64
C SER C 263 -3.60 -32.13 -29.29
N GLY C 264 -4.71 -32.86 -29.25
CA GLY C 264 -4.76 -34.32 -29.02
C GLY C 264 -3.83 -35.09 -29.93
N TYR C 265 -3.85 -34.82 -31.23
CA TYR C 265 -2.95 -35.48 -32.22
C TYR C 265 -1.51 -35.46 -31.70
N VAL C 266 -1.07 -34.28 -31.23
CA VAL C 266 0.32 -34.07 -30.75
C VAL C 266 0.52 -34.93 -29.49
N LEU C 267 -0.38 -34.82 -28.51
CA LEU C 267 -0.19 -35.47 -27.18
C LEU C 267 -0.22 -37.00 -27.34
N ASP C 268 -1.10 -37.50 -28.18
CA ASP C 268 -1.29 -38.96 -28.45
C ASP C 268 -0.03 -39.52 -29.12
N LYS C 269 0.51 -38.79 -30.12
CA LYS C 269 1.74 -39.16 -30.88
C LYS C 269 2.92 -39.34 -29.90
N LEU C 270 3.08 -38.42 -28.95
CA LEU C 270 4.16 -38.48 -27.92
C LEU C 270 4.00 -39.77 -27.11
N LYS C 271 2.77 -40.08 -26.67
CA LYS C 271 2.39 -41.32 -25.94
C LYS C 271 2.73 -42.50 -26.84
N GLU C 272 2.12 -42.56 -28.02
CA GLU C 272 2.29 -43.60 -29.07
C GLU C 272 3.77 -43.96 -29.28
N LEU C 273 4.69 -43.00 -29.24
CA LEU C 273 6.13 -43.21 -29.56
C LEU C 273 6.99 -43.28 -28.29
N GLY C 274 6.37 -43.27 -27.11
CA GLY C 274 7.05 -43.35 -25.81
C GLY C 274 7.97 -42.16 -25.57
N LEU C 275 7.58 -40.96 -26.04
CA LEU C 275 8.35 -39.70 -25.87
C LEU C 275 7.80 -38.89 -24.68
N ASP C 276 6.58 -39.20 -24.23
CA ASP C 276 5.82 -38.43 -23.19
C ASP C 276 6.61 -38.37 -21.87
N ASP C 277 7.40 -39.41 -21.57
CA ASP C 277 8.24 -39.50 -20.34
C ASP C 277 9.23 -38.33 -20.32
N ASN C 278 9.88 -38.05 -21.46
CA ASN C 278 10.98 -37.06 -21.58
C ASN C 278 10.60 -36.00 -22.60
N THR C 279 9.42 -35.37 -22.40
CA THR C 279 8.90 -34.26 -23.24
C THR C 279 8.22 -33.21 -22.36
N ILE C 280 8.67 -31.96 -22.40
CA ILE C 280 7.98 -30.81 -21.77
C ILE C 280 6.88 -30.34 -22.73
N VAL C 281 5.63 -30.25 -22.25
CA VAL C 281 4.48 -29.71 -23.02
C VAL C 281 3.92 -28.49 -22.29
N VAL C 282 3.86 -27.36 -23.00
CA VAL C 282 3.28 -26.08 -22.49
C VAL C 282 2.06 -25.77 -23.35
N PHE C 283 0.90 -25.61 -22.71
CA PHE C 283 -0.29 -24.98 -23.34
C PHE C 283 -0.43 -23.57 -22.77
N SER C 284 -0.64 -22.59 -23.65
CA SER C 284 -0.99 -21.21 -23.28
C SER C 284 -1.69 -20.52 -24.45
N ASN C 285 -1.74 -19.18 -24.38
CA ASN C 285 -2.66 -18.30 -25.12
C ASN C 285 -1.94 -16.97 -25.23
N ASP C 286 -2.01 -16.28 -26.38
CA ASP C 286 -1.15 -15.12 -26.70
C ASP C 286 -1.70 -13.86 -26.02
N ASN C 287 -3.02 -13.79 -25.79
CA ASN C 287 -3.69 -12.69 -25.07
C ASN C 287 -5.08 -13.13 -24.63
N GLY C 288 -5.73 -12.32 -23.79
CA GLY C 288 -7.11 -12.53 -23.32
C GLY C 288 -8.06 -12.43 -24.49
N GLY C 289 -9.28 -12.93 -24.31
CA GLY C 289 -10.24 -13.15 -25.42
C GLY C 289 -10.92 -11.87 -25.85
N PRO C 290 -11.01 -11.60 -27.17
CA PRO C 290 -11.74 -10.45 -27.68
C PRO C 290 -13.23 -10.85 -27.74
N SER C 291 -13.92 -10.76 -26.60
CA SER C 291 -15.29 -11.26 -26.35
C SER C 291 -16.32 -10.74 -27.37
N ASP C 292 -16.13 -9.55 -27.95
CA ASP C 292 -17.10 -8.94 -28.90
C ASP C 292 -16.88 -9.46 -30.34
N LYS C 293 -15.68 -9.95 -30.68
CA LYS C 293 -15.35 -10.50 -32.03
C LYS C 293 -15.56 -12.04 -32.10
N ASN C 294 -15.19 -12.83 -31.07
CA ASN C 294 -15.24 -14.31 -31.15
C ASN C 294 -16.05 -14.93 -30.00
N ALA C 295 -16.85 -14.13 -29.29
CA ALA C 295 -17.73 -14.58 -28.17
C ALA C 295 -16.94 -15.33 -27.07
N SER C 296 -15.63 -15.09 -26.95
CA SER C 296 -14.81 -15.65 -25.84
C SER C 296 -15.23 -14.99 -24.55
N ASN C 297 -14.93 -15.64 -23.44
CA ASN C 297 -15.49 -15.35 -22.12
C ASN C 297 -14.34 -15.49 -21.15
N ASN C 298 -13.94 -14.43 -20.48
CA ASN C 298 -12.71 -14.37 -19.68
C ASN C 298 -13.06 -14.59 -18.20
N ALA C 299 -14.25 -15.15 -17.91
CA ALA C 299 -14.74 -15.43 -16.54
C ALA C 299 -13.63 -16.07 -15.72
N PRO C 300 -13.43 -15.68 -14.43
CA PRO C 300 -14.21 -14.63 -13.76
C PRO C 300 -13.56 -13.24 -13.83
N LEU C 301 -12.83 -12.95 -14.90
CA LEU C 301 -12.04 -11.71 -15.05
C LEU C 301 -12.86 -10.66 -15.81
N ALA C 302 -12.58 -9.39 -15.53
CA ALA C 302 -13.05 -8.21 -16.28
C ALA C 302 -12.17 -8.08 -17.52
N GLY C 303 -12.70 -7.51 -18.59
CA GLY C 303 -11.89 -6.99 -19.72
C GLY C 303 -11.64 -8.04 -20.76
N THR C 304 -10.84 -7.71 -21.75
CA THR C 304 -10.69 -8.50 -23.01
C THR C 304 -9.31 -8.21 -23.62
N LYS C 305 -9.01 -8.86 -24.74
CA LYS C 305 -7.96 -8.43 -25.69
C LYS C 305 -7.87 -6.89 -25.72
N SER C 306 -6.65 -6.37 -25.66
CA SER C 306 -6.21 -5.00 -26.02
C SER C 306 -6.51 -4.03 -24.88
N ASN C 307 -6.94 -4.53 -23.73
CA ASN C 307 -6.90 -3.77 -22.45
C ASN C 307 -6.08 -4.58 -21.44
N GLN C 308 -5.72 -3.94 -20.32
CA GLN C 308 -4.69 -4.44 -19.38
C GLN C 308 -5.34 -4.76 -18.04
N LEU C 309 -6.67 -4.80 -18.00
CA LEU C 309 -7.44 -5.55 -16.97
C LEU C 309 -7.03 -7.02 -17.06
N GLU C 310 -7.31 -7.81 -16.03
CA GLU C 310 -6.78 -9.18 -15.90
C GLU C 310 -7.23 -9.97 -17.12
N GLY C 311 -8.45 -9.72 -17.59
CA GLY C 311 -9.08 -10.34 -18.78
C GLY C 311 -8.26 -10.18 -20.04
N GLY C 312 -7.39 -9.17 -20.13
CA GLY C 312 -6.55 -8.97 -21.33
C GLY C 312 -5.24 -9.72 -21.24
N ILE C 313 -4.63 -9.75 -20.06
CA ILE C 313 -3.20 -10.13 -19.86
C ILE C 313 -3.08 -11.52 -19.20
N ARG C 314 -4.14 -12.00 -18.55
CA ARG C 314 -4.10 -13.28 -17.80
C ARG C 314 -4.67 -14.37 -18.68
N VAL C 315 -3.93 -15.48 -18.80
CA VAL C 315 -4.19 -16.51 -19.83
C VAL C 315 -4.12 -17.88 -19.21
N PRO C 316 -4.83 -18.86 -19.80
CA PRO C 316 -4.68 -20.26 -19.40
C PRO C 316 -3.21 -20.62 -19.64
N PHE C 317 -2.65 -21.42 -18.74
CA PHE C 317 -1.19 -21.65 -18.66
C PHE C 317 -0.97 -23.01 -18.01
N LEU C 318 -0.52 -23.99 -18.81
CA LEU C 318 -0.20 -25.34 -18.33
C LEU C 318 1.26 -25.63 -18.64
N ILE C 319 1.94 -26.34 -17.75
CA ILE C 319 3.23 -27.01 -18.02
C ILE C 319 3.10 -28.46 -17.56
N SER C 320 3.35 -29.41 -18.47
CA SER C 320 3.41 -30.87 -18.16
C SER C 320 4.83 -31.37 -18.44
N TRP C 321 5.43 -32.06 -17.48
CA TRP C 321 6.71 -32.81 -17.68
C TRP C 321 6.69 -34.09 -16.83
N PRO C 322 6.08 -35.18 -17.33
CA PRO C 322 5.98 -36.43 -16.57
C PRO C 322 7.29 -36.88 -15.92
N LYS C 323 7.24 -37.29 -14.65
CA LYS C 323 8.37 -37.80 -13.83
C LYS C 323 9.15 -36.64 -13.21
N HIS C 324 8.84 -35.39 -13.59
CA HIS C 324 9.57 -34.14 -13.22
C HIS C 324 8.65 -33.15 -12.49
N ILE C 325 7.42 -32.97 -12.95
CA ILE C 325 6.39 -32.08 -12.31
C ILE C 325 5.25 -32.98 -11.83
N LYS C 326 4.84 -32.84 -10.55
CA LYS C 326 3.78 -33.67 -9.93
C LYS C 326 2.49 -33.48 -10.73
N PRO C 327 1.82 -34.56 -11.22
CA PRO C 327 0.50 -34.40 -11.84
C PRO C 327 -0.57 -33.80 -10.92
N GLY C 328 -1.50 -33.05 -11.51
CA GLY C 328 -2.69 -32.45 -10.86
C GLY C 328 -2.37 -31.33 -9.90
N SER C 329 -1.26 -30.59 -10.09
CA SER C 329 -0.82 -29.51 -9.16
C SER C 329 -1.18 -28.13 -9.73
N THR C 330 -1.48 -27.18 -8.85
CA THR C 330 -1.73 -25.75 -9.17
C THR C 330 -0.54 -24.95 -8.65
N TYR C 331 -0.17 -23.85 -9.30
CA TYR C 331 0.85 -22.88 -8.81
C TYR C 331 0.24 -21.48 -8.89
N ASP C 332 0.16 -20.78 -7.74
CA ASP C 332 -0.73 -19.63 -7.53
C ASP C 332 0.00 -18.29 -7.73
N TYR C 333 1.33 -18.30 -7.72
CA TYR C 333 2.13 -17.04 -7.79
C TYR C 333 2.18 -16.62 -9.26
N PRO C 334 2.15 -15.31 -9.56
CA PRO C 334 2.23 -14.81 -10.93
C PRO C 334 3.44 -15.40 -11.68
N VAL C 335 3.22 -15.74 -12.95
CA VAL C 335 4.27 -16.17 -13.92
C VAL C 335 3.95 -15.47 -15.24
N SER C 336 4.90 -15.43 -16.16
CA SER C 336 4.83 -14.75 -17.47
C SER C 336 5.17 -15.73 -18.59
N THR C 337 4.65 -15.51 -19.79
CA THR C 337 5.14 -16.17 -21.02
C THR C 337 6.64 -15.93 -21.15
N LEU C 338 7.11 -14.76 -20.69
CA LEU C 338 8.54 -14.34 -20.73
C LEU C 338 9.44 -15.40 -20.08
N ASP C 339 8.92 -16.17 -19.14
CA ASP C 339 9.68 -17.20 -18.37
C ASP C 339 10.02 -18.41 -19.24
N LEU C 340 9.31 -18.61 -20.34
CA LEU C 340 9.36 -19.89 -21.08
C LEU C 340 10.72 -20.02 -21.78
N LEU C 341 11.33 -18.95 -22.28
CA LEU C 341 12.65 -19.06 -22.95
C LEU C 341 13.68 -19.60 -21.96
N PRO C 342 13.88 -18.96 -20.79
CA PRO C 342 14.89 -19.44 -19.84
C PRO C 342 14.52 -20.81 -19.26
N THR C 343 13.24 -21.08 -19.01
CA THR C 343 12.76 -22.40 -18.50
C THR C 343 13.13 -23.51 -19.50
N PHE C 344 12.77 -23.33 -20.77
CA PHE C 344 13.06 -24.27 -21.89
C PHE C 344 14.57 -24.47 -22.03
N TYR C 345 15.32 -23.37 -22.09
CA TYR C 345 16.79 -23.34 -22.29
C TYR C 345 17.50 -24.09 -21.16
N SER C 346 17.12 -23.82 -19.91
CA SER C 346 17.67 -24.51 -18.70
C SER C 346 17.38 -26.02 -18.79
N ALA C 347 16.19 -26.41 -19.26
CA ALA C 347 15.77 -27.83 -19.37
C ALA C 347 16.54 -28.51 -20.51
N ALA C 348 16.86 -27.76 -21.55
CA ALA C 348 17.76 -28.20 -22.64
C ALA C 348 19.23 -28.07 -22.22
N LYS C 349 19.51 -28.01 -20.92
CA LYS C 349 20.89 -28.00 -20.34
C LYS C 349 21.70 -26.86 -20.99
N GLY C 350 21.09 -25.68 -21.14
CA GLY C 350 21.73 -24.46 -21.70
C GLY C 350 22.53 -23.73 -20.63
N LYS C 351 23.72 -23.22 -20.99
CA LYS C 351 24.75 -22.66 -20.07
C LYS C 351 24.98 -21.16 -20.35
N ALA C 352 24.79 -20.68 -21.59
CA ALA C 352 25.17 -19.32 -22.04
C ALA C 352 23.93 -18.42 -22.25
N LEU C 353 23.12 -18.21 -21.19
CA LEU C 353 21.87 -17.40 -21.24
C LEU C 353 22.24 -15.90 -21.25
N GLY C 354 21.76 -15.14 -22.24
CA GLY C 354 21.90 -13.67 -22.30
C GLY C 354 21.50 -13.03 -20.98
N SER C 355 22.14 -11.91 -20.61
CA SER C 355 21.91 -11.17 -19.32
C SER C 355 20.71 -10.22 -19.43
N ASP C 356 20.28 -9.96 -20.68
CA ASP C 356 19.17 -9.04 -21.05
C ASP C 356 17.81 -9.73 -20.92
N ILE C 357 17.72 -10.92 -20.30
CA ILE C 357 16.52 -11.79 -20.22
C ILE C 357 15.72 -11.45 -18.97
N ASP C 358 14.42 -11.17 -19.13
CA ASP C 358 13.52 -10.70 -18.02
C ASP C 358 12.81 -11.90 -17.40
N GLY C 359 12.60 -12.98 -18.15
CA GLY C 359 12.05 -14.25 -17.63
C GLY C 359 12.97 -14.98 -16.68
N VAL C 360 12.40 -15.78 -15.77
CA VAL C 360 13.15 -16.70 -14.87
C VAL C 360 12.84 -18.16 -15.22
N ASP C 361 13.78 -19.07 -14.90
CA ASP C 361 13.59 -20.54 -15.02
C ASP C 361 12.56 -20.94 -13.95
N LEU C 362 11.42 -21.51 -14.39
CA LEU C 362 10.23 -21.74 -13.53
C LEU C 362 10.39 -23.05 -12.75
N LEU C 363 11.27 -23.93 -13.21
CA LEU C 363 11.44 -25.31 -12.69
C LEU C 363 11.76 -25.30 -11.20
N PRO C 364 12.79 -24.57 -10.72
CA PRO C 364 13.02 -24.44 -9.27
C PRO C 364 11.81 -23.97 -8.45
N TYR C 365 10.92 -23.16 -9.03
CA TYR C 365 9.75 -22.59 -8.31
C TYR C 365 8.62 -23.62 -8.26
N ILE C 366 8.38 -24.30 -9.38
CA ILE C 366 7.36 -25.39 -9.53
C ILE C 366 7.65 -26.51 -8.52
N GLN C 367 8.92 -26.89 -8.40
CA GLN C 367 9.40 -28.09 -7.67
C GLN C 367 9.53 -27.80 -6.17
N GLY C 368 9.53 -26.51 -5.78
CA GLY C 368 9.64 -26.06 -4.37
C GLY C 368 11.07 -25.72 -3.94
N GLU C 369 12.07 -25.84 -4.83
CA GLU C 369 13.48 -25.52 -4.51
C GLU C 369 13.66 -24.02 -4.21
N ASN C 370 12.82 -23.17 -4.83
CA ASN C 370 12.70 -21.72 -4.54
C ASN C 370 11.25 -21.45 -4.15
N THR C 371 11.04 -20.92 -2.94
CA THR C 371 9.71 -20.66 -2.32
C THR C 371 9.31 -19.20 -2.53
N ALA C 372 10.22 -18.38 -3.09
CA ALA C 372 9.98 -16.96 -3.40
C ALA C 372 9.04 -16.88 -4.61
N ARG C 373 8.31 -15.76 -4.73
CA ARG C 373 7.61 -15.39 -5.98
C ARG C 373 8.66 -15.26 -7.07
N PRO C 374 8.40 -15.79 -8.29
CA PRO C 374 9.37 -15.70 -9.38
C PRO C 374 9.40 -14.31 -10.03
N HIS C 375 8.38 -13.49 -9.73
CA HIS C 375 8.25 -12.06 -10.11
C HIS C 375 7.50 -11.30 -9.01
N LYS C 376 8.20 -10.41 -8.29
CA LYS C 376 7.59 -9.46 -7.32
C LYS C 376 6.87 -8.35 -8.09
N VAL C 377 7.59 -7.74 -9.03
CA VAL C 377 7.13 -6.58 -9.85
C VAL C 377 6.99 -7.04 -11.29
N MET C 378 5.81 -6.86 -11.87
CA MET C 378 5.53 -7.11 -13.32
C MET C 378 4.96 -5.82 -13.93
N TYR C 379 5.19 -5.61 -15.23
CA TYR C 379 4.81 -4.38 -15.96
C TYR C 379 4.11 -4.71 -17.28
N TRP C 380 3.23 -3.82 -17.70
CA TRP C 380 2.68 -3.80 -19.07
C TRP C 380 2.65 -2.34 -19.53
N LYS C 381 2.75 -2.14 -20.83
CA LYS C 381 2.72 -0.79 -21.42
C LYS C 381 2.36 -0.89 -22.90
N LYS C 382 1.35 -0.13 -23.30
CA LYS C 382 1.08 0.24 -24.71
C LYS C 382 0.82 1.74 -24.68
N GLU C 383 1.81 2.56 -25.01
CA GLU C 383 1.65 4.04 -25.07
C GLU C 383 1.25 4.50 -23.67
N ASN C 384 0.09 5.13 -23.51
CA ASN C 384 -0.33 5.79 -22.24
C ASN C 384 -0.90 4.73 -21.29
N ARG C 385 -1.45 3.64 -21.82
CA ARG C 385 -1.99 2.52 -21.02
C ARG C 385 -0.82 1.65 -20.53
N ALA C 386 -0.69 1.54 -19.22
CA ALA C 386 0.44 0.85 -18.55
C ALA C 386 -0.03 0.28 -17.21
N VAL C 387 0.64 -0.78 -16.76
CA VAL C 387 0.34 -1.47 -15.48
C VAL C 387 1.65 -1.74 -14.74
N ILE C 388 1.61 -1.55 -13.44
CA ILE C 388 2.64 -2.11 -12.53
C ILE C 388 1.90 -2.94 -11.49
N ARG C 389 2.31 -4.21 -11.39
CA ARG C 389 1.88 -5.13 -10.32
C ARG C 389 3.08 -5.33 -9.39
N ASP C 390 2.86 -5.12 -8.09
CA ASP C 390 3.88 -5.27 -7.03
C ASP C 390 3.25 -6.21 -6.00
N ASN C 391 3.63 -7.49 -6.07
CA ASN C 391 2.97 -8.60 -5.33
C ASN C 391 1.54 -8.73 -5.86
N ASP C 392 0.51 -8.27 -5.11
CA ASP C 392 -0.91 -8.40 -5.51
C ASP C 392 -1.55 -7.02 -5.66
N TRP C 393 -0.79 -5.94 -5.58
CA TRP C 393 -1.25 -4.56 -5.92
C TRP C 393 -1.13 -4.38 -7.45
N LYS C 394 -2.21 -3.94 -8.09
CA LYS C 394 -2.24 -3.63 -9.53
C LYS C 394 -2.56 -2.15 -9.72
N LEU C 395 -1.57 -1.39 -10.20
CA LEU C 395 -1.79 0.03 -10.54
C LEU C 395 -1.98 0.08 -12.04
N ILE C 396 -3.12 0.62 -12.47
CA ILE C 396 -3.46 0.74 -13.91
C ILE C 396 -3.51 2.23 -14.22
N ARG C 397 -2.72 2.63 -15.22
CA ARG C 397 -2.72 3.97 -15.82
C ARG C 397 -3.48 3.90 -17.15
N TYR C 398 -4.37 4.86 -17.37
CA TYR C 398 -5.13 5.05 -18.63
C TYR C 398 -4.91 6.48 -19.16
N PRO C 399 -5.18 6.75 -20.46
CA PRO C 399 -5.10 8.10 -21.00
C PRO C 399 -6.30 8.98 -20.67
N ASP C 400 -7.44 8.36 -20.29
CA ASP C 400 -8.77 9.02 -20.28
C ASP C 400 -9.42 8.97 -18.89
N ARG C 401 -8.67 8.67 -17.82
CA ARG C 401 -9.27 8.56 -16.48
C ARG C 401 -8.17 8.40 -15.44
N PRO C 402 -8.44 8.73 -14.16
CA PRO C 402 -7.48 8.58 -13.07
C PRO C 402 -6.96 7.15 -13.03
N ALA C 403 -5.69 6.97 -12.64
CA ALA C 403 -5.08 5.66 -12.40
C ALA C 403 -5.89 4.93 -11.33
N GLU C 404 -6.06 3.61 -11.49
CA GLU C 404 -6.83 2.76 -10.56
C GLU C 404 -5.83 1.87 -9.82
N LEU C 405 -6.12 1.55 -8.56
CA LEU C 405 -5.35 0.60 -7.74
C LEU C 405 -6.24 -0.57 -7.32
N TYR C 406 -5.77 -1.80 -7.52
CA TYR C 406 -6.49 -3.04 -7.14
C TYR C 406 -5.61 -3.95 -6.30
N ASP C 407 -6.25 -4.59 -5.32
CA ASP C 407 -5.68 -5.69 -4.51
C ASP C 407 -6.17 -7.01 -5.10
N LEU C 408 -5.34 -7.70 -5.88
CA LEU C 408 -5.73 -8.94 -6.60
C LEU C 408 -5.82 -10.12 -5.61
N SER C 409 -5.31 -9.97 -4.39
CA SER C 409 -5.37 -11.01 -3.33
C SER C 409 -6.82 -11.19 -2.86
N SER C 410 -7.68 -10.19 -3.07
CA SER C 410 -9.07 -10.15 -2.55
C SER C 410 -10.08 -9.62 -3.58
N ASP C 411 -9.65 -9.28 -4.79
CA ASP C 411 -10.50 -8.64 -5.84
C ASP C 411 -9.90 -9.00 -7.19
N ILE C 412 -10.09 -10.24 -7.61
CA ILE C 412 -9.51 -10.84 -8.85
C ILE C 412 -10.14 -10.13 -10.06
N SER C 413 -11.26 -9.43 -9.86
CA SER C 413 -12.15 -8.90 -10.92
C SER C 413 -12.01 -7.38 -11.10
N GLU C 414 -11.23 -6.70 -10.27
CA GLU C 414 -10.89 -5.25 -10.43
C GLU C 414 -12.14 -4.37 -10.45
N GLN C 415 -13.04 -4.54 -9.47
CA GLN C 415 -14.29 -3.76 -9.32
C GLN C 415 -14.13 -2.73 -8.19
N THR C 416 -13.13 -2.89 -7.31
CA THR C 416 -12.96 -2.05 -6.10
C THR C 416 -11.65 -1.26 -6.19
N ASP C 417 -11.74 -0.04 -6.72
CA ASP C 417 -10.61 0.92 -6.90
C ASP C 417 -10.19 1.42 -5.51
N LEU C 418 -8.95 1.17 -5.11
CA LEU C 418 -8.44 1.50 -3.75
C LEU C 418 -7.45 2.67 -3.81
N ALA C 419 -7.36 3.36 -4.97
CA ALA C 419 -6.46 4.50 -5.24
C ALA C 419 -6.65 5.60 -4.18
N ALA C 420 -7.89 6.08 -4.01
CA ALA C 420 -8.32 7.14 -3.07
C ALA C 420 -7.79 6.86 -1.66
N LYS C 421 -7.89 5.62 -1.20
CA LYS C 421 -7.61 5.22 0.21
C LYS C 421 -6.13 4.81 0.32
N ASN C 422 -5.38 4.85 -0.77
CA ASN C 422 -3.95 4.46 -0.80
C ASN C 422 -3.18 5.48 -1.64
N PRO C 423 -3.08 6.76 -1.24
CA PRO C 423 -2.49 7.78 -2.12
C PRO C 423 -0.96 7.57 -2.25
N GLU C 424 -0.30 7.21 -1.15
CA GLU C 424 1.17 7.08 -1.04
C GLU C 424 1.63 5.83 -1.82
N ARG C 425 0.85 4.74 -1.78
CA ARG C 425 1.17 3.50 -2.53
C ARG C 425 1.04 3.80 -4.04
N VAL C 426 0.01 4.56 -4.42
CA VAL C 426 -0.19 4.97 -5.84
C VAL C 426 1.03 5.80 -6.29
N LYS C 427 1.43 6.82 -5.53
CA LYS C 427 2.61 7.66 -5.88
C LYS C 427 3.86 6.78 -6.04
N THR C 428 4.18 5.91 -5.09
CA THR C 428 5.40 5.07 -5.14
CA THR C 428 5.41 5.08 -5.14
C THR C 428 5.35 4.19 -6.39
N MET C 429 4.28 3.41 -6.55
CA MET C 429 4.07 2.51 -7.72
C MET C 429 4.14 3.30 -9.04
N PHE C 430 3.57 4.51 -9.08
CA PHE C 430 3.68 5.45 -10.23
C PHE C 430 5.15 5.75 -10.55
N LYS C 431 5.97 5.96 -9.51
CA LYS C 431 7.43 6.24 -9.68
C LYS C 431 8.13 4.98 -10.20
N SER C 432 7.88 3.82 -9.60
CA SER C 432 8.53 2.54 -10.01
C SER C 432 8.17 2.24 -11.47
N LEU C 433 6.91 2.44 -11.86
CA LEU C 433 6.44 2.20 -13.26
C LEU C 433 7.19 3.15 -14.20
N PHE C 434 7.37 4.41 -13.81
CA PHE C 434 8.11 5.38 -14.65
C PHE C 434 9.56 4.92 -14.76
N GLU C 435 10.15 4.50 -13.64
CA GLU C 435 11.56 4.02 -13.58
C GLU C 435 11.72 2.92 -14.64
N TRP C 436 10.75 2.01 -14.76
CA TRP C 436 10.79 0.89 -15.74
C TRP C 436 10.59 1.39 -17.18
N GLU C 437 9.69 2.35 -17.42
CA GLU C 437 9.50 2.99 -18.76
C GLU C 437 10.80 3.61 -19.25
N LEU C 438 11.63 4.15 -18.37
CA LEU C 438 12.90 4.84 -18.76
C LEU C 438 13.89 3.84 -19.37
N THR C 439 13.74 2.53 -19.09
CA THR C 439 14.64 1.47 -19.60
C THR C 439 14.16 0.93 -20.95
N LEU C 440 13.09 1.50 -21.54
CA LEU C 440 12.46 0.98 -22.79
C LEU C 440 12.93 1.84 -23.95
N GLU C 441 12.97 1.27 -25.15
CA GLU C 441 13.13 2.04 -26.40
C GLU C 441 11.78 2.68 -26.73
N ARG C 442 11.76 3.69 -27.59
CA ARG C 442 10.54 4.24 -28.23
C ARG C 442 10.04 3.19 -29.23
N PRO C 443 8.72 3.08 -29.47
CA PRO C 443 8.18 2.14 -30.44
C PRO C 443 8.80 2.24 -31.85
N ARG C 444 8.90 1.10 -32.55
CA ARG C 444 9.44 1.05 -33.94
C ARG C 444 8.30 1.30 -34.94
N TRP C 445 7.04 1.26 -34.48
CA TRP C 445 5.84 1.53 -35.32
C TRP C 445 4.64 1.88 -34.44
N LEU C 446 3.69 2.64 -35.00
CA LEU C 446 2.53 3.20 -34.29
C LEU C 446 1.23 2.87 -35.04
N LEU C 447 0.21 2.38 -34.32
CA LEU C 447 -1.18 2.25 -34.82
C LEU C 447 -1.72 3.63 -35.20
N LYS C 448 -2.69 3.68 -36.12
CA LYS C 448 -3.57 4.86 -36.35
C LYS C 448 -4.21 5.24 -35.02
N ARG C 449 -4.48 6.53 -34.82
CA ARG C 449 -4.91 7.10 -33.52
C ARG C 449 -6.22 6.41 -33.10
N LYS C 450 -7.18 6.24 -34.03
CA LYS C 450 -8.59 5.83 -33.71
C LYS C 450 -8.68 4.47 -32.99
N TYR C 451 -7.68 3.58 -33.08
CA TYR C 451 -7.70 2.24 -32.42
C TYR C 451 -7.61 2.36 -30.91
N GLU C 452 -7.05 3.44 -30.39
CA GLU C 452 -6.98 3.70 -28.93
C GLU C 452 -8.42 3.83 -28.41
N LYS C 453 -9.30 4.51 -29.17
CA LYS C 453 -10.74 4.69 -28.83
C LYS C 453 -11.45 3.34 -28.80
N TYR C 454 -11.24 2.49 -29.81
CA TYR C 454 -11.90 1.15 -29.93
C TYR C 454 -11.47 0.28 -28.73
N ASP C 455 -10.18 0.26 -28.40
CA ASP C 455 -9.64 -0.56 -27.28
C ASP C 455 -10.30 -0.12 -25.96
N ILE C 456 -10.47 1.18 -25.74
CA ILE C 456 -11.01 1.72 -24.46
C ILE C 456 -12.52 1.54 -24.41
N ASP C 457 -13.24 1.71 -25.53
CA ASP C 457 -14.72 1.51 -25.56
C ASP C 457 -15.02 0.03 -25.24
N ARG C 458 -14.23 -0.90 -25.78
CA ARG C 458 -14.41 -2.35 -25.51
C ARG C 458 -14.14 -2.64 -24.03
N MET C 459 -13.06 -2.09 -23.47
CA MET C 459 -12.70 -2.22 -22.03
C MET C 459 -13.94 -1.89 -21.19
N ASP C 460 -14.57 -0.74 -21.48
CA ASP C 460 -15.76 -0.19 -20.75
C ASP C 460 -16.97 -1.12 -20.96
N LYS C 461 -17.14 -1.67 -22.17
CA LYS C 461 -18.23 -2.63 -22.47
C LYS C 461 -18.09 -3.88 -21.59
N TYR C 462 -16.85 -4.29 -21.25
CA TYR C 462 -16.56 -5.54 -20.49
C TYR C 462 -15.85 -5.20 -19.17
N ARG C 463 -16.33 -4.15 -18.49
CA ARG C 463 -15.74 -3.60 -17.24
C ARG C 463 -16.16 -4.47 -16.06
N LEU C 464 -17.28 -5.19 -16.19
CA LEU C 464 -17.83 -6.07 -15.13
C LEU C 464 -17.16 -7.44 -15.21
N PRO C 465 -17.20 -8.26 -14.12
CA PRO C 465 -16.69 -9.62 -14.18
C PRO C 465 -17.51 -10.41 -15.19
N ALA C 466 -16.84 -11.11 -16.11
CA ALA C 466 -17.46 -12.17 -16.95
C ALA C 466 -17.86 -13.36 -16.05
N THR C 467 -18.93 -14.06 -16.40
CA THR C 467 -19.42 -15.26 -15.66
C THR C 467 -19.49 -16.45 -16.61
N GLN C 468 -19.23 -17.67 -16.10
CA GLN C 468 -19.51 -18.94 -16.82
C GLN C 468 -21.02 -19.02 -17.09
N PRO C 469 -21.45 -19.43 -18.31
CA PRO C 469 -22.82 -19.91 -18.52
N LYS D 24 -2.93 48.47 -45.71
CA LYS D 24 -2.74 47.25 -44.85
C LYS D 24 -1.57 47.47 -43.88
N PRO D 25 -1.73 47.15 -42.58
CA PRO D 25 -0.68 47.37 -41.59
C PRO D 25 0.53 46.45 -41.78
N ASN D 26 1.73 47.00 -41.62
CA ASN D 26 2.97 46.23 -41.37
C ASN D 26 2.80 45.40 -40.11
N ILE D 27 3.50 44.25 -40.04
CA ILE D 27 3.45 43.31 -38.88
C ILE D 27 4.89 42.94 -38.51
N VAL D 28 5.26 43.16 -37.26
CA VAL D 28 6.58 42.73 -36.73
C VAL D 28 6.34 41.81 -35.54
N LEU D 29 6.70 40.54 -35.69
CA LEU D 29 6.61 39.51 -34.62
C LEU D 29 8.02 39.34 -34.05
N ILE D 30 8.29 39.94 -32.89
CA ILE D 30 9.57 39.75 -32.15
C ILE D 30 9.37 38.57 -31.20
N PHE D 31 10.14 37.51 -31.39
CA PHE D 31 9.99 36.21 -30.69
C PHE D 31 11.33 35.86 -30.06
N ALA D 32 11.40 35.94 -28.72
CA ALA D 32 12.61 35.60 -27.95
C ALA D 32 12.64 34.09 -27.74
N ASP D 33 13.78 33.60 -27.26
CA ASP D 33 14.03 32.15 -27.09
C ASP D 33 14.38 31.92 -25.62
N ASP D 34 13.65 31.02 -24.95
CA ASP D 34 13.96 30.51 -23.58
C ASP D 34 14.02 31.65 -22.56
N ALA D 35 13.21 32.73 -22.73
CA ALA D 35 13.22 33.90 -21.83
C ALA D 35 12.41 33.61 -20.57
N GLY D 36 12.76 34.27 -19.47
CA GLY D 36 12.04 34.16 -18.18
C GLY D 36 10.71 34.89 -18.23
N PHE D 37 9.65 34.31 -17.69
CA PHE D 37 8.33 34.95 -17.56
C PHE D 37 8.49 36.24 -16.75
N GLY D 38 9.44 36.24 -15.82
CA GLY D 38 9.66 37.32 -14.84
C GLY D 38 10.83 38.22 -15.16
N ASP D 39 11.49 38.02 -16.31
CA ASP D 39 12.81 38.65 -16.64
C ASP D 39 12.65 39.77 -17.67
N PHE D 40 11.60 40.58 -17.51
CA PHE D 40 11.36 41.85 -18.25
C PHE D 40 10.76 42.86 -17.27
N GLY D 41 11.18 44.12 -17.37
CA GLY D 41 10.64 45.24 -16.58
C GLY D 41 9.12 45.23 -16.53
N PHE D 42 8.46 45.10 -17.67
CA PHE D 42 6.98 45.10 -17.81
C PHE D 42 6.39 43.81 -17.20
N GLN D 43 7.22 42.82 -16.85
CA GLN D 43 6.81 41.56 -16.16
C GLN D 43 7.14 41.62 -14.66
N GLY D 44 7.73 42.72 -14.21
CA GLY D 44 7.94 43.01 -12.78
C GLY D 44 9.35 42.68 -12.33
N SER D 45 10.32 42.63 -13.25
CA SER D 45 11.76 42.42 -12.94
C SER D 45 12.32 43.66 -12.21
N THR D 46 13.04 43.45 -11.12
CA THR D 46 13.83 44.51 -10.42
C THR D 46 15.22 44.59 -11.07
N GLN D 47 15.92 43.45 -11.14
CA GLN D 47 17.35 43.30 -11.53
C GLN D 47 17.60 43.61 -13.02
N LEU D 48 16.81 43.02 -13.91
CA LEU D 48 17.05 43.09 -15.37
C LEU D 48 16.52 44.41 -15.93
N LYS D 49 17.05 44.81 -17.09
CA LYS D 49 16.75 46.09 -17.77
C LYS D 49 16.24 45.77 -19.19
N THR D 50 14.98 46.13 -19.49
CA THR D 50 14.34 45.99 -20.82
C THR D 50 13.62 47.29 -21.17
N PRO D 51 14.32 48.44 -21.19
CA PRO D 51 13.67 49.73 -21.43
C PRO D 51 12.88 49.87 -22.75
N ASN D 52 13.36 49.29 -23.85
CA ASN D 52 12.71 49.39 -25.19
C ASN D 52 11.42 48.60 -25.19
N LEU D 53 11.49 47.37 -24.66
CA LEU D 53 10.30 46.50 -24.53
C LEU D 53 9.35 47.09 -23.46
N ASP D 54 9.86 47.79 -22.44
CA ASP D 54 9.01 48.48 -21.44
C ASP D 54 8.17 49.54 -22.17
N LYS D 55 8.78 50.32 -23.07
CA LYS D 55 8.04 51.35 -23.87
C LYS D 55 7.06 50.61 -24.79
N LEU D 56 7.43 49.44 -25.32
CA LEU D 56 6.54 48.67 -26.23
C LEU D 56 5.28 48.23 -25.48
N ALA D 57 5.43 47.73 -24.25
CA ALA D 57 4.32 47.31 -23.35
C ALA D 57 3.35 48.47 -23.09
N GLN D 58 3.88 49.62 -22.67
CA GLN D 58 3.10 50.85 -22.35
C GLN D 58 2.36 51.38 -23.59
N SER D 59 2.81 51.06 -24.79
CA SER D 59 2.26 51.62 -26.05
C SER D 59 1.05 50.80 -26.51
N GLY D 60 0.79 49.65 -25.87
CA GLY D 60 -0.25 48.70 -26.32
C GLY D 60 -0.77 47.80 -25.21
N VAL D 61 -1.12 46.57 -25.57
CA VAL D 61 -1.83 45.63 -24.65
C VAL D 61 -0.82 44.58 -24.18
N ARG D 62 -0.67 44.44 -22.86
CA ARG D 62 0.06 43.32 -22.22
C ARG D 62 -0.95 42.25 -21.86
N PHE D 63 -0.70 41.01 -22.31
CA PHE D 63 -1.48 39.80 -21.94
C PHE D 63 -0.88 39.18 -20.68
N THR D 64 -1.71 38.94 -19.65
CA THR D 64 -1.28 38.34 -18.35
C THR D 64 -1.39 36.80 -18.43
N GLN D 65 -2.05 36.27 -19.46
CA GLN D 65 -2.25 34.79 -19.62
C GLN D 65 -2.05 34.41 -21.08
N GLY D 66 -0.88 34.77 -21.62
CA GLY D 66 -0.45 34.43 -22.98
C GLY D 66 0.31 33.13 -22.94
N TYR D 67 -0.05 32.19 -23.82
CA TYR D 67 0.52 30.83 -23.86
C TYR D 67 1.13 30.56 -25.23
N VAL D 68 2.22 29.79 -25.23
CA VAL D 68 2.74 29.04 -26.42
C VAL D 68 2.00 27.70 -26.48
N SER D 69 2.09 26.99 -27.60
CA SER D 69 1.40 25.70 -27.88
C SER D 69 2.20 24.51 -27.38
N ASP D 70 3.45 24.71 -26.94
CA ASP D 70 4.29 23.68 -26.27
C ASP D 70 5.35 24.36 -25.41
N SER D 71 5.89 23.66 -24.42
CA SER D 71 6.93 24.21 -23.53
C SER D 71 8.32 23.87 -24.06
N THR D 72 8.48 23.60 -25.36
CA THR D 72 9.81 23.51 -26.04
C THR D 72 9.77 24.24 -27.42
N CYS D 73 10.98 24.61 -27.92
CA CYS D 73 11.26 25.47 -29.10
C CYS D 73 10.46 25.07 -30.35
N GLY D 74 10.65 23.84 -30.82
CA GLY D 74 10.23 23.35 -32.16
C GLY D 74 8.72 23.23 -32.28
N PRO D 75 8.07 22.43 -31.40
CA PRO D 75 6.62 22.28 -31.44
C PRO D 75 5.92 23.64 -31.28
N SER D 76 6.50 24.52 -30.47
CA SER D 76 5.98 25.88 -30.21
C SER D 76 5.93 26.61 -31.55
N ARG D 77 7.09 26.73 -32.19
CA ARG D 77 7.27 27.48 -33.47
C ARG D 77 6.36 26.88 -34.54
N ALA D 78 6.22 25.55 -34.59
CA ALA D 78 5.30 24.88 -35.54
C ALA D 78 3.86 25.41 -35.35
N GLY D 79 3.40 25.51 -34.10
CA GLY D 79 2.07 26.04 -33.79
C GLY D 79 1.94 27.49 -34.21
N LEU D 80 2.89 28.31 -33.77
CA LEU D 80 2.93 29.76 -34.09
C LEU D 80 2.77 29.92 -35.60
N MET D 81 3.60 29.22 -36.37
CA MET D 81 3.71 29.37 -37.83
C MET D 81 2.42 28.94 -38.53
N THR D 82 1.59 28.07 -37.95
CA THR D 82 0.42 27.46 -38.64
C THR D 82 -0.90 27.93 -38.03
N GLY D 83 -0.93 28.39 -36.79
CA GLY D 83 -2.20 28.71 -36.11
C GLY D 83 -2.98 27.46 -35.77
N LYS D 84 -2.29 26.31 -35.74
CA LYS D 84 -2.88 24.97 -35.54
C LYS D 84 -2.18 24.28 -34.38
N TYR D 85 -2.90 23.51 -33.56
CA TYR D 85 -2.28 22.54 -32.63
C TYR D 85 -1.35 21.67 -33.46
N GLN D 86 -0.03 21.89 -33.27
CA GLN D 86 1.07 21.27 -34.06
C GLN D 86 1.01 19.74 -33.94
N GLN D 87 0.39 19.20 -32.89
CA GLN D 87 0.27 17.73 -32.73
C GLN D 87 -0.66 17.16 -33.81
N ARG D 88 -1.62 17.93 -34.34
CA ARG D 88 -2.60 17.49 -35.38
C ARG D 88 -1.92 17.12 -36.70
N PHE D 89 -0.63 17.44 -36.87
CA PHE D 89 0.18 17.04 -38.05
C PHE D 89 1.52 16.45 -37.57
N GLY D 90 1.54 15.89 -36.35
CA GLY D 90 2.58 14.93 -35.91
C GLY D 90 3.78 15.61 -35.27
N TYR D 91 3.78 16.95 -35.22
CA TYR D 91 4.90 17.79 -34.67
C TYR D 91 4.77 17.85 -33.15
N GLU D 92 4.99 16.72 -32.47
CA GLU D 92 4.67 16.57 -31.03
C GLU D 92 5.90 16.84 -30.16
N GLU D 93 7.02 16.19 -30.49
CA GLU D 93 8.26 16.22 -29.67
C GLU D 93 9.27 17.14 -30.38
N ILE D 94 10.23 17.69 -29.66
CA ILE D 94 11.21 18.67 -30.26
C ILE D 94 12.10 17.97 -31.30
N ASN D 95 12.33 18.63 -32.43
CA ASN D 95 13.22 18.17 -33.53
C ASN D 95 14.65 18.64 -33.26
N VAL D 96 15.48 17.83 -32.57
CA VAL D 96 16.93 18.12 -32.31
C VAL D 96 17.74 17.02 -32.99
N PRO D 97 18.34 17.30 -34.16
CA PRO D 97 19.21 16.32 -34.82
C PRO D 97 20.30 15.80 -33.88
N GLY D 98 20.47 14.47 -33.81
CA GLY D 98 21.45 13.77 -32.94
C GLY D 98 20.86 13.36 -31.59
N PHE D 99 19.62 13.77 -31.26
CA PHE D 99 18.96 13.55 -29.95
C PHE D 99 17.73 12.64 -30.10
N MET D 100 17.41 12.18 -31.30
CA MET D 100 16.20 11.38 -31.60
C MET D 100 16.50 9.89 -31.36
N SER D 101 15.48 9.11 -31.01
CA SER D 101 15.52 7.63 -30.90
C SER D 101 16.03 7.04 -32.22
N GLY D 102 16.91 6.03 -32.12
CA GLY D 102 17.28 5.13 -33.24
C GLY D 102 16.05 4.52 -33.91
N ASN D 103 14.89 4.48 -33.23
CA ASN D 103 13.63 3.93 -33.81
C ASN D 103 12.80 5.02 -34.51
N SER D 104 13.14 6.30 -34.32
CA SER D 104 12.39 7.49 -34.82
C SER D 104 12.17 7.44 -36.34
N ALA D 105 10.94 7.73 -36.77
CA ALA D 105 10.48 7.69 -38.17
C ALA D 105 11.34 8.62 -39.05
N LEU D 106 11.64 9.82 -38.57
CA LEU D 106 12.46 10.83 -39.28
C LEU D 106 13.59 11.29 -38.33
N LYS D 107 14.81 11.37 -38.85
CA LYS D 107 16.03 11.83 -38.13
C LYS D 107 16.69 12.94 -38.96
N GLY D 108 17.56 13.71 -38.31
CA GLY D 108 18.35 14.77 -38.96
C GLY D 108 17.50 15.75 -39.74
N ALA D 109 17.92 16.03 -40.97
CA ALA D 109 17.39 17.10 -41.85
C ALA D 109 15.96 16.80 -42.29
N ASP D 110 15.53 15.53 -42.21
CA ASP D 110 14.19 15.04 -42.62
C ASP D 110 13.12 15.46 -41.60
N MET D 111 13.51 15.78 -40.37
CA MET D 111 12.65 16.41 -39.33
C MET D 111 12.42 17.89 -39.73
N GLY D 112 11.16 18.27 -39.89
CA GLY D 112 10.75 19.64 -40.26
C GLY D 112 9.25 19.78 -40.28
N LEU D 113 8.76 21.00 -40.46
CA LEU D 113 7.32 21.31 -40.54
C LEU D 113 6.75 20.65 -41.79
N PRO D 114 5.82 19.68 -41.67
CA PRO D 114 5.29 19.01 -42.85
C PRO D 114 4.94 20.05 -43.93
N LEU D 115 5.24 19.70 -45.19
CA LEU D 115 5.15 20.59 -46.38
C LEU D 115 3.69 20.90 -46.74
N ASP D 116 2.77 20.01 -46.39
CA ASP D 116 1.30 20.17 -46.61
C ASP D 116 0.74 21.31 -45.73
N GLN D 117 1.51 21.75 -44.72
CA GLN D 117 1.11 22.86 -43.83
C GLN D 117 1.45 24.19 -44.51
N LYS D 118 0.54 25.14 -44.41
CA LYS D 118 0.58 26.52 -44.93
C LYS D 118 0.99 27.44 -43.77
N THR D 119 2.11 28.15 -43.92
CA THR D 119 2.72 28.99 -42.85
C THR D 119 2.10 30.38 -42.78
N MET D 120 2.44 31.09 -41.71
CA MET D 120 2.15 32.53 -41.46
C MET D 120 2.64 33.33 -42.67
N GLY D 121 3.87 33.04 -43.13
CA GLY D 121 4.50 33.63 -44.32
C GLY D 121 3.63 33.50 -45.55
N ASP D 122 3.27 32.25 -45.93
CA ASP D 122 2.39 31.89 -47.07
C ASP D 122 1.11 32.74 -47.04
N TYR D 123 0.43 32.81 -45.90
CA TYR D 123 -0.85 33.56 -45.72
C TYR D 123 -0.65 35.05 -46.00
N LEU D 124 0.44 35.64 -45.52
CA LEU D 124 0.69 37.10 -45.66
C LEU D 124 1.27 37.43 -47.05
N LYS D 125 2.01 36.49 -47.69
CA LYS D 125 2.48 36.63 -49.09
C LYS D 125 1.26 36.69 -50.03
N GLU D 126 0.18 35.95 -49.76
CA GLU D 126 -1.07 35.92 -50.59
C GLU D 126 -1.80 37.26 -50.47
N GLN D 127 -1.60 38.00 -49.37
CA GLN D 127 -2.18 39.35 -49.14
C GLN D 127 -1.24 40.43 -49.65
N GLY D 128 -0.15 40.04 -50.34
CA GLY D 128 0.78 40.96 -51.01
C GLY D 128 1.75 41.64 -50.05
N TYR D 129 2.05 41.00 -48.91
CA TYR D 129 3.13 41.43 -47.98
C TYR D 129 4.48 40.96 -48.53
N LYS D 130 5.50 41.80 -48.37
CA LYS D 130 6.92 41.37 -48.41
C LYS D 130 7.22 40.71 -47.05
N THR D 131 7.78 39.50 -47.05
CA THR D 131 7.91 38.63 -45.85
C THR D 131 9.38 38.32 -45.57
N ALA D 132 9.79 38.31 -44.30
CA ALA D 132 11.18 38.03 -43.90
C ALA D 132 11.24 37.36 -42.53
N VAL D 133 12.31 36.59 -42.31
CA VAL D 133 12.59 35.91 -41.02
C VAL D 133 14.07 36.12 -40.74
N PHE D 134 14.40 36.62 -39.54
CA PHE D 134 15.78 36.89 -39.06
C PHE D 134 16.03 36.02 -37.82
N GLY D 135 17.12 35.27 -37.80
CA GLY D 135 17.52 34.43 -36.65
C GLY D 135 17.01 32.98 -36.73
N LYS D 136 16.46 32.46 -35.63
CA LYS D 136 16.21 31.03 -35.41
C LYS D 136 14.98 30.58 -36.20
N TRP D 137 15.15 29.60 -37.09
CA TRP D 137 14.07 28.96 -37.88
C TRP D 137 13.58 27.71 -37.13
N HIS D 138 14.40 26.65 -37.10
CA HIS D 138 14.20 25.41 -36.31
C HIS D 138 12.94 24.63 -36.74
N LEU D 139 12.48 24.79 -37.99
CA LEU D 139 11.33 24.03 -38.55
C LEU D 139 11.83 23.12 -39.69
N GLY D 140 13.11 22.74 -39.67
CA GLY D 140 13.68 21.76 -40.60
C GLY D 140 14.91 22.30 -41.30
N ASP D 141 15.95 21.45 -41.40
CA ASP D 141 17.32 21.76 -41.87
C ASP D 141 17.47 21.45 -43.37
N ALA D 142 16.73 20.47 -43.89
CA ALA D 142 16.79 20.07 -45.32
C ALA D 142 16.27 21.24 -46.17
N ASP D 143 16.82 21.39 -47.39
CA ASP D 143 16.52 22.52 -48.32
C ASP D 143 14.99 22.68 -48.46
N ARG D 144 14.22 21.58 -48.50
CA ARG D 144 12.75 21.63 -48.76
C ARG D 144 11.99 22.29 -47.59
N PHE D 145 12.58 22.30 -46.37
CA PHE D 145 11.97 22.91 -45.16
C PHE D 145 12.44 24.36 -44.98
N HIS D 146 13.25 24.89 -45.90
CA HIS D 146 13.90 26.22 -45.82
C HIS D 146 12.84 27.33 -45.82
N PRO D 147 13.05 28.43 -45.05
CA PRO D 147 12.12 29.55 -45.02
C PRO D 147 11.63 30.06 -46.39
N LEU D 148 12.52 30.10 -47.39
CA LEU D 148 12.20 30.69 -48.72
C LEU D 148 11.29 29.74 -49.50
N LYS D 149 11.13 28.49 -49.02
CA LYS D 149 10.14 27.52 -49.55
C LYS D 149 8.82 27.65 -48.79
N ARG D 150 8.80 28.36 -47.66
CA ARG D 150 7.67 28.36 -46.70
C ARG D 150 7.03 29.75 -46.60
N GLY D 151 7.14 30.60 -47.64
CA GLY D 151 6.41 31.87 -47.75
C GLY D 151 7.20 33.08 -47.26
N PHE D 152 8.53 32.98 -47.16
CA PHE D 152 9.43 34.12 -46.82
C PHE D 152 10.25 34.47 -48.07
N ASP D 153 10.20 35.74 -48.46
CA ASP D 153 11.00 36.28 -49.61
C ASP D 153 12.45 36.41 -49.16
N THR D 154 12.69 36.69 -47.87
CA THR D 154 14.01 37.07 -47.31
C THR D 154 14.32 36.26 -46.05
N PHE D 155 15.62 36.00 -45.79
CA PHE D 155 16.10 35.18 -44.65
C PHE D 155 17.51 35.63 -44.26
N LEU D 156 17.73 35.91 -42.98
CA LEU D 156 19.09 35.90 -42.36
C LEU D 156 18.97 35.25 -41.00
N GLY D 157 19.38 34.00 -40.91
CA GLY D 157 19.45 33.30 -39.61
C GLY D 157 20.10 31.97 -39.77
N PHE D 158 19.67 30.99 -38.98
CA PHE D 158 20.17 29.60 -38.99
C PHE D 158 18.96 28.64 -38.94
N ARG D 159 19.10 27.50 -39.61
CA ARG D 159 18.03 26.49 -39.80
C ARG D 159 17.79 25.72 -38.49
N GLY D 160 18.85 25.54 -37.68
CA GLY D 160 18.88 24.66 -36.50
C GLY D 160 18.22 25.27 -35.28
N GLY D 161 18.60 24.79 -34.08
CA GLY D 161 17.96 25.16 -32.80
C GLY D 161 18.73 26.20 -32.00
N ASP D 162 20.06 26.23 -32.11
CA ASP D 162 20.94 27.14 -31.33
C ASP D 162 22.32 27.26 -31.99
N ARG D 163 23.06 28.31 -31.62
CA ARG D 163 24.42 28.60 -32.15
C ARG D 163 25.08 29.70 -31.32
N SER D 164 26.39 29.86 -31.47
CA SER D 164 27.19 30.94 -30.85
C SER D 164 26.64 32.32 -31.26
N TYR D 165 26.70 33.28 -30.33
CA TYR D 165 26.31 34.69 -30.53
C TYR D 165 27.46 35.45 -31.21
N PHE D 166 28.58 34.78 -31.45
CA PHE D 166 29.74 35.31 -32.21
C PHE D 166 30.06 34.38 -33.37
N ASN D 167 30.95 34.82 -34.27
CA ASN D 167 31.32 34.06 -35.50
C ASN D 167 31.98 32.73 -35.09
N TYR D 168 31.79 31.70 -35.91
CA TYR D 168 32.52 30.41 -35.83
C TYR D 168 33.78 30.49 -36.70
N SER D 169 34.91 29.98 -36.22
CA SER D 169 36.18 29.87 -36.98
C SER D 169 35.96 28.92 -38.18
N GLU D 170 36.83 29.01 -39.20
CA GLU D 170 36.87 28.01 -40.30
C GLU D 170 37.18 26.64 -39.67
N GLN D 171 38.05 26.59 -38.64
CA GLN D 171 38.43 25.39 -37.85
C GLN D 171 37.17 24.65 -37.34
N GLU D 172 36.37 25.32 -36.49
CA GLU D 172 35.17 24.74 -35.81
C GLU D 172 34.13 24.28 -36.84
N MET D 173 34.01 25.00 -37.97
CA MET D 173 33.01 24.69 -39.04
C MET D 173 33.42 23.41 -39.77
N LYS D 174 34.71 23.24 -40.04
CA LYS D 174 35.29 22.06 -40.73
C LYS D 174 35.27 20.84 -39.79
N ASN D 175 35.57 21.03 -38.50
CA ASN D 175 35.65 19.98 -37.45
C ASN D 175 34.36 19.94 -36.63
N GLY D 176 33.20 19.89 -37.29
CA GLY D 176 31.87 19.77 -36.66
C GLY D 176 31.15 18.51 -37.11
N ASN D 177 30.22 18.02 -36.29
CA ASN D 177 29.46 16.77 -36.58
C ASN D 177 28.50 17.04 -37.76
N LYS D 178 27.78 16.00 -38.22
CA LYS D 178 27.01 16.03 -39.51
C LYS D 178 25.92 17.10 -39.47
N HIS D 179 25.49 17.50 -38.27
CA HIS D 179 24.30 18.36 -38.00
C HIS D 179 24.71 19.81 -37.68
N PHE D 180 26.01 20.11 -37.71
CA PHE D 180 26.58 21.44 -37.37
C PHE D 180 26.26 22.47 -38.45
N PHE D 181 25.97 22.06 -39.69
CA PHE D 181 25.67 22.95 -40.84
C PHE D 181 24.40 23.79 -40.58
N ASP D 182 23.53 23.35 -39.66
CA ASP D 182 22.24 24.03 -39.35
C ASP D 182 22.48 25.22 -38.42
N LYS D 183 23.65 25.27 -37.75
CA LYS D 183 24.01 26.32 -36.75
C LYS D 183 24.67 27.51 -37.45
N LYS D 184 24.98 27.42 -38.76
CA LYS D 184 25.76 28.43 -39.52
C LYS D 184 24.83 29.55 -40.04
N LEU D 185 25.26 30.81 -39.93
CA LEU D 185 24.41 31.97 -40.30
C LEU D 185 24.31 32.07 -41.84
N GLU D 186 23.10 32.35 -42.31
CA GLU D 186 22.66 32.11 -43.70
C GLU D 186 21.85 33.31 -44.19
N ARG D 187 22.18 33.85 -45.36
CA ARG D 187 21.38 34.88 -46.07
C ARG D 187 20.63 34.16 -47.20
N ASP D 188 19.31 34.39 -47.29
CA ASP D 188 18.44 33.72 -48.30
C ASP D 188 18.91 32.27 -48.44
N PHE D 189 19.05 31.74 -49.66
CA PHE D 189 19.16 30.28 -49.90
C PHE D 189 20.62 29.84 -50.11
N GLY D 190 21.31 29.56 -48.99
CA GLY D 190 22.62 28.88 -48.98
C GLY D 190 23.79 29.86 -49.12
N ASN D 191 23.59 31.14 -48.82
CA ASN D 191 24.67 32.15 -48.75
C ASN D 191 25.18 32.20 -47.31
N TYR D 192 26.09 31.31 -46.97
CA TYR D 192 26.62 31.13 -45.59
C TYR D 192 27.67 32.21 -45.34
N GLU D 193 27.35 33.15 -44.46
CA GLU D 193 28.26 34.20 -43.94
C GLU D 193 28.08 34.31 -42.43
N GLU D 194 29.18 34.41 -41.69
CA GLU D 194 29.18 34.45 -40.20
C GLU D 194 29.02 35.90 -39.77
N PRO D 195 28.39 36.16 -38.59
CA PRO D 195 28.14 37.52 -38.14
C PRO D 195 29.48 38.19 -37.83
N LYS D 196 29.58 39.50 -38.11
CA LYS D 196 30.83 40.30 -37.93
C LYS D 196 30.75 41.04 -36.60
N GLU D 197 29.87 40.61 -35.71
CA GLU D 197 29.34 41.38 -34.56
C GLU D 197 28.41 40.44 -33.75
N TYR D 198 28.15 40.76 -32.48
CA TYR D 198 27.22 40.02 -31.60
C TYR D 198 25.95 39.69 -32.39
N LEU D 199 25.59 38.41 -32.48
CA LEU D 199 24.47 37.95 -33.35
C LEU D 199 23.18 38.73 -33.06
N THR D 200 22.84 38.95 -31.78
CA THR D 200 21.60 39.68 -31.40
C THR D 200 21.61 41.08 -32.05
N ASP D 201 22.75 41.76 -32.07
CA ASP D 201 22.89 43.12 -32.69
C ASP D 201 22.74 42.98 -34.22
N VAL D 202 23.35 41.97 -34.83
CA VAL D 202 23.28 41.71 -36.30
C VAL D 202 21.81 41.44 -36.69
N LEU D 203 21.07 40.69 -35.88
CA LEU D 203 19.69 40.30 -36.22
C LEU D 203 18.81 41.54 -36.17
N GLY D 204 18.91 42.34 -35.09
CA GLY D 204 18.14 43.57 -34.96
C GLY D 204 18.37 44.48 -36.15
N LYS D 205 19.64 44.72 -36.49
CA LYS D 205 20.09 45.74 -37.48
C LYS D 205 19.71 45.31 -38.89
N GLU D 206 19.59 44.02 -39.14
CA GLU D 206 19.16 43.50 -40.47
C GLU D 206 17.63 43.64 -40.59
N ALA D 207 16.89 43.42 -39.49
CA ALA D 207 15.44 43.69 -39.44
C ALA D 207 15.19 45.18 -39.75
N ALA D 208 16.02 46.06 -39.22
CA ALA D 208 15.91 47.53 -39.38
C ALA D 208 16.21 47.90 -40.84
N LYS D 209 17.30 47.38 -41.40
CA LYS D 209 17.64 47.57 -42.83
C LYS D 209 16.43 47.16 -43.68
N TYR D 210 15.85 46.01 -43.40
CA TYR D 210 14.76 45.41 -44.21
C TYR D 210 13.51 46.29 -44.13
N ILE D 211 13.20 46.81 -42.94
CA ILE D 211 12.10 47.80 -42.76
C ILE D 211 12.37 49.02 -43.65
N GLU D 212 13.58 49.57 -43.63
CA GLU D 212 13.90 50.80 -44.42
C GLU D 212 13.85 50.47 -45.92
N GLN D 213 14.38 49.31 -46.32
CA GLN D 213 14.43 48.87 -47.75
C GLN D 213 12.99 48.66 -48.28
N ASN D 214 12.02 48.38 -47.40
CA ASN D 214 10.63 48.05 -47.78
C ASN D 214 9.64 49.04 -47.14
N LYS D 215 10.05 50.31 -46.93
CA LYS D 215 9.28 51.33 -46.17
C LYS D 215 7.95 51.69 -46.86
N ASP D 216 7.77 51.37 -48.15
CA ASP D 216 6.66 51.88 -49.01
C ASP D 216 5.54 50.83 -49.14
N GLU D 217 5.92 49.56 -49.30
CA GLU D 217 4.98 48.42 -49.45
C GLU D 217 4.73 47.84 -48.06
N PRO D 218 3.61 47.12 -47.83
CA PRO D 218 3.39 46.43 -46.55
C PRO D 218 4.38 45.27 -46.36
N PHE D 219 4.94 45.11 -45.16
CA PHE D 219 5.94 44.04 -44.85
C PHE D 219 5.52 43.25 -43.60
N PHE D 220 5.98 42.00 -43.54
CA PHE D 220 5.86 41.07 -42.37
C PHE D 220 7.26 40.58 -41.99
N ILE D 221 7.70 40.89 -40.77
CA ILE D 221 9.01 40.41 -40.25
C ILE D 221 8.77 39.52 -39.04
N TYR D 222 9.14 38.24 -39.15
CA TYR D 222 9.35 37.29 -38.03
C TYR D 222 10.80 37.48 -37.56
N LEU D 223 10.98 38.18 -36.45
CA LEU D 223 12.31 38.37 -35.83
C LEU D 223 12.46 37.37 -34.69
N ALA D 224 13.05 36.21 -34.99
CA ALA D 224 13.26 35.10 -34.03
C ALA D 224 14.70 35.16 -33.51
N PHE D 225 14.93 36.02 -32.51
CA PHE D 225 16.20 36.10 -31.74
C PHE D 225 16.48 34.72 -31.13
N ASN D 226 17.73 34.24 -31.27
CA ASN D 226 18.24 33.04 -30.55
C ASN D 226 18.40 33.43 -29.06
N ALA D 227 18.52 34.73 -28.75
CA ALA D 227 18.49 35.26 -27.38
C ALA D 227 17.17 34.87 -26.73
N VAL D 228 17.19 34.32 -25.51
CA VAL D 228 18.34 34.21 -24.63
C VAL D 228 18.64 32.72 -24.45
N HIS D 229 18.51 31.93 -25.51
CA HIS D 229 18.87 30.50 -25.52
C HIS D 229 20.37 30.39 -25.22
N THR D 230 20.81 29.31 -24.57
CA THR D 230 22.24 28.95 -24.50
C THR D 230 22.75 28.92 -25.94
N PRO D 231 24.08 29.01 -26.17
CA PRO D 231 25.05 29.19 -25.09
C PRO D 231 25.04 30.60 -24.48
N LEU D 232 25.44 30.71 -23.21
CA LEU D 232 25.55 31.98 -22.46
C LEU D 232 26.76 32.81 -22.96
N GLU D 233 26.50 33.75 -23.87
CA GLU D 233 27.51 34.57 -24.58
C GLU D 233 26.97 36.00 -24.68
N SER D 234 27.74 37.00 -24.26
CA SER D 234 27.29 38.42 -24.24
C SER D 234 28.36 39.36 -24.78
N ASP D 235 27.94 40.56 -25.23
CA ASP D 235 28.81 41.74 -25.40
C ASP D 235 29.49 41.99 -24.05
N PRO D 236 30.84 42.08 -24.00
CA PRO D 236 31.54 42.56 -22.81
C PRO D 236 30.98 43.91 -22.30
N LYS D 237 30.54 44.77 -23.22
CA LYS D 237 29.87 46.07 -22.92
C LYS D 237 28.66 45.84 -22.01
N ASP D 238 27.89 44.76 -22.21
CA ASP D 238 26.63 44.48 -21.47
C ASP D 238 26.97 43.95 -20.07
N LEU D 239 28.03 43.17 -19.94
CA LEU D 239 28.45 42.48 -18.67
C LEU D 239 28.87 43.52 -17.63
N ALA D 240 29.56 44.58 -18.06
CA ALA D 240 30.07 45.68 -17.21
C ALA D 240 28.90 46.45 -16.58
N LYS D 241 27.69 46.34 -17.15
CA LYS D 241 26.47 47.07 -16.69
C LYS D 241 25.82 46.32 -15.53
N PHE D 242 26.25 45.09 -15.23
CA PHE D 242 25.69 44.23 -14.15
C PHE D 242 26.82 43.72 -13.26
N PRO D 243 27.58 44.61 -12.58
CA PRO D 243 28.69 44.17 -11.75
C PRO D 243 28.19 43.37 -10.53
N ASN D 244 27.03 43.77 -9.99
CA ASN D 244 26.41 43.16 -8.77
C ASN D 244 25.91 41.74 -9.04
N LEU D 245 25.58 41.40 -10.29
CA LEU D 245 25.10 40.04 -10.65
C LEU D 245 26.31 39.12 -10.84
N THR D 246 26.08 37.81 -10.85
CA THR D 246 27.14 36.77 -10.74
C THR D 246 26.75 35.55 -11.61
N GLY D 247 27.74 34.90 -12.22
CA GLY D 247 27.58 33.67 -13.01
C GLY D 247 26.55 33.80 -14.11
N LYS D 248 25.74 32.75 -14.29
CA LYS D 248 24.72 32.58 -15.36
C LYS D 248 23.71 33.73 -15.34
N ARG D 249 23.40 34.29 -14.17
CA ARG D 249 22.45 35.43 -14.00
C ARG D 249 23.05 36.71 -14.59
N LYS D 250 24.33 36.99 -14.33
CA LYS D 250 25.08 38.12 -14.96
C LYS D 250 25.00 38.01 -16.49
N GLU D 251 25.10 36.81 -17.04
CA GLU D 251 25.14 36.56 -18.52
C GLU D 251 23.74 36.67 -19.10
N LEU D 252 22.72 36.19 -18.38
CA LEU D 252 21.29 36.36 -18.78
C LEU D 252 20.96 37.86 -18.90
N ALA D 253 21.35 38.65 -17.90
CA ALA D 253 21.04 40.10 -17.81
C ALA D 253 21.66 40.83 -19.02
N ALA D 254 22.94 40.53 -19.30
CA ALA D 254 23.71 41.08 -20.43
C ALA D 254 23.03 40.74 -21.76
N MET D 255 22.68 39.47 -21.96
CA MET D 255 21.99 38.95 -23.18
C MET D 255 20.62 39.61 -23.32
N THR D 256 19.90 39.74 -22.20
CA THR D 256 18.55 40.36 -22.13
C THR D 256 18.65 41.83 -22.56
N LEU D 257 19.54 42.60 -21.92
CA LEU D 257 19.84 44.01 -22.31
C LEU D 257 20.11 44.04 -23.82
N GLY D 258 20.91 43.09 -24.30
CA GLY D 258 21.21 42.89 -25.75
C GLY D 258 19.94 42.73 -26.57
N LEU D 259 19.06 41.80 -26.17
CA LEU D 259 17.75 41.57 -26.84
C LEU D 259 16.96 42.89 -26.85
N ASP D 260 16.99 43.63 -25.74
CA ASP D 260 16.25 44.91 -25.59
C ASP D 260 16.81 45.98 -26.53
N ARG D 261 18.13 46.05 -26.69
CA ARG D 261 18.77 47.03 -27.60
C ARG D 261 18.39 46.68 -29.05
N ALA D 262 18.55 45.41 -29.44
CA ALA D 262 18.33 44.90 -30.82
C ALA D 262 16.86 45.07 -31.21
N SER D 263 15.95 44.82 -30.26
CA SER D 263 14.51 45.12 -30.38
C SER D 263 14.32 46.61 -30.64
N GLY D 264 15.01 47.45 -29.84
CA GLY D 264 15.03 48.92 -29.97
C GLY D 264 15.32 49.37 -31.39
N TYR D 265 16.37 48.84 -32.04
CA TYR D 265 16.72 49.18 -33.44
C TYR D 265 15.45 49.12 -34.31
N VAL D 266 14.68 48.05 -34.18
CA VAL D 266 13.45 47.83 -35.00
C VAL D 266 12.43 48.91 -34.64
N LEU D 267 12.14 49.09 -33.35
CA LEU D 267 11.04 49.98 -32.89
C LEU D 267 11.36 51.43 -33.25
N ASP D 268 12.62 51.83 -33.11
CA ASP D 268 13.13 53.19 -33.41
C ASP D 268 13.00 53.48 -34.91
N LYS D 269 13.40 52.52 -35.75
CA LYS D 269 13.31 52.60 -37.23
C LYS D 269 11.88 52.88 -37.67
N LEU D 270 10.90 52.17 -37.10
CA LEU D 270 9.45 52.36 -37.39
C LEU D 270 9.05 53.81 -37.04
N LYS D 271 9.47 54.30 -35.87
CA LYS D 271 9.25 55.70 -35.38
C LYS D 271 9.92 56.64 -36.40
N GLU D 272 11.24 56.48 -36.59
CA GLU D 272 12.10 57.25 -37.52
C GLU D 272 11.43 57.45 -38.89
N LEU D 273 10.74 56.45 -39.42
CA LEU D 273 10.18 56.45 -40.81
C LEU D 273 8.66 56.74 -40.78
N GLY D 274 8.10 57.04 -39.61
CA GLY D 274 6.65 57.32 -39.44
C GLY D 274 5.78 56.12 -39.82
N LEU D 275 6.24 54.89 -39.53
CA LEU D 275 5.52 53.62 -39.82
C LEU D 275 4.80 53.12 -38.56
N ASP D 276 5.18 53.61 -37.37
CA ASP D 276 4.63 53.17 -36.06
C ASP D 276 3.10 53.36 -35.99
N ASP D 277 2.55 54.37 -36.68
CA ASP D 277 1.09 54.64 -36.76
C ASP D 277 0.36 53.41 -37.33
N ASN D 278 0.89 52.82 -38.39
CA ASN D 278 0.22 51.74 -39.18
C ASN D 278 1.13 50.50 -39.19
N THR D 279 1.56 50.06 -38.02
CA THR D 279 2.41 48.85 -37.83
C THR D 279 1.96 48.11 -36.57
N ILE D 280 1.60 46.82 -36.72
CA ILE D 280 1.37 45.89 -35.57
C ILE D 280 2.73 45.35 -35.13
N VAL D 281 3.06 45.50 -33.84
CA VAL D 281 4.27 44.91 -33.21
C VAL D 281 3.84 43.93 -32.12
N VAL D 282 4.30 42.68 -32.24
CA VAL D 282 4.07 41.60 -31.23
C VAL D 282 5.43 41.22 -30.66
N PHE D 283 5.55 41.30 -29.34
CA PHE D 283 6.67 40.68 -28.59
C PHE D 283 6.11 39.45 -27.90
N SER D 284 6.82 38.32 -28.03
CA SER D 284 6.54 37.09 -27.23
C SER D 284 7.80 36.22 -27.15
N ASN D 285 7.60 34.95 -26.81
CA ASN D 285 8.64 34.01 -26.31
C ASN D 285 8.16 32.62 -26.68
N ASP D 286 9.04 31.74 -27.13
CA ASP D 286 8.66 30.44 -27.76
C ASP D 286 8.28 29.44 -26.67
N ASN D 287 8.85 29.55 -25.46
CA ASN D 287 8.53 28.71 -24.28
C ASN D 287 9.01 29.38 -23.00
N GLY D 288 8.62 28.85 -21.85
CA GLY D 288 9.07 29.29 -20.51
C GLY D 288 10.56 29.08 -20.38
N GLY D 289 11.18 29.72 -19.39
CA GLY D 289 12.65 29.79 -19.25
C GLY D 289 13.23 28.51 -18.67
N PRO D 290 14.32 27.95 -19.27
CA PRO D 290 15.00 26.80 -18.70
C PRO D 290 15.96 27.32 -17.63
N SER D 291 15.43 27.56 -16.42
CA SER D 291 16.07 28.27 -15.28
C SER D 291 17.43 27.66 -14.88
N ASP D 292 17.67 26.36 -15.09
CA ASP D 292 18.93 25.69 -14.67
C ASP D 292 20.03 25.86 -15.73
N LYS D 293 19.68 26.11 -17.00
CA LYS D 293 20.65 26.31 -18.11
C LYS D 293 20.99 27.79 -18.32
N ASN D 294 20.05 28.74 -18.23
CA ASN D 294 20.29 30.16 -18.56
C ASN D 294 19.90 31.09 -17.41
N ALA D 295 19.71 30.57 -16.20
CA ALA D 295 19.33 31.33 -14.98
C ALA D 295 18.09 32.21 -15.19
N SER D 296 17.22 31.90 -16.14
CA SER D 296 15.91 32.59 -16.31
C SER D 296 15.03 32.28 -15.10
N ASN D 297 14.03 33.12 -14.90
CA ASN D 297 13.25 33.19 -13.65
C ASN D 297 11.81 33.43 -14.07
N ASN D 298 10.92 32.48 -13.78
CA ASN D 298 9.55 32.48 -14.35
C ASN D 298 8.58 33.06 -13.32
N ALA D 299 9.09 33.78 -12.32
CA ALA D 299 8.29 34.40 -11.22
C ALA D 299 7.05 35.09 -11.79
N PRO D 300 5.86 34.96 -11.17
CA PRO D 300 5.64 34.15 -9.96
C PRO D 300 5.20 32.70 -10.22
N LEU D 301 5.61 32.13 -11.36
CA LEU D 301 5.11 30.82 -11.82
C LEU D 301 6.09 29.72 -11.37
N ALA D 302 5.55 28.53 -11.16
CA ALA D 302 6.30 27.28 -10.95
C ALA D 302 6.77 26.79 -12.32
N GLY D 303 7.88 26.06 -12.37
CA GLY D 303 8.27 25.23 -13.52
C GLY D 303 9.08 26.00 -14.52
N THR D 304 9.39 25.38 -15.66
CA THR D 304 10.40 25.85 -16.63
C THR D 304 10.08 25.30 -18.01
N LYS D 305 10.89 25.65 -19.00
CA LYS D 305 10.99 24.91 -20.30
C LYS D 305 10.80 23.41 -20.06
N SER D 306 9.99 22.78 -20.93
CA SER D 306 9.86 21.32 -21.17
C SER D 306 9.01 20.68 -20.07
N ASN D 307 8.40 21.46 -19.19
CA ASN D 307 7.24 20.99 -18.38
C ASN D 307 6.05 21.90 -18.66
N GLN D 308 4.86 21.48 -18.22
CA GLN D 308 3.57 22.06 -18.67
C GLN D 308 2.87 22.71 -17.49
N LEU D 309 3.59 22.89 -16.37
CA LEU D 309 3.28 23.92 -15.34
C LEU D 309 3.30 25.29 -16.03
N GLU D 310 2.71 26.30 -15.41
CA GLU D 310 2.48 27.62 -16.04
C GLU D 310 3.82 28.17 -16.50
N GLY D 311 4.88 27.96 -15.71
CA GLY D 311 6.26 28.37 -15.99
C GLY D 311 6.79 27.86 -17.32
N GLY D 312 6.25 26.77 -17.86
CA GLY D 312 6.70 26.21 -19.14
C GLY D 312 5.96 26.81 -20.33
N ILE D 313 4.66 27.05 -20.18
CA ILE D 313 3.72 27.31 -21.31
C ILE D 313 3.28 28.77 -21.32
N ARG D 314 3.42 29.50 -20.21
CA ARG D 314 2.93 30.89 -20.09
C ARG D 314 4.11 31.83 -20.33
N VAL D 315 3.92 32.79 -21.21
CA VAL D 315 5.02 33.60 -21.79
C VAL D 315 4.64 35.07 -21.78
N PRO D 316 5.65 35.97 -21.74
CA PRO D 316 5.41 37.39 -21.93
C PRO D 316 4.81 37.52 -23.34
N PHE D 317 3.84 38.44 -23.46
CA PHE D 317 2.97 38.54 -24.65
C PHE D 317 2.50 39.99 -24.74
N LEU D 318 3.02 40.73 -25.72
CA LEU D 318 2.60 42.12 -26.00
C LEU D 318 2.05 42.17 -27.42
N ILE D 319 1.04 43.01 -27.63
CA ILE D 319 0.60 43.48 -28.97
C ILE D 319 0.48 45.00 -28.89
N SER D 320 1.17 45.70 -29.78
CA SER D 320 1.10 47.17 -29.94
C SER D 320 0.57 47.49 -31.34
N TRP D 321 -0.47 48.33 -31.42
CA TRP D 321 -0.97 48.89 -32.70
C TRP D 321 -1.48 50.31 -32.46
N PRO D 322 -0.59 51.33 -32.44
CA PRO D 322 -1.00 52.72 -32.17
C PRO D 322 -2.21 53.19 -32.99
N LYS D 323 -3.17 53.86 -32.32
CA LYS D 323 -4.42 54.43 -32.91
C LYS D 323 -5.51 53.35 -33.01
N HIS D 324 -5.18 52.09 -32.72
CA HIS D 324 -6.06 50.90 -32.84
C HIS D 324 -6.24 50.16 -31.50
N ILE D 325 -5.16 49.99 -30.72
CA ILE D 325 -5.19 49.38 -29.37
C ILE D 325 -4.81 50.46 -28.35
N LYS D 326 -5.62 50.64 -27.31
CA LYS D 326 -5.44 51.68 -26.26
C LYS D 326 -4.09 51.42 -25.60
N PRO D 327 -3.18 52.41 -25.50
CA PRO D 327 -1.94 52.22 -24.76
C PRO D 327 -2.15 51.90 -23.27
N GLY D 328 -1.21 51.11 -22.70
CA GLY D 328 -1.12 50.79 -21.27
C GLY D 328 -2.23 49.87 -20.76
N SER D 329 -2.80 49.02 -21.63
CA SER D 329 -3.94 48.13 -21.27
C SER D 329 -3.46 46.69 -21.05
N THR D 330 -4.13 45.98 -20.14
CA THR D 330 -3.90 44.54 -19.86
C THR D 330 -5.12 43.78 -20.41
N TYR D 331 -4.93 42.55 -20.89
CA TYR D 331 -6.00 41.59 -21.26
C TYR D 331 -5.76 40.28 -20.48
N ASP D 332 -6.74 39.88 -19.66
CA ASP D 332 -6.55 38.90 -18.56
C ASP D 332 -6.99 37.50 -18.98
N TYR D 333 -7.76 37.37 -20.07
CA TYR D 333 -8.27 36.04 -20.49
C TYR D 333 -7.16 35.31 -21.23
N PRO D 334 -7.06 33.95 -21.07
CA PRO D 334 -6.07 33.16 -21.78
C PRO D 334 -6.09 33.42 -23.28
N VAL D 335 -4.89 33.53 -23.86
CA VAL D 335 -4.66 33.65 -25.34
C VAL D 335 -3.47 32.74 -25.65
N SER D 336 -3.27 32.43 -26.93
CA SER D 336 -2.26 31.47 -27.43
C SER D 336 -1.43 32.13 -28.54
N THR D 337 -0.19 31.70 -28.71
CA THR D 337 0.60 32.04 -29.92
C THR D 337 -0.17 31.59 -31.16
N LEU D 338 -0.96 30.52 -31.04
CA LEU D 338 -1.79 29.95 -32.14
C LEU D 338 -2.71 31.02 -32.73
N ASP D 339 -3.10 32.02 -31.95
CA ASP D 339 -4.04 33.11 -32.36
C ASP D 339 -3.37 34.06 -33.35
N LEU D 340 -2.04 34.07 -33.43
CA LEU D 340 -1.30 35.14 -34.14
C LEU D 340 -1.50 35.01 -35.64
N LEU D 341 -1.57 33.79 -36.20
CA LEU D 341 -1.78 33.65 -37.68
C LEU D 341 -3.12 34.28 -38.06
N PRO D 342 -4.26 33.89 -37.45
CA PRO D 342 -5.54 34.48 -37.84
C PRO D 342 -5.63 35.97 -37.49
N THR D 343 -5.06 36.41 -36.37
CA THR D 343 -5.05 37.85 -35.95
C THR D 343 -4.33 38.68 -37.02
N PHE D 344 -3.12 38.26 -37.40
CA PHE D 344 -2.28 38.91 -38.44
C PHE D 344 -3.03 38.94 -39.77
N TYR D 345 -3.53 37.79 -40.18
CA TYR D 345 -4.22 37.57 -41.49
C TYR D 345 -5.46 38.48 -41.59
N SER D 346 -6.28 38.52 -40.54
CA SER D 346 -7.48 39.39 -40.45
C SER D 346 -7.08 40.87 -40.57
N ALA D 347 -5.97 41.27 -39.93
CA ALA D 347 -5.48 42.68 -39.91
C ALA D 347 -4.92 43.04 -41.29
N ALA D 348 -4.34 42.07 -41.99
CA ALA D 348 -3.90 42.19 -43.39
C ALA D 348 -5.10 41.99 -44.34
N LYS D 349 -6.33 42.17 -43.85
CA LYS D 349 -7.58 42.16 -44.67
C LYS D 349 -7.66 40.83 -45.45
N GLY D 350 -7.34 39.70 -44.82
CA GLY D 350 -7.36 38.34 -45.43
C GLY D 350 -8.77 37.76 -45.41
N LYS D 351 -9.17 37.09 -46.50
CA LYS D 351 -10.56 36.62 -46.78
C LYS D 351 -10.65 35.08 -46.79
N ALA D 352 -9.59 34.38 -47.19
CA ALA D 352 -9.59 32.91 -47.50
C ALA D 352 -8.82 32.12 -46.43
N LEU D 353 -9.25 32.19 -45.17
CA LEU D 353 -8.63 31.50 -44.00
C LEU D 353 -8.99 30.00 -44.03
N GLY D 354 -7.98 29.12 -44.02
CA GLY D 354 -8.18 27.66 -43.84
C GLY D 354 -9.12 27.34 -42.69
N SER D 355 -9.88 26.24 -42.79
CA SER D 355 -10.90 25.78 -41.80
C SER D 355 -10.24 24.97 -40.66
N ASP D 356 -9.00 24.54 -40.89
CA ASP D 356 -8.19 23.67 -40.00
C ASP D 356 -7.49 24.51 -38.92
N ILE D 357 -7.84 25.80 -38.74
CA ILE D 357 -7.09 26.78 -37.89
C ILE D 357 -7.69 26.80 -36.49
N ASP D 358 -6.88 26.62 -35.45
CA ASP D 358 -7.31 26.50 -34.03
C ASP D 358 -7.26 27.86 -33.34
N GLY D 359 -6.41 28.78 -33.82
CA GLY D 359 -6.35 30.16 -33.29
C GLY D 359 -7.57 31.00 -33.67
N VAL D 360 -7.87 32.03 -32.88
CA VAL D 360 -8.93 33.03 -33.17
C VAL D 360 -8.28 34.42 -33.39
N ASP D 361 -8.97 35.29 -34.13
CA ASP D 361 -8.57 36.71 -34.33
C ASP D 361 -8.78 37.43 -33.00
N LEU D 362 -7.72 37.99 -32.43
CA LEU D 362 -7.70 38.52 -31.04
C LEU D 362 -8.23 39.96 -31.02
N LEU D 363 -8.24 40.63 -32.16
CA LEU D 363 -8.57 42.07 -32.31
C LEU D 363 -9.96 42.37 -31.73
N PRO D 364 -11.05 41.68 -32.14
CA PRO D 364 -12.35 41.92 -31.52
C PRO D 364 -12.37 41.76 -30.00
N TYR D 365 -11.52 40.89 -29.43
CA TYR D 365 -11.48 40.59 -27.97
C TYR D 365 -10.71 41.70 -27.24
N ILE D 366 -9.58 42.13 -27.80
CA ILE D 366 -8.70 43.22 -27.26
C ILE D 366 -9.51 44.52 -27.16
N GLN D 367 -10.30 44.81 -28.21
CA GLN D 367 -10.98 46.10 -28.44
C GLN D 367 -12.30 46.15 -27.67
N GLY D 368 -12.81 45.01 -27.20
CA GLY D 368 -14.06 44.91 -26.41
C GLY D 368 -15.28 44.55 -27.24
N GLU D 369 -15.16 44.37 -28.55
CA GLU D 369 -16.29 44.01 -29.46
C GLU D 369 -16.84 42.62 -29.13
N ASN D 370 -15.97 41.72 -28.63
CA ASN D 370 -16.34 40.39 -28.06
C ASN D 370 -15.82 40.34 -26.64
N THR D 371 -16.70 40.15 -25.64
CA THR D 371 -16.35 40.12 -24.20
C THR D 371 -16.27 38.68 -23.71
N ALA D 372 -16.51 37.71 -24.59
CA ALA D 372 -16.36 36.26 -24.30
C ALA D 372 -14.87 35.93 -24.23
N ARG D 373 -14.53 34.85 -23.52
CA ARG D 373 -13.18 34.23 -23.56
C ARG D 373 -12.91 33.82 -25.00
N PRO D 374 -11.71 34.11 -25.55
CA PRO D 374 -11.37 33.67 -26.90
C PRO D 374 -11.04 32.18 -26.98
N HIS D 375 -10.82 31.56 -25.81
CA HIS D 375 -10.53 30.11 -25.59
C HIS D 375 -11.10 29.68 -24.23
N LYS D 376 -12.17 28.87 -24.25
CA LYS D 376 -12.74 28.21 -23.05
C LYS D 376 -11.81 27.05 -22.65
N VAL D 377 -11.54 26.18 -23.63
CA VAL D 377 -10.79 24.92 -23.47
C VAL D 377 -9.47 25.05 -24.25
N MET D 378 -8.33 24.87 -23.58
CA MET D 378 -6.99 24.84 -24.24
C MET D 378 -6.29 23.53 -23.82
N TYR D 379 -5.38 23.03 -24.66
CA TYR D 379 -4.72 21.72 -24.49
C TYR D 379 -3.21 21.83 -24.72
N TRP D 380 -2.46 20.97 -24.06
CA TRP D 380 -1.02 20.73 -24.35
C TRP D 380 -0.77 19.24 -24.26
N LYS D 381 0.21 18.75 -25.01
CA LYS D 381 0.52 17.30 -25.03
C LYS D 381 1.94 17.11 -25.58
N LYS D 382 2.75 16.39 -24.83
CA LYS D 382 4.01 15.77 -25.30
C LYS D 382 4.00 14.36 -24.75
N GLU D 383 3.61 13.39 -25.57
CA GLU D 383 3.55 11.96 -25.16
C GLU D 383 2.59 11.87 -23.97
N ASN D 384 3.06 11.38 -22.82
CA ASN D 384 2.18 11.06 -21.66
C ASN D 384 1.89 12.34 -20.87
N ARG D 385 2.77 13.34 -20.95
CA ARG D 385 2.54 14.68 -20.31
C ARG D 385 1.56 15.49 -21.17
N ALA D 386 0.44 15.86 -20.59
CA ALA D 386 -0.67 16.54 -21.29
C ALA D 386 -1.42 17.45 -20.30
N VAL D 387 -2.06 18.49 -20.81
CA VAL D 387 -2.82 19.48 -20.00
C VAL D 387 -4.13 19.79 -20.71
N ILE D 388 -5.19 19.89 -19.93
CA ILE D 388 -6.45 20.53 -20.38
C ILE D 388 -6.78 21.63 -19.37
N ARG D 389 -6.99 22.83 -19.91
CA ARG D 389 -7.54 23.99 -19.18
C ARG D 389 -8.96 24.22 -19.69
N ASP D 390 -9.91 24.31 -18.76
CA ASP D 390 -11.35 24.58 -19.01
C ASP D 390 -11.69 25.77 -18.13
N ASN D 391 -11.75 26.96 -18.71
CA ASN D 391 -11.88 28.24 -17.97
C ASN D 391 -10.58 28.45 -17.15
N ASP D 392 -10.63 28.29 -15.83
CA ASP D 392 -9.46 28.49 -14.93
C ASP D 392 -9.11 27.20 -14.20
N TRP D 393 -9.73 26.08 -14.56
CA TRP D 393 -9.34 24.72 -14.11
C TRP D 393 -8.21 24.22 -15.01
N LYS D 394 -7.12 23.76 -14.42
CA LYS D 394 -5.97 23.15 -15.14
C LYS D 394 -5.80 21.70 -14.64
N LEU D 395 -6.03 20.76 -15.53
CA LEU D 395 -5.74 19.33 -15.27
C LEU D 395 -4.41 19.03 -15.93
N ILE D 396 -3.46 18.53 -15.15
CA ILE D 396 -2.11 18.13 -15.63
C ILE D 396 -2.00 16.62 -15.44
N ARG D 397 -1.69 15.93 -16.52
CA ARG D 397 -1.41 14.48 -16.57
C ARG D 397 0.11 14.32 -16.70
N TYR D 398 0.69 13.44 -15.88
CA TYR D 398 2.12 13.05 -15.91
C TYR D 398 2.23 11.54 -16.10
N PRO D 399 3.41 11.02 -16.53
CA PRO D 399 3.62 9.58 -16.62
C PRO D 399 3.98 8.94 -15.27
N ASP D 400 4.41 9.73 -14.28
CA ASP D 400 5.06 9.23 -13.04
C ASP D 400 4.31 9.69 -11.77
N ARG D 401 3.06 10.14 -11.86
CA ARG D 401 2.31 10.57 -10.66
C ARG D 401 0.85 10.82 -11.00
N PRO D 402 -0.07 10.77 -10.02
CA PRO D 402 -1.49 10.99 -10.29
C PRO D 402 -1.69 12.38 -10.92
N ALA D 403 -2.68 12.51 -11.80
CA ALA D 403 -3.03 13.78 -12.46
C ALA D 403 -3.36 14.83 -11.39
N GLU D 404 -2.94 16.08 -11.60
CA GLU D 404 -3.16 17.19 -10.65
C GLU D 404 -4.22 18.13 -11.26
N LEU D 405 -5.04 18.73 -10.39
CA LEU D 405 -6.05 19.75 -10.77
C LEU D 405 -5.74 21.05 -10.05
N TYR D 406 -5.72 22.17 -10.77
CA TYR D 406 -5.47 23.52 -10.21
C TYR D 406 -6.58 24.49 -10.65
N ASP D 407 -6.94 25.39 -9.73
CA ASP D 407 -7.77 26.58 -9.97
C ASP D 407 -6.84 27.78 -10.17
N LEU D 408 -6.61 28.19 -11.43
CA LEU D 408 -5.63 29.25 -11.77
C LEU D 408 -6.20 30.63 -11.40
N SER D 409 -7.51 30.73 -11.13
CA SER D 409 -8.16 32.01 -10.72
C SER D 409 -7.68 32.41 -9.32
N SER D 410 -7.18 31.47 -8.51
CA SER D 410 -6.82 31.69 -7.09
C SER D 410 -5.48 31.03 -6.70
N ASP D 411 -4.80 30.36 -7.64
CA ASP D 411 -3.55 29.63 -7.37
C ASP D 411 -2.74 29.63 -8.67
N ILE D 412 -2.14 30.78 -8.99
CA ILE D 412 -1.41 31.03 -10.27
C ILE D 412 -0.15 30.15 -10.29
N SER D 413 0.25 29.63 -9.12
CA SER D 413 1.56 28.98 -8.86
C SER D 413 1.44 27.45 -8.76
N GLU D 414 0.22 26.90 -8.80
CA GLU D 414 -0.02 25.42 -8.88
C GLU D 414 0.62 24.68 -7.70
N GLN D 415 0.36 25.13 -6.48
CA GLN D 415 0.87 24.52 -5.23
C GLN D 415 -0.25 23.75 -4.52
N THR D 416 -1.51 23.96 -4.90
CA THR D 416 -2.67 23.33 -4.22
C THR D 416 -3.43 22.43 -5.20
N ASP D 417 -3.08 21.13 -5.18
CA ASP D 417 -3.71 20.05 -5.99
C ASP D 417 -5.13 19.83 -5.46
N LEU D 418 -6.14 20.03 -6.31
CA LEU D 418 -7.57 19.94 -5.93
C LEU D 418 -8.21 18.68 -6.51
N ALA D 419 -7.43 17.79 -7.11
CA ALA D 419 -7.86 16.54 -7.79
C ALA D 419 -8.72 15.68 -6.87
N ALA D 420 -8.18 15.26 -5.73
CA ALA D 420 -8.85 14.37 -4.73
C ALA D 420 -10.21 14.94 -4.32
N LYS D 421 -10.32 16.25 -4.14
CA LYS D 421 -11.52 16.94 -3.61
C LYS D 421 -12.46 17.30 -4.77
N ASN D 422 -12.08 17.02 -6.01
CA ASN D 422 -12.89 17.30 -7.22
C ASN D 422 -12.82 16.10 -8.17
N PRO D 423 -13.36 14.92 -7.79
CA PRO D 423 -13.14 13.70 -8.57
C PRO D 423 -13.89 13.74 -9.90
N GLU D 424 -15.10 14.31 -9.91
CA GLU D 424 -16.03 14.33 -11.08
C GLU D 424 -15.48 15.30 -12.13
N ARG D 425 -14.91 16.42 -11.71
CA ARG D 425 -14.34 17.44 -12.63
C ARG D 425 -13.08 16.83 -13.28
N VAL D 426 -12.28 16.12 -12.51
CA VAL D 426 -11.07 15.41 -13.02
C VAL D 426 -11.51 14.39 -14.08
N LYS D 427 -12.50 13.56 -13.79
CA LYS D 427 -12.99 12.54 -14.77
C LYS D 427 -13.48 13.22 -16.07
N THR D 428 -14.32 14.25 -15.97
CA THR D 428 -14.88 14.93 -17.19
C THR D 428 -13.72 15.51 -17.99
N MET D 429 -12.86 16.34 -17.36
CA MET D 429 -11.70 16.97 -18.01
C MET D 429 -10.77 15.91 -18.62
N PHE D 430 -10.55 14.78 -17.92
CA PHE D 430 -9.80 13.61 -18.44
C PHE D 430 -10.44 13.10 -19.73
N LYS D 431 -11.78 13.05 -19.80
CA LYS D 431 -12.50 12.58 -21.02
C LYS D 431 -12.35 13.60 -22.14
N SER D 432 -12.55 14.89 -21.87
CA SER D 432 -12.41 15.97 -22.89
C SER D 432 -10.97 15.97 -23.44
N LEU D 433 -9.97 15.82 -22.57
CA LEU D 433 -8.54 15.78 -22.98
C LEU D 433 -8.31 14.57 -23.89
N PHE D 434 -8.88 13.42 -23.56
CA PHE D 434 -8.73 12.21 -24.40
C PHE D 434 -9.42 12.46 -25.74
N GLU D 435 -10.61 13.06 -25.70
CA GLU D 435 -11.40 13.35 -26.91
C GLU D 435 -10.52 14.15 -27.87
N TRP D 436 -9.78 15.13 -27.35
CA TRP D 436 -8.88 16.01 -28.15
C TRP D 436 -7.65 15.25 -28.66
N GLU D 437 -7.04 14.37 -27.85
CA GLU D 437 -5.92 13.48 -28.28
C GLU D 437 -6.33 12.64 -29.51
N LEU D 438 -7.59 12.19 -29.57
CA LEU D 438 -8.06 11.31 -30.67
C LEU D 438 -8.06 12.07 -32.01
N THR D 439 -8.06 13.40 -31.99
CA THR D 439 -8.07 14.23 -33.23
C THR D 439 -6.65 14.50 -33.73
N LEU D 440 -5.61 13.95 -33.07
CA LEU D 440 -4.18 14.26 -33.38
C LEU D 440 -3.62 13.12 -34.22
N GLU D 441 -2.60 13.42 -35.02
CA GLU D 441 -1.77 12.39 -35.68
C GLU D 441 -0.81 11.84 -34.62
N ARG D 442 -0.25 10.66 -34.87
CA ARG D 442 0.91 10.12 -34.10
C ARG D 442 2.13 10.96 -34.47
N PRO D 443 3.10 11.14 -33.55
CA PRO D 443 4.29 11.95 -33.82
C PRO D 443 5.08 11.50 -35.06
N ARG D 444 5.72 12.45 -35.77
CA ARG D 444 6.52 12.15 -37.00
C ARG D 444 7.96 11.82 -36.59
N TRP D 445 8.33 12.07 -35.34
CA TRP D 445 9.67 11.74 -34.78
C TRP D 445 9.60 11.72 -33.24
N LEU D 446 10.52 10.98 -32.62
CA LEU D 446 10.56 10.75 -31.15
C LEU D 446 11.96 11.04 -30.57
N LEU D 447 12.03 11.81 -29.48
CA LEU D 447 13.25 11.98 -28.65
C LEU D 447 13.71 10.64 -28.09
N LYS D 448 14.99 10.51 -27.78
CA LYS D 448 15.54 9.41 -26.96
C LYS D 448 14.81 9.39 -25.62
N ARG D 449 14.67 8.19 -25.05
CA ARG D 449 13.86 7.94 -23.83
C ARG D 449 14.35 8.83 -22.68
N LYS D 450 15.66 8.92 -22.46
CA LYS D 450 16.28 9.52 -21.23
C LYS D 450 15.89 11.01 -21.03
N TYR D 451 15.46 11.75 -22.07
CA TYR D 451 15.10 13.19 -21.95
C TYR D 451 13.79 13.36 -21.18
N GLU D 452 12.94 12.35 -21.14
CA GLU D 452 11.69 12.37 -20.33
C GLU D 452 12.09 12.48 -18.85
N LYS D 453 13.13 11.77 -18.42
CA LYS D 453 13.66 11.79 -17.03
C LYS D 453 14.18 13.20 -16.69
N TYR D 454 14.97 13.79 -17.58
CA TYR D 454 15.59 15.13 -17.38
C TYR D 454 14.48 16.20 -17.27
N ASP D 455 13.47 16.15 -18.13
CA ASP D 455 12.33 17.10 -18.14
C ASP D 455 11.60 17.04 -16.80
N ILE D 456 11.37 15.83 -16.28
CA ILE D 456 10.57 15.66 -15.02
C ILE D 456 11.42 16.01 -13.81
N ASP D 457 12.72 15.68 -13.80
CA ASP D 457 13.63 16.04 -12.67
C ASP D 457 13.71 17.58 -12.58
N ARG D 458 13.79 18.29 -13.70
CA ARG D 458 13.84 19.77 -13.71
C ARG D 458 12.53 20.35 -13.17
N MET D 459 11.39 19.82 -13.62
CA MET D 459 10.04 20.21 -13.13
C MET D 459 10.04 20.20 -11.59
N ASP D 460 10.52 19.10 -11.01
CA ASP D 460 10.56 18.85 -9.54
C ASP D 460 11.54 19.83 -8.89
N LYS D 461 12.67 20.11 -9.53
CA LYS D 461 13.68 21.10 -9.03
C LYS D 461 13.03 22.49 -8.93
N TYR D 462 12.09 22.83 -9.82
CA TYR D 462 11.45 24.18 -9.90
C TYR D 462 9.94 24.08 -9.66
N ARG D 463 9.53 23.25 -8.68
CA ARG D 463 8.12 22.92 -8.37
C ARG D 463 7.49 24.05 -7.56
N LEU D 464 8.32 24.84 -6.87
CA LEU D 464 7.86 25.97 -6.01
C LEU D 464 7.68 27.21 -6.87
N PRO D 465 6.91 28.23 -6.40
CA PRO D 465 6.82 29.50 -7.11
C PRO D 465 8.21 30.14 -7.19
N ALA D 466 8.63 30.56 -8.37
CA ALA D 466 9.81 31.44 -8.56
C ALA D 466 9.45 32.83 -8.00
N THR D 467 10.44 33.55 -7.45
CA THR D 467 10.25 34.92 -6.89
C THR D 467 11.21 35.88 -7.61
N GLN D 468 10.79 37.14 -7.79
CA GLN D 468 11.69 38.24 -8.21
C GLN D 468 12.78 38.40 -7.14
N PRO D 469 14.06 38.52 -7.54
CA PRO D 469 15.14 38.83 -6.61
CA CA E . 0.09 14.43 28.29
CA CA F . -9.37 -29.14 28.90
CA CA G . -4.07 -13.26 -30.44
CA CA H . 13.05 28.20 -27.00
#